data_1TYZ
#
_entry.id   1TYZ
#
_cell.length_a   67.721
_cell.length_b   68.651
_cell.length_c   350.548
_cell.angle_alpha   90.00
_cell.angle_beta   90.00
_cell.angle_gamma   90.00
#
_symmetry.space_group_name_H-M   'P 21 21 21'
#
loop_
_entity.id
_entity.type
_entity.pdbx_description
1 polymer '1-aminocyclopropane-1-carboxylate deaminase'
2 non-polymer 'SULFATE ION'
3 non-polymer "PYRIDOXAL-5'-PHOSPHATE"
4 water water
#
_entity_poly.entity_id   1
_entity_poly.type   'polypeptide(L)'
_entity_poly.pdbx_seq_one_letter_code
;MNLQRFPRYPLTFGPTPIQPLARLSKHLGGKVHLYAKREDCNSGLAFGGNKTRKLEYLIPEALAQGCDTLVSIGGIQSNQ
TRQVAAVAAHLGMKCVLVQENWVNYSDAVYDRVGNIQMSRILGADVRLVPDGFDIGFRRSWEDALESVRAAGGKPYAIPA
GCSDHPLGGLGFVGFAEEVRAQEAELGFKFDYVVVCSVTGSTQAGMVVGFAADGRADRVIGVDASAKPAQTREQITRIAR
QTAEKVGLERDIMRADVVLDERFAGPEYGLPNEGTLEAIRLCARTEGMLTDPVYEGKSMHGMIEMVRNGEFPEGSRVLYA
HLGGVPALNGYSFIFRDG
;
_entity_poly.pdbx_strand_id   A,B,C,D
#
# COMPACT_ATOMS: atom_id res chain seq x y z
N MET A 1 -10.10 -50.33 -5.06
CA MET A 1 -9.97 -49.53 -3.80
C MET A 1 -11.34 -49.07 -3.34
N ASN A 2 -11.43 -48.61 -2.09
CA ASN A 2 -12.70 -48.14 -1.59
C ASN A 2 -12.57 -46.85 -0.80
N LEU A 3 -12.82 -45.74 -1.50
CA LEU A 3 -12.74 -44.41 -0.90
C LEU A 3 -14.02 -44.19 -0.11
N GLN A 4 -15.08 -44.87 -0.54
CA GLN A 4 -16.38 -44.74 0.11
C GLN A 4 -16.43 -45.22 1.56
N ARG A 5 -15.35 -45.83 2.04
CA ARG A 5 -15.31 -46.28 3.42
C ARG A 5 -15.25 -45.02 4.31
N PHE A 6 -14.63 -43.97 3.79
CA PHE A 6 -14.49 -42.73 4.54
C PHE A 6 -15.54 -41.70 4.19
N PRO A 7 -16.17 -41.09 5.22
CA PRO A 7 -17.21 -40.08 5.01
C PRO A 7 -16.58 -38.85 4.36
N ARG A 8 -17.40 -38.11 3.61
CA ARG A 8 -16.98 -36.90 2.94
C ARG A 8 -17.99 -35.80 3.31
N TYR A 9 -17.53 -34.72 3.94
CA TYR A 9 -18.43 -33.63 4.30
C TYR A 9 -18.50 -32.68 3.11
N PRO A 10 -19.72 -32.34 2.66
CA PRO A 10 -19.94 -31.44 1.52
C PRO A 10 -19.53 -30.00 1.74
N LEU A 11 -18.44 -29.57 1.11
CA LEU A 11 -17.98 -28.18 1.23
C LEU A 11 -17.88 -27.58 -0.18
N THR A 12 -18.13 -28.44 -1.18
CA THR A 12 -18.04 -28.04 -2.57
C THR A 12 -19.41 -28.10 -3.24
N PHE A 13 -19.51 -27.46 -4.40
CA PHE A 13 -20.74 -27.45 -5.17
C PHE A 13 -21.04 -28.81 -5.79
N GLY A 14 -19.99 -29.60 -6.01
CA GLY A 14 -20.12 -30.91 -6.62
C GLY A 14 -18.93 -31.15 -7.53
N PRO A 15 -19.01 -32.10 -8.47
CA PRO A 15 -17.86 -32.34 -9.34
C PRO A 15 -17.36 -31.03 -10.01
N THR A 16 -16.06 -30.91 -10.21
CA THR A 16 -15.56 -29.69 -10.82
C THR A 16 -15.49 -29.88 -12.32
N PRO A 17 -15.90 -28.85 -13.08
CA PRO A 17 -15.90 -28.89 -14.55
C PRO A 17 -14.54 -28.90 -15.23
N ILE A 18 -14.49 -29.57 -16.36
CA ILE A 18 -13.30 -29.60 -17.18
C ILE A 18 -13.59 -28.71 -18.37
N GLN A 19 -12.65 -27.84 -18.72
CA GLN A 19 -12.84 -26.94 -19.85
C GLN A 19 -11.69 -27.05 -20.84
N PRO A 20 -11.99 -26.99 -22.13
CA PRO A 20 -10.90 -27.09 -23.09
C PRO A 20 -10.24 -25.70 -23.16
N LEU A 21 -8.92 -25.68 -23.29
CA LEU A 21 -8.19 -24.43 -23.40
C LEU A 21 -7.76 -24.40 -24.85
N ALA A 22 -8.74 -24.23 -25.72
CA ALA A 22 -8.53 -24.23 -27.16
C ALA A 22 -7.63 -23.13 -27.69
N ARG A 23 -7.77 -21.91 -27.18
CA ARG A 23 -6.96 -20.82 -27.68
C ARG A 23 -5.51 -21.00 -27.28
N LEU A 24 -5.28 -21.35 -26.01
CA LEU A 24 -3.91 -21.58 -25.55
C LEU A 24 -3.29 -22.74 -26.34
N SER A 25 -4.08 -23.78 -26.60
CA SER A 25 -3.57 -24.94 -27.34
C SER A 25 -3.13 -24.55 -28.75
N LYS A 26 -4.00 -23.82 -29.44
CA LYS A 26 -3.70 -23.38 -30.79
C LYS A 26 -2.51 -22.44 -30.75
N HIS A 27 -2.48 -21.55 -29.76
CA HIS A 27 -1.38 -20.59 -29.61
C HIS A 27 -0.06 -21.31 -29.54
N LEU A 28 -0.06 -22.51 -28.96
CA LEU A 28 1.18 -23.28 -28.83
C LEU A 28 1.50 -24.25 -29.98
N GLY A 29 0.75 -24.18 -31.08
CA GLY A 29 1.02 -25.07 -32.19
C GLY A 29 -0.10 -26.03 -32.53
N GLY A 30 -1.05 -26.17 -31.63
CA GLY A 30 -2.17 -27.07 -31.88
C GLY A 30 -1.80 -28.53 -31.88
N LYS A 31 -0.60 -28.84 -31.41
CA LYS A 31 -0.16 -30.22 -31.36
C LYS A 31 -0.60 -30.92 -30.08
N VAL A 32 -0.87 -30.14 -29.03
CA VAL A 32 -1.32 -30.73 -27.77
C VAL A 32 -2.62 -30.07 -27.31
N HIS A 33 -3.61 -30.89 -27.01
CA HIS A 33 -4.91 -30.39 -26.58
C HIS A 33 -4.88 -30.19 -25.07
N LEU A 34 -5.00 -28.94 -24.66
CA LEU A 34 -4.97 -28.59 -23.25
C LEU A 34 -6.35 -28.38 -22.70
N TYR A 35 -6.53 -28.81 -21.44
CA TYR A 35 -7.79 -28.70 -20.72
C TYR A 35 -7.50 -28.22 -19.29
N ALA A 36 -8.52 -27.83 -18.56
CA ALA A 36 -8.35 -27.41 -17.16
C ALA A 36 -9.53 -27.93 -16.35
N LYS A 37 -9.26 -28.54 -15.21
CA LYS A 37 -10.33 -28.97 -14.35
C LYS A 37 -10.28 -27.89 -13.26
N ARG A 38 -11.40 -27.19 -13.11
CA ARG A 38 -11.50 -26.05 -12.19
C ARG A 38 -11.69 -26.26 -10.69
N GLU A 39 -10.64 -26.73 -10.02
CA GLU A 39 -10.71 -26.92 -8.57
C GLU A 39 -10.84 -25.52 -7.94
N ASP A 40 -10.30 -24.52 -8.64
CA ASP A 40 -10.36 -23.13 -8.16
C ASP A 40 -11.80 -22.61 -8.08
N CYS A 41 -12.75 -23.29 -8.73
CA CYS A 41 -14.16 -22.87 -8.69
C CYS A 41 -15.10 -23.85 -7.99
N ASN A 42 -14.57 -24.67 -7.09
CA ASN A 42 -15.35 -25.69 -6.42
C ASN A 42 -16.23 -25.34 -5.23
N SER A 43 -16.11 -24.12 -4.71
CA SER A 43 -16.87 -23.82 -3.50
C SER A 43 -17.28 -22.37 -3.34
N GLY A 44 -18.38 -22.15 -2.63
CA GLY A 44 -18.84 -20.79 -2.38
C GLY A 44 -18.19 -20.24 -1.09
N LEU A 45 -17.33 -21.07 -0.51
CA LEU A 45 -16.63 -20.72 0.73
C LEU A 45 -15.32 -19.99 0.43
N ALA A 46 -15.42 -18.67 0.40
CA ALA A 46 -14.30 -17.80 0.16
C ALA A 46 -13.37 -18.25 -0.96
N PHE A 47 -13.98 -18.58 -2.10
CA PHE A 47 -13.33 -19.00 -3.33
C PHE A 47 -12.85 -20.45 -3.38
N GLY A 48 -12.77 -21.12 -2.23
CA GLY A 48 -12.33 -22.52 -2.25
C GLY A 48 -10.97 -22.81 -2.87
N GLY A 49 -10.87 -23.96 -3.55
CA GLY A 49 -9.59 -24.36 -4.15
C GLY A 49 -9.29 -25.81 -3.73
N ASN A 50 -8.13 -26.33 -4.12
CA ASN A 50 -7.77 -27.73 -3.81
C ASN A 50 -7.83 -28.07 -2.32
N LYS A 51 -7.43 -27.14 -1.45
CA LYS A 51 -7.47 -27.43 -0.01
C LYS A 51 -8.87 -27.77 0.47
N THR A 52 -9.88 -27.14 -0.12
CA THR A 52 -11.26 -27.40 0.30
C THR A 52 -11.68 -28.80 -0.11
N ARG A 53 -11.18 -29.31 -1.24
CA ARG A 53 -11.52 -30.68 -1.62
C ARG A 53 -10.92 -31.63 -0.58
N LYS A 54 -9.68 -31.37 -0.16
CA LYS A 54 -9.02 -32.17 0.87
C LYS A 54 -9.82 -32.13 2.18
N LEU A 55 -10.26 -30.94 2.58
CA LEU A 55 -10.99 -30.76 3.83
C LEU A 55 -12.28 -31.55 3.97
N GLU A 56 -12.84 -31.99 2.85
CA GLU A 56 -14.08 -32.73 2.95
C GLU A 56 -13.87 -34.04 3.71
N TYR A 57 -12.69 -34.64 3.61
CA TYR A 57 -12.45 -35.90 4.33
C TYR A 57 -11.92 -35.75 5.76
N LEU A 58 -11.48 -34.56 6.15
CA LEU A 58 -10.98 -34.33 7.50
C LEU A 58 -12.09 -33.85 8.44
N ILE A 59 -12.98 -33.02 7.93
CA ILE A 59 -14.04 -32.48 8.77
C ILE A 59 -14.90 -33.56 9.48
N PRO A 60 -15.25 -34.67 8.80
CA PRO A 60 -16.07 -35.69 9.48
C PRO A 60 -15.39 -36.17 10.76
N GLU A 61 -14.07 -36.31 10.73
CA GLU A 61 -13.32 -36.72 11.91
C GLU A 61 -13.32 -35.60 12.96
N ALA A 62 -13.12 -34.36 12.53
CA ALA A 62 -13.12 -33.25 13.48
C ALA A 62 -14.44 -33.26 14.26
N LEU A 63 -15.51 -33.50 13.52
CA LEU A 63 -16.84 -33.55 14.08
C LEU A 63 -17.05 -34.78 14.96
N ALA A 64 -16.58 -35.95 14.48
CA ALA A 64 -16.72 -37.19 15.23
C ALA A 64 -16.14 -36.97 16.61
N GLN A 65 -14.89 -36.52 16.66
CA GLN A 65 -14.24 -36.20 17.91
C GLN A 65 -15.08 -35.01 18.35
N GLY A 66 -14.87 -34.43 19.50
CA GLY A 66 -15.76 -33.31 19.81
C GLY A 66 -15.17 -31.95 19.51
N CYS A 67 -14.34 -31.85 18.48
CA CYS A 67 -13.68 -30.59 18.15
C CYS A 67 -14.59 -29.39 17.86
N ASP A 68 -14.24 -28.25 18.43
CA ASP A 68 -15.01 -27.03 18.24
C ASP A 68 -14.17 -25.90 17.61
N THR A 69 -12.92 -26.19 17.26
CA THR A 69 -12.01 -25.20 16.68
C THR A 69 -11.09 -25.86 15.67
N LEU A 70 -10.90 -25.22 14.53
CA LEU A 70 -9.99 -25.77 13.53
C LEU A 70 -8.73 -24.95 13.65
N VAL A 71 -7.60 -25.63 13.78
CA VAL A 71 -6.34 -24.93 13.90
C VAL A 71 -5.42 -25.34 12.77
N SER A 72 -4.89 -24.34 12.06
CA SER A 72 -4.00 -24.67 10.96
C SER A 72 -2.86 -23.67 10.86
N ILE A 73 -2.06 -23.79 9.80
CA ILE A 73 -0.85 -22.99 9.68
C ILE A 73 -0.44 -22.83 8.22
N GLY A 74 0.31 -21.76 7.94
CA GLY A 74 0.76 -21.51 6.58
C GLY A 74 1.47 -20.19 6.49
N GLY A 75 1.97 -19.86 5.29
CA GLY A 75 2.65 -18.60 5.09
C GLY A 75 1.66 -17.45 5.18
N ILE A 76 2.14 -16.23 5.03
CA ILE A 76 1.23 -15.07 5.10
C ILE A 76 0.10 -15.10 4.07
N GLN A 77 0.39 -15.46 2.82
CA GLN A 77 -0.63 -15.50 1.78
C GLN A 77 -1.12 -16.93 1.53
N SER A 78 -0.99 -17.76 2.55
CA SER A 78 -1.44 -19.15 2.49
C SER A 78 -2.90 -19.22 2.01
N ASN A 79 -3.18 -20.13 1.08
CA ASN A 79 -4.55 -20.35 0.60
C ASN A 79 -5.25 -21.28 1.58
N GLN A 80 -4.47 -22.23 2.10
CA GLN A 80 -4.92 -23.22 3.06
C GLN A 80 -5.59 -22.61 4.28
N THR A 81 -4.91 -21.68 4.96
CA THR A 81 -5.47 -21.04 6.15
C THR A 81 -6.76 -20.28 5.87
N ARG A 82 -6.88 -19.69 4.66
CA ARG A 82 -8.10 -18.95 4.29
C ARG A 82 -9.27 -19.94 4.13
N GLN A 83 -9.05 -21.06 3.43
CA GLN A 83 -10.12 -22.03 3.27
C GLN A 83 -10.49 -22.64 4.62
N VAL A 84 -9.49 -22.88 5.49
CA VAL A 84 -9.80 -23.41 6.80
C VAL A 84 -10.68 -22.40 7.53
N ALA A 85 -10.32 -21.12 7.43
CA ALA A 85 -11.11 -20.07 8.07
C ALA A 85 -12.57 -20.03 7.56
N ALA A 86 -12.74 -20.20 6.26
CA ALA A 86 -14.08 -20.16 5.68
C ALA A 86 -14.86 -21.41 6.09
N VAL A 87 -14.20 -22.57 6.01
CA VAL A 87 -14.84 -23.82 6.38
C VAL A 87 -15.26 -23.82 7.85
N ALA A 88 -14.41 -23.28 8.73
CA ALA A 88 -14.76 -23.23 10.14
C ALA A 88 -15.99 -22.35 10.36
N ALA A 89 -15.98 -21.17 9.79
CA ALA A 89 -17.13 -20.28 9.94
C ALA A 89 -18.41 -20.99 9.48
N HIS A 90 -18.33 -21.66 8.33
CA HIS A 90 -19.48 -22.36 7.78
C HIS A 90 -19.96 -23.47 8.70
N LEU A 91 -19.02 -24.15 9.37
CA LEU A 91 -19.36 -25.23 10.29
C LEU A 91 -19.75 -24.73 11.69
N GLY A 92 -19.56 -23.45 11.99
CA GLY A 92 -19.90 -22.96 13.32
C GLY A 92 -18.77 -23.27 14.30
N MET A 93 -17.56 -23.45 13.78
CA MET A 93 -16.37 -23.72 14.59
C MET A 93 -15.46 -22.48 14.70
N LYS A 94 -14.69 -22.39 15.78
CA LYS A 94 -13.76 -21.27 15.92
C LYS A 94 -12.55 -21.65 15.08
N CYS A 95 -11.65 -20.70 14.85
CA CYS A 95 -10.50 -21.00 14.02
C CYS A 95 -9.31 -20.20 14.52
N VAL A 96 -8.16 -20.86 14.64
CA VAL A 96 -6.92 -20.20 15.06
C VAL A 96 -5.93 -20.55 13.96
N LEU A 97 -5.24 -19.54 13.45
CA LEU A 97 -4.29 -19.74 12.38
C LEU A 97 -2.96 -19.18 12.79
N VAL A 98 -1.93 -19.98 12.54
CA VAL A 98 -0.54 -19.62 12.80
C VAL A 98 0.03 -19.24 11.44
N GLN A 99 0.31 -17.95 11.20
CA GLN A 99 0.86 -17.51 9.93
C GLN A 99 2.29 -17.06 10.16
N GLU A 100 3.19 -17.54 9.31
CA GLU A 100 4.59 -17.16 9.44
C GLU A 100 5.07 -16.59 8.14
N ASN A 101 6.21 -15.92 8.19
CA ASN A 101 6.78 -15.34 6.99
C ASN A 101 7.56 -16.45 6.31
N TRP A 102 6.90 -17.21 5.46
CA TRP A 102 7.61 -18.29 4.78
C TRP A 102 8.23 -17.87 3.45
N VAL A 103 8.09 -16.59 3.11
CA VAL A 103 8.63 -16.13 1.85
C VAL A 103 9.53 -14.93 2.06
N ASN A 104 10.62 -14.89 1.29
CA ASN A 104 11.55 -13.78 1.35
C ASN A 104 10.96 -12.74 0.43
N TYR A 105 9.93 -12.08 0.95
CA TYR A 105 9.19 -11.10 0.19
C TYR A 105 8.71 -10.11 1.24
N SER A 106 8.67 -8.83 0.90
CA SER A 106 8.24 -7.86 1.90
C SER A 106 7.37 -6.74 1.35
N ASP A 107 6.33 -7.12 0.62
CA ASP A 107 5.43 -6.14 0.03
C ASP A 107 4.65 -5.38 1.10
N ALA A 108 4.45 -4.08 0.85
CA ALA A 108 3.76 -3.23 1.80
C ALA A 108 2.40 -3.70 2.32
N VAL A 109 1.59 -4.35 1.47
CA VAL A 109 0.26 -4.79 1.93
C VAL A 109 0.17 -6.31 2.00
N TYR A 110 1.32 -6.97 2.02
CA TYR A 110 1.41 -8.45 2.02
C TYR A 110 0.55 -9.12 3.09
N ASP A 111 0.49 -8.54 4.28
CA ASP A 111 -0.30 -9.15 5.36
C ASP A 111 -1.67 -8.50 5.53
N ARG A 112 -2.17 -7.86 4.48
CA ARG A 112 -3.47 -7.18 4.63
C ARG A 112 -4.41 -7.27 3.47
N VAL A 113 -3.98 -7.96 2.41
CA VAL A 113 -4.84 -8.14 1.27
C VAL A 113 -4.95 -9.64 1.02
N GLY A 114 -5.70 -9.99 -0.01
CA GLY A 114 -5.79 -11.40 -0.41
C GLY A 114 -6.30 -12.38 0.62
N ASN A 115 -5.61 -13.51 0.71
CA ASN A 115 -6.00 -14.56 1.61
C ASN A 115 -6.05 -14.21 3.08
N ILE A 116 -5.02 -13.54 3.59
CA ILE A 116 -5.01 -13.23 5.00
C ILE A 116 -6.09 -12.21 5.35
N GLN A 117 -6.41 -11.29 4.44
CA GLN A 117 -7.49 -10.32 4.70
C GLN A 117 -8.79 -11.08 4.90
N MET A 118 -9.05 -12.05 4.02
CA MET A 118 -10.30 -12.80 4.11
C MET A 118 -10.39 -13.59 5.41
N SER A 119 -9.28 -14.16 5.84
CA SER A 119 -9.29 -14.96 7.09
C SER A 119 -9.74 -14.11 8.27
N ARG A 120 -9.25 -12.88 8.33
CA ARG A 120 -9.64 -12.00 9.44
C ARG A 120 -11.12 -11.67 9.38
N ILE A 121 -11.62 -11.32 8.19
CA ILE A 121 -13.05 -11.02 8.03
C ILE A 121 -13.86 -12.25 8.40
N LEU A 122 -13.35 -13.43 8.03
CA LEU A 122 -14.01 -14.71 8.35
C LEU A 122 -14.01 -15.01 9.87
N GLY A 123 -13.40 -14.13 10.65
CA GLY A 123 -13.40 -14.32 12.09
C GLY A 123 -12.30 -15.18 12.70
N ALA A 124 -11.34 -15.62 11.91
CA ALA A 124 -10.24 -16.43 12.46
C ALA A 124 -9.32 -15.60 13.37
N ASP A 125 -8.71 -16.26 14.35
CA ASP A 125 -7.77 -15.55 15.21
C ASP A 125 -6.45 -15.78 14.44
N VAL A 126 -6.04 -14.75 13.71
CA VAL A 126 -4.84 -14.81 12.90
C VAL A 126 -3.60 -14.38 13.68
N ARG A 127 -2.72 -15.35 13.93
CA ARG A 127 -1.52 -15.09 14.70
C ARG A 127 -0.26 -14.97 13.88
N LEU A 128 0.31 -13.77 13.92
CA LEU A 128 1.54 -13.48 13.20
C LEU A 128 2.69 -13.32 14.17
N VAL A 129 3.90 -13.45 13.66
CA VAL A 129 5.10 -13.28 14.49
C VAL A 129 5.97 -12.15 13.89
N PRO A 130 6.47 -11.24 14.74
CA PRO A 130 7.31 -10.15 14.20
C PRO A 130 8.49 -10.72 13.42
N ASP A 131 8.85 -10.04 12.32
CA ASP A 131 9.96 -10.48 11.48
C ASP A 131 11.11 -11.05 12.31
N ARG A 139 7.21 -22.67 20.48
CA ARG A 139 6.44 -23.23 19.39
C ARG A 139 5.07 -22.57 19.24
N SER A 140 4.94 -21.80 18.18
CA SER A 140 3.70 -21.09 17.88
C SER A 140 2.59 -22.10 17.66
N TRP A 141 2.92 -23.22 17.02
CA TRP A 141 1.92 -24.25 16.75
C TRP A 141 1.32 -24.84 18.03
N GLU A 142 2.19 -25.23 18.96
CA GLU A 142 1.75 -25.82 20.23
C GLU A 142 1.06 -24.80 21.13
N ASP A 143 1.51 -23.55 21.09
CA ASP A 143 0.87 -22.52 21.89
C ASP A 143 -0.54 -22.33 21.36
N ALA A 144 -0.69 -22.37 20.04
CA ALA A 144 -2.00 -22.21 19.42
C ALA A 144 -2.92 -23.33 19.91
N LEU A 145 -2.48 -24.57 19.74
CA LEU A 145 -3.28 -25.72 20.17
C LEU A 145 -3.65 -25.68 21.65
N GLU A 146 -2.68 -25.35 22.50
CA GLU A 146 -2.88 -25.27 23.95
C GLU A 146 -3.84 -24.14 24.29
N SER A 147 -3.62 -22.98 23.67
CA SER A 147 -4.49 -21.83 23.95
C SER A 147 -5.96 -22.23 23.79
N VAL A 148 -6.25 -23.09 22.82
CA VAL A 148 -7.63 -23.55 22.58
C VAL A 148 -8.13 -24.44 23.72
N ARG A 149 -7.29 -25.38 24.16
CA ARG A 149 -7.69 -26.27 25.26
C ARG A 149 -7.89 -25.42 26.52
N ALA A 150 -6.91 -24.57 26.80
CA ALA A 150 -6.97 -23.68 27.97
C ALA A 150 -8.25 -22.86 28.03
N ALA A 151 -8.77 -22.47 26.86
CA ALA A 151 -9.98 -21.69 26.78
C ALA A 151 -11.21 -22.55 26.99
N GLY A 152 -11.02 -23.85 27.03
CA GLY A 152 -12.13 -24.77 27.22
C GLY A 152 -12.56 -25.44 25.94
N GLY A 153 -11.85 -25.19 24.84
CA GLY A 153 -12.23 -25.81 23.59
C GLY A 153 -11.49 -27.10 23.30
N LYS A 154 -11.68 -27.62 22.10
CA LYS A 154 -11.01 -28.84 21.68
C LYS A 154 -10.61 -28.59 20.23
N PRO A 155 -9.31 -28.45 19.97
CA PRO A 155 -8.75 -28.20 18.65
C PRO A 155 -8.63 -29.39 17.72
N TYR A 156 -8.88 -29.16 16.43
CA TYR A 156 -8.68 -30.22 15.45
C TYR A 156 -7.50 -29.64 14.69
N ALA A 157 -6.37 -30.34 14.76
CA ALA A 157 -5.17 -29.87 14.12
C ALA A 157 -5.07 -30.20 12.65
N ILE A 158 -4.89 -29.17 11.82
CA ILE A 158 -4.78 -29.34 10.38
C ILE A 158 -3.39 -28.85 10.00
N PRO A 159 -2.47 -29.79 9.67
CA PRO A 159 -1.10 -29.42 9.28
C PRO A 159 -1.01 -28.70 7.98
N ALA A 160 0.17 -28.16 7.69
CA ALA A 160 0.41 -27.42 6.46
C ALA A 160 -0.20 -28.12 5.24
N GLY A 161 -0.93 -27.32 4.46
CA GLY A 161 -1.60 -27.80 3.27
C GLY A 161 -2.51 -28.99 3.45
N CYS A 162 -2.81 -29.39 4.69
CA CYS A 162 -3.62 -30.60 4.92
C CYS A 162 -2.87 -31.88 4.52
N SER A 163 -1.66 -31.73 4.01
CA SER A 163 -0.94 -32.88 3.51
C SER A 163 -0.48 -33.98 4.47
N ASP A 164 0.41 -33.65 5.40
CA ASP A 164 0.92 -34.64 6.36
C ASP A 164 -0.13 -35.02 7.40
N HIS A 165 -1.24 -35.59 6.95
CA HIS A 165 -2.32 -35.99 7.86
C HIS A 165 -2.82 -37.32 7.31
N PRO A 166 -3.31 -38.21 8.17
CA PRO A 166 -3.79 -39.52 7.68
C PRO A 166 -4.88 -39.46 6.60
N LEU A 167 -5.75 -38.44 6.66
CA LEU A 167 -6.85 -38.28 5.68
C LEU A 167 -6.55 -37.26 4.55
N GLY A 168 -5.40 -36.62 4.63
CA GLY A 168 -5.00 -35.60 3.66
C GLY A 168 -4.91 -35.94 2.19
N GLY A 169 -4.81 -37.23 1.86
CA GLY A 169 -4.72 -37.61 0.45
C GLY A 169 -6.00 -38.12 -0.18
N LEU A 170 -7.04 -38.32 0.62
CA LEU A 170 -8.30 -38.88 0.12
C LEU A 170 -9.00 -37.97 -0.87
N GLY A 171 -8.97 -36.67 -0.57
CA GLY A 171 -9.63 -35.71 -1.43
C GLY A 171 -9.26 -35.92 -2.89
N PHE A 172 -7.97 -35.98 -3.19
CA PHE A 172 -7.59 -36.16 -4.57
C PHE A 172 -7.57 -37.55 -5.14
N VAL A 173 -7.93 -38.53 -4.32
CA VAL A 173 -8.07 -39.89 -4.83
C VAL A 173 -9.41 -39.71 -5.56
N GLY A 174 -10.36 -39.09 -4.85
CA GLY A 174 -11.69 -38.82 -5.40
C GLY A 174 -11.64 -37.98 -6.67
N PHE A 175 -10.63 -37.12 -6.79
CA PHE A 175 -10.46 -36.29 -7.98
C PHE A 175 -10.26 -37.21 -9.19
N ALA A 176 -9.46 -38.25 -9.04
CA ALA A 176 -9.22 -39.18 -10.15
C ALA A 176 -10.51 -39.96 -10.43
N GLU A 177 -11.28 -40.22 -9.38
CA GLU A 177 -12.54 -40.94 -9.50
C GLU A 177 -13.53 -40.09 -10.29
N GLU A 178 -13.48 -38.79 -10.02
CA GLU A 178 -14.33 -37.81 -10.69
C GLU A 178 -13.91 -37.75 -12.15
N VAL A 179 -12.62 -37.58 -12.40
CA VAL A 179 -12.15 -37.51 -13.79
C VAL A 179 -12.51 -38.77 -14.63
N ARG A 180 -12.55 -39.94 -13.99
CA ARG A 180 -12.91 -41.17 -14.71
C ARG A 180 -14.38 -41.09 -15.17
N ALA A 181 -15.25 -40.59 -14.29
CA ALA A 181 -16.67 -40.43 -14.59
C ALA A 181 -16.88 -39.45 -15.74
N GLN A 182 -16.05 -38.41 -15.76
CA GLN A 182 -16.15 -37.39 -16.80
C GLN A 182 -15.58 -37.90 -18.11
N GLU A 183 -14.53 -38.72 -18.02
CA GLU A 183 -13.92 -39.30 -19.22
C GLU A 183 -14.95 -40.27 -19.82
N ALA A 184 -15.83 -40.79 -18.98
CA ALA A 184 -16.85 -41.73 -19.46
C ALA A 184 -17.76 -40.98 -20.42
N GLU A 185 -18.13 -39.77 -20.03
CA GLU A 185 -19.00 -38.93 -20.83
C GLU A 185 -18.27 -38.34 -22.02
N LEU A 186 -16.94 -38.28 -21.91
CA LEU A 186 -16.10 -37.72 -22.96
C LEU A 186 -15.76 -38.76 -24.02
N GLY A 187 -15.78 -40.02 -23.63
CA GLY A 187 -15.48 -41.07 -24.58
C GLY A 187 -13.98 -41.23 -24.81
N PHE A 188 -13.18 -40.57 -23.99
CA PHE A 188 -11.72 -40.69 -24.10
C PHE A 188 -11.07 -40.51 -22.74
N LYS A 189 -9.79 -40.87 -22.65
CA LYS A 189 -9.05 -40.73 -21.42
C LYS A 189 -7.95 -39.70 -21.60
N PHE A 190 -7.75 -38.87 -20.59
CA PHE A 190 -6.68 -37.88 -20.68
C PHE A 190 -5.35 -38.61 -20.65
N ASP A 191 -4.40 -38.08 -21.39
CA ASP A 191 -3.09 -38.73 -21.45
C ASP A 191 -2.17 -38.30 -20.32
N TYR A 192 -2.39 -37.08 -19.82
CA TYR A 192 -1.58 -36.56 -18.74
C TYR A 192 -2.36 -35.59 -17.89
N VAL A 193 -1.87 -35.39 -16.67
CA VAL A 193 -2.44 -34.42 -15.72
C VAL A 193 -1.27 -33.59 -15.21
N VAL A 194 -1.42 -32.26 -15.17
CA VAL A 194 -0.36 -31.41 -14.67
C VAL A 194 -0.87 -30.79 -13.36
N VAL A 195 -0.11 -30.96 -12.28
CA VAL A 195 -0.53 -30.43 -10.98
C VAL A 195 0.64 -29.76 -10.25
N CYS A 196 0.37 -28.63 -9.61
CA CYS A 196 1.40 -27.94 -8.87
C CYS A 196 1.53 -28.64 -7.53
N SER A 197 2.77 -28.85 -7.08
CA SER A 197 2.95 -29.52 -5.81
C SER A 197 3.91 -28.81 -4.87
N VAL A 198 3.50 -28.72 -3.62
CA VAL A 198 4.33 -28.10 -2.59
C VAL A 198 4.30 -28.96 -1.33
N THR A 199 3.18 -29.05 -0.63
CA THR A 199 3.19 -29.91 0.54
C THR A 199 2.88 -31.36 0.13
N GLY A 200 2.44 -31.55 -1.12
CA GLY A 200 2.26 -32.90 -1.65
C GLY A 200 1.06 -33.83 -1.58
N SER A 201 0.07 -33.58 -0.74
CA SER A 201 -1.04 -34.52 -0.68
C SER A 201 -2.05 -34.37 -1.82
N THR A 202 -1.90 -33.31 -2.63
CA THR A 202 -2.79 -33.13 -3.78
C THR A 202 -2.29 -34.12 -4.82
N GLN A 203 -1.03 -34.00 -5.20
CA GLN A 203 -0.44 -34.92 -6.17
C GLN A 203 -0.49 -36.37 -5.65
N ALA A 204 -0.34 -36.55 -4.33
CA ALA A 204 -0.36 -37.89 -3.73
C ALA A 204 -1.70 -38.56 -4.00
N GLY A 205 -2.78 -37.85 -3.67
CA GLY A 205 -4.13 -38.37 -3.91
C GLY A 205 -4.32 -38.72 -5.39
N MET A 206 -3.82 -37.87 -6.27
CA MET A 206 -3.92 -38.12 -7.69
C MET A 206 -3.15 -39.36 -8.12
N VAL A 207 -1.90 -39.47 -7.64
CA VAL A 207 -1.03 -40.59 -7.96
C VAL A 207 -1.73 -41.90 -7.59
N VAL A 208 -2.39 -41.91 -6.44
CA VAL A 208 -3.10 -43.09 -5.97
C VAL A 208 -4.34 -43.35 -6.81
N GLY A 209 -5.16 -42.31 -6.96
CA GLY A 209 -6.38 -42.43 -7.75
C GLY A 209 -6.14 -42.88 -9.18
N PHE A 210 -5.07 -42.43 -9.81
CA PHE A 210 -4.78 -42.83 -11.19
C PHE A 210 -3.96 -44.13 -11.28
N ALA A 211 -3.37 -44.53 -10.16
CA ALA A 211 -2.62 -45.78 -10.13
C ALA A 211 -3.66 -46.86 -10.40
N ALA A 212 -4.88 -46.62 -9.92
CA ALA A 212 -5.99 -47.54 -10.08
C ALA A 212 -6.17 -48.01 -11.52
N ASP A 213 -5.72 -47.21 -12.48
CA ASP A 213 -5.83 -47.62 -13.87
C ASP A 213 -4.54 -47.41 -14.61
N GLY A 214 -3.42 -47.60 -13.89
CA GLY A 214 -2.11 -47.46 -14.48
C GLY A 214 -1.73 -46.13 -15.10
N ARG A 215 -2.20 -45.03 -14.53
CA ARG A 215 -1.84 -43.73 -15.08
C ARG A 215 -1.12 -42.84 -14.07
N ALA A 216 -0.70 -43.45 -12.96
CA ALA A 216 0.00 -42.70 -11.92
C ALA A 216 1.17 -41.89 -12.47
N ASP A 217 2.00 -42.52 -13.29
CA ASP A 217 3.15 -41.82 -13.85
C ASP A 217 2.73 -40.85 -14.92
N ARG A 218 1.43 -40.72 -15.14
CA ARG A 218 0.89 -39.76 -16.11
C ARG A 218 0.59 -38.44 -15.36
N VAL A 219 0.55 -38.51 -14.03
CA VAL A 219 0.33 -37.31 -13.22
C VAL A 219 1.67 -36.58 -13.18
N ILE A 220 1.77 -35.48 -13.92
CA ILE A 220 3.00 -34.71 -13.94
C ILE A 220 2.98 -33.57 -12.92
N GLY A 221 3.59 -33.83 -11.77
CA GLY A 221 3.65 -32.81 -10.76
C GLY A 221 4.67 -31.76 -11.16
N VAL A 222 4.39 -30.52 -10.80
CA VAL A 222 5.31 -29.43 -11.09
C VAL A 222 5.65 -28.80 -9.75
N ASP A 223 6.91 -28.90 -9.39
CA ASP A 223 7.36 -28.37 -8.10
C ASP A 223 7.30 -26.86 -7.97
N ALA A 224 6.77 -26.38 -6.85
CA ALA A 224 6.75 -24.95 -6.62
C ALA A 224 7.42 -24.66 -5.27
N SER A 225 7.96 -25.69 -4.63
CA SER A 225 8.60 -25.52 -3.31
C SER A 225 10.05 -25.07 -3.41
N ALA A 226 10.70 -25.35 -4.54
CA ALA A 226 12.10 -25.04 -4.72
C ALA A 226 12.96 -25.96 -3.81
N LYS A 227 12.33 -27.00 -3.27
CA LYS A 227 12.98 -28.03 -2.44
C LYS A 227 12.49 -29.37 -3.02
N PRO A 228 12.82 -29.63 -4.28
CA PRO A 228 12.45 -30.84 -5.04
C PRO A 228 12.55 -32.16 -4.28
N ALA A 229 13.76 -32.51 -3.87
CA ALA A 229 14.01 -33.77 -3.15
C ALA A 229 13.06 -33.99 -1.97
N GLN A 230 12.91 -32.99 -1.15
CA GLN A 230 12.03 -33.08 0.01
C GLN A 230 10.55 -33.19 -0.38
N THR A 231 10.13 -32.42 -1.39
CA THR A 231 8.73 -32.49 -1.81
C THR A 231 8.41 -33.84 -2.46
N ARG A 232 9.29 -34.25 -3.37
CA ARG A 232 9.12 -35.53 -4.07
C ARG A 232 8.99 -36.63 -3.04
N GLU A 233 9.86 -36.63 -2.04
CA GLU A 233 9.80 -37.65 -1.01
C GLU A 233 8.51 -37.59 -0.23
N GLN A 234 8.03 -36.39 0.09
CA GLN A 234 6.78 -36.32 0.84
C GLN A 234 5.59 -36.76 -0.01
N ILE A 235 5.64 -36.52 -1.31
CA ILE A 235 4.54 -36.98 -2.16
C ILE A 235 4.51 -38.51 -2.11
N THR A 236 5.67 -39.11 -2.34
CA THR A 236 5.79 -40.58 -2.32
C THR A 236 5.23 -41.15 -1.01
N ARG A 237 5.74 -40.69 0.13
CA ARG A 237 5.26 -41.23 1.40
C ARG A 237 3.77 -41.07 1.63
N ILE A 238 3.23 -39.88 1.34
CA ILE A 238 1.81 -39.66 1.52
C ILE A 238 1.02 -40.55 0.57
N ALA A 239 1.55 -40.76 -0.63
CA ALA A 239 0.85 -41.62 -1.60
C ALA A 239 0.75 -43.08 -1.10
N ARG A 240 1.86 -43.65 -0.62
CA ARG A 240 1.86 -45.02 -0.13
C ARG A 240 0.92 -45.17 1.07
N GLN A 241 0.97 -44.19 1.98
CA GLN A 241 0.13 -44.19 3.16
C GLN A 241 -1.33 -44.15 2.74
N THR A 242 -1.63 -43.29 1.79
CA THR A 242 -2.99 -43.16 1.31
C THR A 242 -3.44 -44.43 0.57
N ALA A 243 -2.52 -44.98 -0.21
CA ALA A 243 -2.80 -46.21 -0.96
C ALA A 243 -3.24 -47.31 -0.01
N GLU A 244 -2.63 -47.36 1.16
CA GLU A 244 -3.00 -48.37 2.14
C GLU A 244 -4.35 -48.04 2.77
N LYS A 245 -4.67 -46.74 2.84
CA LYS A 245 -5.94 -46.28 3.39
C LYS A 245 -7.14 -46.69 2.55
N VAL A 246 -6.99 -46.60 1.23
CA VAL A 246 -8.10 -46.92 0.33
C VAL A 246 -8.09 -48.31 -0.30
N GLY A 247 -7.05 -49.09 -0.08
CA GLY A 247 -7.03 -50.43 -0.64
C GLY A 247 -6.52 -50.53 -2.07
N LEU A 248 -5.57 -49.66 -2.41
CA LEU A 248 -4.99 -49.67 -3.73
C LEU A 248 -4.43 -51.08 -4.00
N GLU A 249 -4.90 -51.69 -5.08
CA GLU A 249 -4.47 -53.05 -5.45
C GLU A 249 -3.06 -53.17 -6.00
N ARG A 250 -2.38 -52.04 -6.16
CA ARG A 250 -1.00 -52.04 -6.66
C ARG A 250 -0.21 -51.31 -5.59
N ASP A 251 1.10 -51.27 -5.76
CA ASP A 251 1.92 -50.55 -4.82
C ASP A 251 2.48 -49.36 -5.55
N ILE A 252 2.64 -48.24 -4.83
CA ILE A 252 3.20 -47.05 -5.42
C ILE A 252 4.70 -47.20 -5.54
N MET A 253 5.18 -47.14 -6.78
CA MET A 253 6.59 -47.27 -7.04
C MET A 253 7.23 -45.89 -7.14
N ARG A 254 8.51 -45.84 -6.83
CA ARG A 254 9.24 -44.58 -6.90
C ARG A 254 8.95 -43.92 -8.23
N ALA A 255 8.95 -44.72 -9.29
CA ALA A 255 8.71 -44.23 -10.64
C ALA A 255 7.30 -43.68 -10.84
N ASP A 256 6.39 -44.02 -9.94
CA ASP A 256 5.02 -43.54 -10.06
C ASP A 256 4.88 -42.06 -9.68
N VAL A 257 5.89 -41.51 -9.00
CA VAL A 257 5.85 -40.13 -8.58
C VAL A 257 6.73 -39.31 -9.46
N VAL A 258 6.09 -38.52 -10.33
CA VAL A 258 6.73 -37.64 -11.30
C VAL A 258 6.65 -36.21 -10.74
N LEU A 259 7.78 -35.53 -10.72
CA LEU A 259 7.87 -34.16 -10.20
C LEU A 259 8.92 -33.37 -10.95
N ASP A 260 8.47 -32.46 -11.80
CA ASP A 260 9.39 -31.66 -12.57
C ASP A 260 9.90 -30.55 -11.67
N GLU A 261 11.19 -30.24 -11.77
CA GLU A 261 11.78 -29.24 -10.90
C GLU A 261 12.20 -27.95 -11.60
N ARG A 262 12.03 -27.89 -12.92
CA ARG A 262 12.47 -26.72 -13.70
C ARG A 262 11.70 -25.40 -13.58
N PHE A 263 10.53 -25.42 -12.95
CA PHE A 263 9.74 -24.20 -12.91
C PHE A 263 9.48 -23.59 -11.55
N ALA A 264 10.12 -24.15 -10.52
CA ALA A 264 9.93 -23.67 -9.16
C ALA A 264 10.65 -22.38 -8.79
N GLY A 265 11.69 -22.02 -9.54
CA GLY A 265 12.50 -20.85 -9.21
C GLY A 265 11.91 -19.44 -9.04
N PRO A 266 12.62 -18.55 -8.33
CA PRO A 266 13.92 -18.76 -7.68
C PRO A 266 13.77 -19.39 -6.31
N GLU A 267 12.60 -19.19 -5.70
CA GLU A 267 12.27 -19.71 -4.37
C GLU A 267 10.76 -19.87 -4.20
N TYR A 268 10.38 -20.56 -3.14
CA TYR A 268 8.96 -20.75 -2.86
C TYR A 268 8.37 -19.34 -2.62
N GLY A 269 7.20 -19.08 -3.18
CA GLY A 269 6.56 -17.79 -3.00
C GLY A 269 7.05 -16.65 -3.89
N LEU A 270 8.06 -16.92 -4.69
CA LEU A 270 8.61 -15.91 -5.60
C LEU A 270 8.56 -16.38 -7.05
N PRO A 271 7.96 -15.56 -7.93
CA PRO A 271 7.87 -15.93 -9.35
C PRO A 271 9.15 -15.61 -10.13
N ASN A 272 9.37 -16.30 -11.24
CA ASN A 272 10.51 -15.96 -12.10
C ASN A 272 9.79 -15.29 -13.30
N GLU A 273 10.53 -14.76 -14.28
CA GLU A 273 9.88 -14.11 -15.41
C GLU A 273 9.03 -15.06 -16.24
N GLY A 274 9.41 -16.33 -16.23
CA GLY A 274 8.66 -17.34 -16.97
C GLY A 274 7.29 -17.50 -16.34
N THR A 275 7.26 -17.49 -15.01
CA THR A 275 6.00 -17.59 -14.29
C THR A 275 5.07 -16.46 -14.77
N LEU A 276 5.61 -15.24 -14.78
CA LEU A 276 4.85 -14.07 -15.19
C LEU A 276 4.29 -14.18 -16.62
N GLU A 277 5.14 -14.54 -17.58
CA GLU A 277 4.67 -14.66 -18.95
C GLU A 277 3.57 -15.70 -19.04
N ALA A 278 3.74 -16.79 -18.32
CA ALA A 278 2.74 -17.85 -18.32
C ALA A 278 1.39 -17.35 -17.77
N ILE A 279 1.43 -16.59 -16.68
CA ILE A 279 0.18 -16.07 -16.11
C ILE A 279 -0.49 -15.18 -17.17
N ARG A 280 0.28 -14.27 -17.74
CA ARG A 280 -0.26 -13.35 -18.75
C ARG A 280 -0.76 -14.07 -19.99
N LEU A 281 0.01 -15.03 -20.48
CA LEU A 281 -0.40 -15.74 -21.69
C LEU A 281 -1.70 -16.51 -21.49
N CYS A 282 -1.77 -17.23 -20.40
CA CYS A 282 -2.95 -18.01 -20.12
C CYS A 282 -4.13 -17.12 -19.84
N ALA A 283 -3.93 -16.06 -19.07
CA ALA A 283 -5.01 -15.15 -18.78
C ALA A 283 -5.55 -14.49 -20.06
N ARG A 284 -4.64 -14.11 -20.94
CA ARG A 284 -5.03 -13.41 -22.16
C ARG A 284 -5.60 -14.26 -23.27
N THR A 285 -5.34 -15.55 -23.24
CA THR A 285 -5.87 -16.43 -24.27
C THR A 285 -7.12 -17.15 -23.78
N GLU A 286 -7.27 -17.25 -22.46
CA GLU A 286 -8.42 -17.98 -21.94
C GLU A 286 -9.28 -17.25 -20.90
N GLY A 287 -8.78 -16.14 -20.37
CA GLY A 287 -9.58 -15.45 -19.35
C GLY A 287 -9.49 -16.21 -18.04
N MET A 288 -8.47 -17.07 -17.95
CA MET A 288 -8.23 -17.86 -16.74
C MET A 288 -6.95 -17.39 -16.02
N LEU A 289 -7.16 -16.85 -14.83
CA LEU A 289 -6.09 -16.32 -13.97
C LEU A 289 -5.39 -17.40 -13.15
N THR A 290 -4.10 -17.22 -12.90
CA THR A 290 -3.29 -18.12 -12.07
C THR A 290 -2.37 -17.20 -11.25
N ASP A 291 -1.83 -17.70 -10.14
CA ASP A 291 -1.04 -16.85 -9.25
C ASP A 291 0.47 -16.98 -9.40
N PRO A 292 1.24 -16.02 -8.84
CA PRO A 292 2.70 -16.14 -9.00
C PRO A 292 3.40 -17.11 -8.08
N VAL A 293 2.67 -17.71 -7.14
CA VAL A 293 3.26 -18.65 -6.19
C VAL A 293 3.13 -20.13 -6.59
N TYR A 294 1.91 -20.52 -6.97
CA TYR A 294 1.57 -21.91 -7.31
C TYR A 294 1.14 -22.19 -8.76
N GLU A 295 -0.11 -21.85 -9.09
CA GLU A 295 -0.64 -22.13 -10.44
C GLU A 295 0.11 -21.51 -11.61
N GLY A 296 0.70 -20.34 -11.38
CA GLY A 296 1.45 -19.69 -12.43
C GLY A 296 2.65 -20.53 -12.79
N LYS A 297 3.17 -21.25 -11.79
CA LYS A 297 4.34 -22.09 -11.98
C LYS A 297 3.97 -23.40 -12.69
N SER A 298 2.87 -24.05 -12.29
CA SER A 298 2.50 -25.28 -12.98
C SER A 298 2.04 -24.97 -14.43
N MET A 299 1.48 -23.77 -14.64
CA MET A 299 1.02 -23.36 -15.95
C MET A 299 2.25 -23.12 -16.81
N HIS A 300 3.24 -22.48 -16.21
CA HIS A 300 4.50 -22.20 -16.88
C HIS A 300 5.06 -23.55 -17.32
N GLY A 301 5.01 -24.51 -16.41
CA GLY A 301 5.52 -25.84 -16.67
C GLY A 301 4.83 -26.47 -17.87
N MET A 302 3.51 -26.53 -17.82
CA MET A 302 2.75 -27.11 -18.92
C MET A 302 3.02 -26.44 -20.26
N ILE A 303 3.12 -25.12 -20.28
CA ILE A 303 3.39 -24.38 -21.51
C ILE A 303 4.77 -24.70 -22.09
N GLU A 304 5.78 -24.72 -21.22
CA GLU A 304 7.14 -25.02 -21.67
C GLU A 304 7.22 -26.48 -22.14
N MET A 305 6.48 -27.35 -21.46
CA MET A 305 6.46 -28.76 -21.83
C MET A 305 5.94 -28.82 -23.27
N VAL A 306 4.76 -28.27 -23.48
CA VAL A 306 4.18 -28.25 -24.82
C VAL A 306 5.17 -27.65 -25.82
N ARG A 307 5.70 -26.47 -25.49
CA ARG A 307 6.61 -25.79 -26.39
C ARG A 307 7.85 -26.61 -26.74
N ASN A 308 8.30 -27.45 -25.84
CA ASN A 308 9.48 -28.27 -26.10
C ASN A 308 9.13 -29.60 -26.74
N GLY A 309 7.89 -29.75 -27.17
CA GLY A 309 7.48 -31.01 -27.78
C GLY A 309 7.66 -32.19 -26.83
N GLU A 310 7.57 -31.93 -25.54
CA GLU A 310 7.71 -33.01 -24.57
C GLU A 310 6.47 -33.89 -24.46
N PHE A 311 5.33 -33.37 -24.88
CA PHE A 311 4.11 -34.16 -24.86
C PHE A 311 4.00 -34.78 -26.23
N PRO A 312 3.49 -36.02 -26.33
CA PRO A 312 3.36 -36.68 -27.64
C PRO A 312 2.28 -35.98 -28.47
N GLU A 313 2.58 -35.68 -29.72
CA GLU A 313 1.61 -35.02 -30.57
C GLU A 313 0.26 -35.72 -30.47
N GLY A 314 -0.78 -34.93 -30.25
CA GLY A 314 -2.11 -35.49 -30.13
C GLY A 314 -2.50 -35.78 -28.69
N SER A 315 -1.58 -35.58 -27.75
CA SER A 315 -1.91 -35.84 -26.35
C SER A 315 -3.03 -34.92 -25.83
N ARG A 316 -3.75 -35.42 -24.82
CA ARG A 316 -4.80 -34.65 -24.15
C ARG A 316 -4.29 -34.48 -22.71
N VAL A 317 -3.89 -33.26 -22.37
CA VAL A 317 -3.33 -32.90 -21.06
C VAL A 317 -4.34 -32.14 -20.19
N LEU A 318 -4.59 -32.65 -18.99
CA LEU A 318 -5.53 -32.01 -18.07
C LEU A 318 -4.86 -31.18 -16.95
N TYR A 319 -4.89 -29.86 -17.08
CA TYR A 319 -4.29 -28.97 -16.08
C TYR A 319 -5.26 -28.83 -14.92
N ALA A 320 -4.81 -29.18 -13.72
CA ALA A 320 -5.68 -29.03 -12.56
C ALA A 320 -5.44 -27.63 -12.02
N HIS A 321 -6.45 -26.78 -12.08
CA HIS A 321 -6.28 -25.46 -11.55
C HIS A 321 -6.68 -25.54 -10.10
N LEU A 322 -5.69 -25.45 -9.22
CA LEU A 322 -5.93 -25.61 -7.78
C LEU A 322 -6.44 -24.38 -7.03
N GLY A 323 -6.40 -23.20 -7.64
CA GLY A 323 -6.88 -21.99 -6.97
C GLY A 323 -5.75 -21.01 -6.78
N GLY A 324 -5.71 -20.37 -5.61
CA GLY A 324 -4.62 -19.45 -5.32
C GLY A 324 -4.65 -18.05 -5.89
N VAL A 325 -5.61 -17.74 -6.77
CA VAL A 325 -5.67 -16.40 -7.37
C VAL A 325 -5.71 -15.19 -6.40
N PRO A 326 -6.38 -15.29 -5.25
CA PRO A 326 -6.38 -14.13 -4.36
C PRO A 326 -5.00 -13.62 -3.95
N ALA A 327 -4.00 -14.49 -3.98
CA ALA A 327 -2.64 -14.09 -3.61
C ALA A 327 -2.06 -13.05 -4.56
N LEU A 328 -2.67 -12.88 -5.73
CA LEU A 328 -2.16 -11.91 -6.70
C LEU A 328 -2.09 -10.49 -6.11
N ASN A 329 -3.01 -10.22 -5.19
CA ASN A 329 -3.08 -8.92 -4.51
C ASN A 329 -1.82 -8.60 -3.73
N GLY A 330 -1.05 -9.63 -3.36
CA GLY A 330 0.18 -9.40 -2.62
C GLY A 330 1.39 -9.11 -3.51
N TYR A 331 1.20 -9.13 -4.83
CA TYR A 331 2.27 -8.87 -5.78
C TYR A 331 1.79 -7.80 -6.76
N SER A 332 1.18 -6.75 -6.23
CA SER A 332 0.60 -5.74 -7.10
C SER A 332 1.58 -4.95 -7.96
N PHE A 333 2.77 -4.69 -7.46
CA PHE A 333 3.72 -3.89 -8.24
C PHE A 333 4.17 -4.52 -9.58
N ILE A 334 4.42 -5.83 -9.58
CA ILE A 334 4.85 -6.49 -10.81
C ILE A 334 3.77 -6.55 -11.86
N PHE A 335 2.50 -6.38 -11.47
CA PHE A 335 1.40 -6.39 -12.44
C PHE A 335 0.77 -5.00 -12.66
N ARG A 336 1.44 -3.95 -12.17
CA ARG A 336 0.93 -2.59 -12.27
C ARG A 336 0.60 -2.18 -13.68
N ASP A 337 1.32 -2.71 -14.66
CA ASP A 337 1.07 -2.39 -16.04
C ASP A 337 0.58 -3.62 -16.77
N GLY A 338 0.19 -4.64 -16.02
CA GLY A 338 -0.28 -5.87 -16.62
C GLY A 338 0.68 -7.02 -16.38
N MET B 1 -44.58 -14.22 -21.98
CA MET B 1 -43.29 -13.69 -22.51
C MET B 1 -42.40 -14.80 -23.06
N ASN B 2 -41.42 -14.43 -23.87
CA ASN B 2 -40.51 -15.42 -24.43
C ASN B 2 -39.07 -14.95 -24.54
N LEU B 3 -38.32 -15.22 -23.48
CA LEU B 3 -36.92 -14.87 -23.40
C LEU B 3 -36.17 -15.71 -24.45
N GLN B 4 -36.66 -16.92 -24.66
CA GLN B 4 -36.09 -17.88 -25.60
C GLN B 4 -35.90 -17.32 -27.01
N ARG B 5 -36.56 -16.22 -27.31
CA ARG B 5 -36.40 -15.61 -28.62
C ARG B 5 -34.98 -15.09 -28.78
N PHE B 6 -34.33 -14.76 -27.66
CA PHE B 6 -32.98 -14.21 -27.72
C PHE B 6 -31.82 -15.16 -27.46
N PRO B 7 -30.80 -15.10 -28.31
CA PRO B 7 -29.59 -15.92 -28.24
C PRO B 7 -28.87 -15.65 -26.93
N ARG B 8 -28.26 -16.68 -26.36
CA ARG B 8 -27.50 -16.55 -25.12
C ARG B 8 -26.15 -17.21 -25.35
N TYR B 9 -25.07 -16.47 -25.14
CA TYR B 9 -23.75 -17.04 -25.33
C TYR B 9 -23.34 -17.60 -23.97
N PRO B 10 -23.04 -18.90 -23.89
CA PRO B 10 -22.64 -19.52 -22.62
C PRO B 10 -21.34 -18.96 -22.05
N LEU B 11 -21.46 -18.26 -20.91
CA LEU B 11 -20.26 -17.68 -20.26
C LEU B 11 -20.17 -18.13 -18.81
N THR B 12 -21.17 -18.89 -18.37
CA THR B 12 -21.26 -19.37 -17.00
C THR B 12 -21.21 -20.89 -16.99
N PHE B 13 -21.17 -21.47 -15.79
CA PHE B 13 -21.12 -22.93 -15.66
C PHE B 13 -22.48 -23.55 -15.91
N GLY B 14 -23.52 -22.78 -15.63
CA GLY B 14 -24.88 -23.24 -15.78
C GLY B 14 -25.68 -22.60 -14.66
N PRO B 15 -26.85 -23.14 -14.32
CA PRO B 15 -27.65 -22.54 -13.23
C PRO B 15 -26.84 -22.37 -11.95
N THR B 16 -26.97 -21.20 -11.32
CA THR B 16 -26.23 -20.95 -10.09
C THR B 16 -26.97 -21.60 -8.94
N PRO B 17 -26.22 -22.20 -8.01
CA PRO B 17 -26.88 -22.86 -6.89
C PRO B 17 -27.51 -21.97 -5.83
N ILE B 18 -28.47 -22.54 -5.13
CA ILE B 18 -29.13 -21.85 -4.03
C ILE B 18 -28.73 -22.60 -2.74
N GLN B 19 -28.19 -21.87 -1.77
CA GLN B 19 -27.78 -22.48 -0.52
C GLN B 19 -28.55 -21.90 0.64
N PRO B 20 -28.80 -22.72 1.66
CA PRO B 20 -29.54 -22.17 2.81
C PRO B 20 -28.51 -21.48 3.73
N LEU B 21 -28.91 -20.40 4.40
CA LEU B 21 -28.04 -19.68 5.32
C LEU B 21 -28.67 -19.94 6.69
N ALA B 22 -28.65 -21.20 7.09
CA ALA B 22 -29.22 -21.66 8.35
C ALA B 22 -28.59 -21.04 9.58
N ARG B 23 -27.28 -20.82 9.55
CA ARG B 23 -26.61 -20.24 10.71
C ARG B 23 -27.00 -18.78 10.88
N LEU B 24 -26.93 -18.00 9.83
CA LEU B 24 -27.31 -16.59 9.95
C LEU B 24 -28.82 -16.49 10.30
N SER B 25 -29.62 -17.35 9.70
CA SER B 25 -31.06 -17.33 10.00
C SER B 25 -31.25 -17.61 11.48
N LYS B 26 -30.60 -18.65 11.98
CA LYS B 26 -30.73 -19.01 13.39
C LYS B 26 -30.24 -17.89 14.29
N HIS B 27 -29.15 -17.25 13.88
CA HIS B 27 -28.56 -16.16 14.64
C HIS B 27 -29.51 -14.98 14.78
N LEU B 28 -30.28 -14.74 13.73
CA LEU B 28 -31.20 -13.61 13.73
C LEU B 28 -32.59 -13.90 14.33
N GLY B 29 -32.75 -15.06 14.98
CA GLY B 29 -34.03 -15.38 15.59
C GLY B 29 -34.74 -16.61 15.09
N GLY B 30 -34.34 -17.13 13.93
CA GLY B 30 -34.98 -18.32 13.40
C GLY B 30 -36.40 -18.14 12.88
N LYS B 31 -36.86 -16.90 12.80
CA LYS B 31 -38.21 -16.61 12.34
C LYS B 31 -38.32 -16.41 10.84
N VAL B 32 -37.19 -16.22 10.17
CA VAL B 32 -37.15 -15.97 8.74
C VAL B 32 -36.07 -16.83 8.11
N HIS B 33 -36.45 -17.66 7.14
CA HIS B 33 -35.50 -18.55 6.46
C HIS B 33 -34.74 -17.85 5.33
N LEU B 34 -33.44 -17.67 5.52
CA LEU B 34 -32.60 -17.02 4.52
C LEU B 34 -31.82 -17.98 3.62
N TYR B 35 -31.80 -17.69 2.33
CA TYR B 35 -31.05 -18.49 1.36
C TYR B 35 -30.18 -17.58 0.51
N ALA B 36 -29.25 -18.16 -0.24
CA ALA B 36 -28.43 -17.36 -1.13
C ALA B 36 -28.26 -18.03 -2.49
N LYS B 37 -28.49 -17.29 -3.57
CA LYS B 37 -28.31 -17.83 -4.90
C LYS B 37 -26.97 -17.24 -5.29
N ARG B 38 -26.02 -18.10 -5.57
CA ARG B 38 -24.65 -17.67 -5.83
C ARG B 38 -24.30 -17.23 -7.23
N GLU B 39 -24.65 -15.99 -7.57
CA GLU B 39 -24.31 -15.47 -8.88
C GLU B 39 -22.80 -15.22 -8.88
N ASP B 40 -22.27 -14.97 -7.69
CA ASP B 40 -20.83 -14.73 -7.48
C ASP B 40 -19.94 -15.94 -7.80
N CYS B 41 -20.53 -17.12 -7.98
CA CYS B 41 -19.74 -18.33 -8.30
C CYS B 41 -20.22 -18.88 -9.63
N ASN B 42 -20.69 -18.02 -10.52
CA ASN B 42 -21.24 -18.49 -11.77
C ASN B 42 -20.31 -18.73 -12.92
N SER B 43 -19.04 -18.37 -12.79
CA SER B 43 -18.15 -18.52 -13.93
C SER B 43 -16.66 -18.76 -13.67
N GLY B 44 -15.99 -19.38 -14.65
CA GLY B 44 -14.57 -19.61 -14.54
C GLY B 44 -13.78 -18.40 -15.01
N LEU B 45 -14.47 -17.39 -15.55
CA LEU B 45 -13.84 -16.17 -16.07
C LEU B 45 -13.64 -15.11 -14.98
N ALA B 46 -12.46 -15.13 -14.38
CA ALA B 46 -12.05 -14.20 -13.32
C ALA B 46 -13.14 -13.88 -12.28
N PHE B 47 -13.75 -14.94 -11.74
CA PHE B 47 -14.78 -14.84 -10.68
C PHE B 47 -16.20 -14.50 -11.09
N GLY B 48 -16.38 -14.03 -12.33
CA GLY B 48 -17.72 -13.73 -12.82
C GLY B 48 -18.53 -12.83 -11.90
N GLY B 49 -19.79 -13.21 -11.71
CA GLY B 49 -20.74 -12.44 -10.91
C GLY B 49 -21.93 -12.05 -11.79
N ASN B 50 -22.84 -11.24 -11.27
CA ASN B 50 -24.05 -10.82 -12.01
C ASN B 50 -23.84 -10.22 -13.39
N LYS B 51 -22.79 -9.43 -13.57
CA LYS B 51 -22.53 -8.81 -14.85
C LYS B 51 -22.31 -9.87 -15.93
N THR B 52 -21.74 -11.01 -15.54
CA THR B 52 -21.49 -12.09 -16.48
C THR B 52 -22.77 -12.76 -16.99
N ARG B 53 -23.80 -12.80 -16.14
CA ARG B 53 -25.06 -13.38 -16.56
C ARG B 53 -25.64 -12.40 -17.60
N LYS B 54 -25.39 -11.11 -17.39
CA LYS B 54 -25.89 -10.09 -18.29
C LYS B 54 -25.21 -10.23 -19.66
N LEU B 55 -23.88 -10.33 -19.65
CA LEU B 55 -23.12 -10.42 -20.89
C LEU B 55 -23.47 -11.57 -21.82
N GLU B 56 -24.10 -12.61 -21.29
CA GLU B 56 -24.44 -13.75 -22.14
C GLU B 56 -25.43 -13.33 -23.26
N TYR B 57 -26.29 -12.36 -22.97
CA TYR B 57 -27.25 -11.90 -23.96
C TYR B 57 -26.69 -10.81 -24.89
N LEU B 58 -25.60 -10.15 -24.49
CA LEU B 58 -24.99 -9.14 -25.33
C LEU B 58 -23.98 -9.67 -26.33
N ILE B 59 -23.16 -10.62 -25.89
CA ILE B 59 -22.11 -11.19 -26.75
C ILE B 59 -22.60 -11.62 -28.14
N PRO B 60 -23.74 -12.31 -28.24
CA PRO B 60 -24.25 -12.74 -29.56
C PRO B 60 -24.31 -11.56 -30.56
N GLU B 61 -24.83 -10.42 -30.10
CA GLU B 61 -24.95 -9.23 -30.93
C GLU B 61 -23.57 -8.72 -31.33
N ALA B 62 -22.65 -8.67 -30.37
CA ALA B 62 -21.30 -8.23 -30.68
C ALA B 62 -20.76 -9.15 -31.76
N LEU B 63 -21.09 -10.44 -31.65
CA LEU B 63 -20.62 -11.43 -32.61
C LEU B 63 -21.40 -11.35 -33.92
N ALA B 64 -22.73 -11.21 -33.84
CA ALA B 64 -23.55 -11.10 -35.04
C ALA B 64 -22.87 -9.99 -35.84
N GLN B 65 -22.72 -8.83 -35.21
CA GLN B 65 -22.03 -7.71 -35.82
C GLN B 65 -20.59 -8.23 -35.90
N GLY B 66 -19.72 -7.63 -36.69
CA GLY B 66 -18.38 -8.20 -36.74
C GLY B 66 -17.44 -7.57 -35.74
N CYS B 67 -17.92 -7.28 -34.54
CA CYS B 67 -17.09 -6.63 -33.54
C CYS B 67 -15.89 -7.45 -33.11
N ASP B 68 -14.78 -6.78 -32.85
CA ASP B 68 -13.57 -7.48 -32.44
C ASP B 68 -12.97 -6.94 -31.13
N THR B 69 -13.57 -5.89 -30.60
CA THR B 69 -13.08 -5.26 -29.38
C THR B 69 -14.27 -4.96 -28.48
N LEU B 70 -14.20 -5.33 -27.20
CA LEU B 70 -15.30 -4.97 -26.30
C LEU B 70 -14.81 -3.73 -25.57
N VAL B 71 -15.66 -2.72 -25.48
CA VAL B 71 -15.30 -1.48 -24.82
C VAL B 71 -16.31 -1.15 -23.71
N SER B 72 -15.84 -0.98 -22.48
CA SER B 72 -16.74 -0.64 -21.38
C SER B 72 -16.18 0.42 -20.47
N ILE B 73 -16.90 0.69 -19.40
CA ILE B 73 -16.55 1.75 -18.47
C ILE B 73 -17.03 1.46 -17.05
N GLY B 74 -16.33 2.03 -16.08
CA GLY B 74 -16.70 1.85 -14.68
C GLY B 74 -15.72 2.52 -13.74
N GLY B 75 -16.01 2.47 -12.44
CA GLY B 75 -15.11 3.06 -11.46
C GLY B 75 -13.82 2.28 -11.41
N ILE B 76 -12.89 2.71 -10.57
CA ILE B 76 -11.61 2.03 -10.46
C ILE B 76 -11.79 0.58 -9.98
N GLN B 77 -12.62 0.32 -8.98
CA GLN B 77 -12.82 -1.08 -8.54
C GLN B 77 -14.06 -1.71 -9.13
N SER B 78 -14.36 -1.29 -10.36
CA SER B 78 -15.50 -1.83 -11.08
C SER B 78 -15.39 -3.35 -11.28
N ASN B 79 -16.49 -4.06 -11.04
CA ASN B 79 -16.58 -5.51 -11.24
C ASN B 79 -16.91 -5.72 -12.71
N GLN B 80 -17.79 -4.87 -13.22
CA GLN B 80 -18.23 -4.89 -14.60
C GLN B 80 -17.06 -4.93 -15.57
N THR B 81 -16.13 -3.99 -15.45
CA THR B 81 -15.01 -3.97 -16.38
C THR B 81 -14.07 -5.18 -16.27
N ARG B 82 -13.90 -5.71 -15.05
CA ARG B 82 -13.04 -6.89 -14.90
C ARG B 82 -13.70 -8.06 -15.65
N GLN B 83 -15.01 -8.25 -15.47
CA GLN B 83 -15.69 -9.32 -16.18
C GLN B 83 -15.64 -9.14 -17.71
N VAL B 84 -15.72 -7.89 -18.19
CA VAL B 84 -15.68 -7.67 -19.62
C VAL B 84 -14.28 -8.03 -20.14
N ALA B 85 -13.27 -7.69 -19.36
CA ALA B 85 -11.90 -8.03 -19.76
C ALA B 85 -11.73 -9.56 -19.89
N ALA B 86 -12.26 -10.30 -18.93
CA ALA B 86 -12.16 -11.76 -18.92
C ALA B 86 -13.02 -12.38 -20.06
N VAL B 87 -14.23 -11.87 -20.24
CA VAL B 87 -15.10 -12.36 -21.33
C VAL B 87 -14.38 -12.07 -22.67
N ALA B 88 -13.79 -10.89 -22.80
CA ALA B 88 -13.06 -10.52 -24.04
C ALA B 88 -11.93 -11.53 -24.33
N ALA B 89 -11.06 -11.74 -23.35
CA ALA B 89 -9.95 -12.67 -23.53
C ALA B 89 -10.48 -14.02 -23.99
N HIS B 90 -11.48 -14.54 -23.27
CA HIS B 90 -12.04 -15.82 -23.62
C HIS B 90 -12.62 -15.86 -25.04
N LEU B 91 -13.10 -14.70 -25.51
CA LEU B 91 -13.68 -14.67 -26.85
C LEU B 91 -12.61 -14.39 -27.91
N GLY B 92 -11.43 -14.00 -27.45
CA GLY B 92 -10.37 -13.69 -28.40
C GLY B 92 -10.58 -12.27 -28.91
N MET B 93 -11.26 -11.46 -28.10
CA MET B 93 -11.53 -10.07 -28.46
C MET B 93 -10.63 -9.12 -27.69
N LYS B 94 -10.36 -7.96 -28.28
CA LYS B 94 -9.54 -6.96 -27.61
C LYS B 94 -10.49 -6.32 -26.59
N CYS B 95 -9.95 -5.50 -25.71
CA CYS B 95 -10.79 -4.87 -24.73
C CYS B 95 -10.20 -3.55 -24.33
N VAL B 96 -11.06 -2.53 -24.29
CA VAL B 96 -10.67 -1.19 -23.89
C VAL B 96 -11.59 -0.80 -22.74
N LEU B 97 -11.01 -0.41 -21.62
CA LEU B 97 -11.78 -0.04 -20.45
C LEU B 97 -11.51 1.39 -20.05
N VAL B 98 -12.59 2.12 -19.83
CA VAL B 98 -12.52 3.51 -19.42
C VAL B 98 -12.76 3.51 -17.92
N GLN B 99 -11.73 3.71 -17.12
CA GLN B 99 -11.89 3.70 -15.66
C GLN B 99 -11.68 5.07 -15.05
N GLU B 100 -12.67 5.56 -14.33
CA GLU B 100 -12.47 6.86 -13.69
C GLU B 100 -12.68 6.68 -12.21
N ASN B 101 -12.22 7.64 -11.41
CA ASN B 101 -12.45 7.46 -9.99
C ASN B 101 -13.83 8.00 -9.69
N TRP B 102 -14.76 7.07 -9.54
CA TRP B 102 -16.14 7.37 -9.25
C TRP B 102 -16.45 7.33 -7.76
N VAL B 103 -15.40 7.25 -6.96
CA VAL B 103 -15.58 7.17 -5.51
C VAL B 103 -14.67 8.14 -4.76
N ASN B 104 -15.23 8.80 -3.76
CA ASN B 104 -14.46 9.72 -2.95
C ASN B 104 -13.71 8.90 -1.92
N TYR B 105 -12.79 8.09 -2.42
CA TYR B 105 -12.01 7.21 -1.59
C TYR B 105 -10.57 7.21 -2.10
N SER B 106 -9.60 7.28 -1.18
CA SER B 106 -8.21 7.26 -1.60
C SER B 106 -7.45 6.24 -0.76
N ASP B 107 -6.92 5.24 -1.46
CA ASP B 107 -6.17 4.19 -0.82
C ASP B 107 -4.97 3.98 -1.71
N ALA B 108 -3.81 3.84 -1.08
CA ALA B 108 -2.53 3.71 -1.77
C ALA B 108 -2.50 2.66 -2.88
N VAL B 109 -3.24 1.57 -2.74
CA VAL B 109 -3.22 0.55 -3.78
C VAL B 109 -4.55 0.37 -4.52
N TYR B 110 -5.45 1.34 -4.39
CA TYR B 110 -6.77 1.27 -5.00
C TYR B 110 -6.81 0.93 -6.48
N ASP B 111 -5.83 1.45 -7.23
CA ASP B 111 -5.80 1.18 -8.65
C ASP B 111 -4.80 0.10 -9.03
N ARG B 112 -4.40 -0.72 -8.06
CA ARG B 112 -3.43 -1.79 -8.30
C ARG B 112 -3.74 -3.20 -7.78
N VAL B 113 -4.89 -3.37 -7.13
CA VAL B 113 -5.26 -4.67 -6.59
C VAL B 113 -6.68 -4.98 -7.03
N GLY B 114 -7.19 -6.13 -6.59
CA GLY B 114 -8.56 -6.46 -6.90
C GLY B 114 -8.99 -6.51 -8.34
N ASN B 115 -10.09 -5.84 -8.69
CA ASN B 115 -10.62 -5.91 -10.05
C ASN B 115 -9.75 -5.31 -11.14
N ILE B 116 -9.26 -4.09 -10.92
CA ILE B 116 -8.45 -3.45 -11.93
C ILE B 116 -7.16 -4.23 -12.17
N GLN B 117 -6.60 -4.83 -11.12
CA GLN B 117 -5.38 -5.61 -11.29
C GLN B 117 -5.67 -6.78 -12.26
N MET B 118 -6.77 -7.48 -12.03
CA MET B 118 -7.12 -8.59 -12.92
C MET B 118 -7.33 -8.14 -14.37
N SER B 119 -8.07 -7.04 -14.59
CA SER B 119 -8.29 -6.54 -15.95
C SER B 119 -6.96 -6.31 -16.69
N ARG B 120 -5.93 -5.83 -16.00
CA ARG B 120 -4.67 -5.61 -16.68
C ARG B 120 -3.99 -6.94 -16.99
N ILE B 121 -4.02 -7.87 -16.04
CA ILE B 121 -3.41 -9.16 -16.28
C ILE B 121 -4.12 -9.82 -17.46
N LEU B 122 -5.43 -9.67 -17.51
CA LEU B 122 -6.26 -10.25 -18.57
C LEU B 122 -6.03 -9.61 -19.97
N GLY B 123 -5.15 -8.63 -20.04
CA GLY B 123 -4.82 -7.99 -21.32
C GLY B 123 -5.66 -6.80 -21.78
N ALA B 124 -6.54 -6.28 -20.94
CA ALA B 124 -7.34 -5.14 -21.37
C ALA B 124 -6.54 -3.84 -21.35
N ASP B 125 -6.94 -2.89 -22.19
CA ASP B 125 -6.28 -1.58 -22.23
C ASP B 125 -7.06 -0.75 -21.23
N VAL B 126 -6.47 -0.59 -20.03
CA VAL B 126 -7.11 0.15 -18.96
C VAL B 126 -6.70 1.61 -18.98
N ARG B 127 -7.65 2.46 -19.39
CA ARG B 127 -7.45 3.90 -19.50
C ARG B 127 -8.05 4.64 -18.32
N LEU B 128 -7.17 5.26 -17.54
CA LEU B 128 -7.57 6.01 -16.36
C LEU B 128 -7.65 7.50 -16.71
N VAL B 129 -8.79 8.12 -16.43
CA VAL B 129 -8.99 9.52 -16.74
C VAL B 129 -7.85 10.43 -16.31
N ARG B 139 -15.93 13.90 -22.94
CA ARG B 139 -16.45 12.54 -22.83
C ARG B 139 -15.42 11.46 -23.18
N SER B 140 -14.84 10.84 -22.15
CA SER B 140 -13.84 9.79 -22.34
C SER B 140 -14.41 8.59 -23.10
N TRP B 141 -15.72 8.40 -22.95
CA TRP B 141 -16.44 7.29 -23.57
C TRP B 141 -16.33 7.22 -25.08
N GLU B 142 -16.91 8.22 -25.75
CA GLU B 142 -16.87 8.23 -27.21
C GLU B 142 -15.43 8.28 -27.69
N ASP B 143 -14.59 8.99 -26.95
CA ASP B 143 -13.19 9.10 -27.31
C ASP B 143 -12.62 7.71 -27.48
N ALA B 144 -12.91 6.85 -26.51
CA ALA B 144 -12.41 5.48 -26.52
C ALA B 144 -12.99 4.69 -27.69
N LEU B 145 -14.28 4.85 -27.94
CA LEU B 145 -14.91 4.14 -29.03
C LEU B 145 -14.25 4.57 -30.34
N GLU B 146 -14.12 5.88 -30.53
CA GLU B 146 -13.50 6.39 -31.75
C GLU B 146 -12.08 5.87 -31.94
N SER B 147 -11.31 5.85 -30.86
CA SER B 147 -9.94 5.38 -30.95
C SER B 147 -9.88 3.96 -31.48
N VAL B 148 -10.89 3.16 -31.14
CA VAL B 148 -10.96 1.78 -31.61
C VAL B 148 -11.16 1.75 -33.12
N ARG B 149 -12.18 2.48 -33.59
CA ARG B 149 -12.46 2.53 -35.01
C ARG B 149 -11.23 3.01 -35.76
N ALA B 150 -10.78 4.21 -35.44
CA ALA B 150 -9.61 4.79 -36.08
C ALA B 150 -8.44 3.80 -36.10
N ALA B 151 -8.35 2.98 -35.05
CA ALA B 151 -7.26 2.01 -34.97
C ALA B 151 -7.47 0.87 -35.98
N GLY B 152 -8.67 0.81 -36.55
CA GLY B 152 -8.98 -0.21 -37.53
C GLY B 152 -9.82 -1.37 -37.01
N GLY B 153 -10.30 -1.25 -35.78
CA GLY B 153 -11.11 -2.32 -35.20
C GLY B 153 -12.55 -1.91 -35.06
N LYS B 154 -13.41 -2.89 -34.83
CA LYS B 154 -14.83 -2.62 -34.68
C LYS B 154 -15.23 -2.88 -33.22
N PRO B 155 -15.61 -1.81 -32.51
CA PRO B 155 -16.00 -1.92 -31.11
C PRO B 155 -17.45 -2.23 -30.81
N TYR B 156 -17.64 -2.98 -29.73
CA TYR B 156 -18.98 -3.27 -29.24
C TYR B 156 -19.03 -2.47 -27.94
N ALA B 157 -19.95 -1.52 -27.88
CA ALA B 157 -20.09 -0.66 -26.71
C ALA B 157 -20.93 -1.27 -25.60
N ILE B 158 -20.34 -1.43 -24.41
CA ILE B 158 -21.09 -1.98 -23.28
C ILE B 158 -21.16 -0.86 -22.23
N PRO B 159 -22.35 -0.27 -22.06
CA PRO B 159 -22.52 0.80 -21.06
C PRO B 159 -22.28 0.33 -19.62
N ALA B 160 -22.21 1.29 -18.70
CA ALA B 160 -21.94 0.96 -17.30
C ALA B 160 -22.84 -0.14 -16.77
N GLY B 161 -22.21 -1.12 -16.14
CA GLY B 161 -22.95 -2.24 -15.58
C GLY B 161 -23.79 -3.00 -16.58
N CYS B 162 -23.58 -2.75 -17.87
CA CYS B 162 -24.36 -3.41 -18.92
C CYS B 162 -25.82 -3.00 -18.87
N SER B 163 -26.18 -2.16 -17.91
CA SER B 163 -27.59 -1.83 -17.73
C SER B 163 -28.40 -1.08 -18.80
N ASP B 164 -28.03 0.15 -19.13
CA ASP B 164 -28.79 0.93 -20.10
C ASP B 164 -28.49 0.49 -21.53
N HIS B 165 -28.92 -0.71 -21.87
CA HIS B 165 -28.69 -1.30 -23.19
C HIS B 165 -29.94 -2.11 -23.50
N PRO B 166 -30.28 -2.22 -24.78
CA PRO B 166 -31.46 -2.96 -25.23
C PRO B 166 -31.51 -4.41 -24.76
N LEU B 167 -30.34 -5.02 -24.60
CA LEU B 167 -30.26 -6.42 -24.18
C LEU B 167 -29.87 -6.57 -22.71
N GLY B 168 -29.57 -5.44 -22.07
CA GLY B 168 -29.13 -5.44 -20.68
C GLY B 168 -30.00 -6.02 -19.59
N GLY B 169 -31.29 -6.17 -19.83
CA GLY B 169 -32.15 -6.70 -18.79
C GLY B 169 -32.46 -8.17 -18.97
N LEU B 170 -32.14 -8.69 -20.14
CA LEU B 170 -32.45 -10.08 -20.47
C LEU B 170 -31.87 -11.12 -19.52
N GLY B 171 -30.62 -10.92 -19.12
CA GLY B 171 -29.97 -11.86 -18.22
C GLY B 171 -30.76 -12.17 -16.97
N PHE B 172 -31.28 -11.14 -16.30
CA PHE B 172 -32.02 -11.45 -15.09
C PHE B 172 -33.46 -11.79 -15.25
N VAL B 173 -33.98 -11.69 -16.48
CA VAL B 173 -35.35 -12.14 -16.71
C VAL B 173 -35.09 -13.65 -16.61
N GLY B 174 -33.99 -14.09 -17.24
CA GLY B 174 -33.61 -15.49 -17.20
C GLY B 174 -33.37 -16.00 -15.78
N PHE B 175 -32.90 -15.11 -14.91
CA PHE B 175 -32.67 -15.42 -13.50
C PHE B 175 -33.97 -15.85 -12.84
N ALA B 176 -35.06 -15.11 -13.10
CA ALA B 176 -36.36 -15.40 -12.52
C ALA B 176 -36.87 -16.73 -13.05
N GLU B 177 -36.60 -16.98 -14.31
CA GLU B 177 -37.01 -18.22 -14.93
C GLU B 177 -36.27 -19.35 -14.22
N GLU B 178 -34.95 -19.19 -14.05
CA GLU B 178 -34.09 -20.18 -13.38
C GLU B 178 -34.64 -20.45 -11.98
N VAL B 179 -34.87 -19.39 -11.21
CA VAL B 179 -35.42 -19.55 -9.88
C VAL B 179 -36.72 -20.36 -9.90
N ARG B 180 -37.60 -20.10 -10.87
CA ARG B 180 -38.85 -20.86 -10.95
C ARG B 180 -38.54 -22.34 -11.12
N ALA B 181 -37.62 -22.66 -12.03
CA ALA B 181 -37.27 -24.05 -12.29
C ALA B 181 -36.70 -24.73 -11.02
N GLN B 182 -35.98 -23.96 -10.22
CA GLN B 182 -35.38 -24.47 -9.00
C GLN B 182 -36.43 -24.63 -7.90
N GLU B 183 -37.42 -23.75 -7.88
CA GLU B 183 -38.47 -23.86 -6.88
C GLU B 183 -39.28 -25.14 -7.14
N ALA B 184 -39.41 -25.49 -8.42
CA ALA B 184 -40.13 -26.71 -8.82
C ALA B 184 -39.37 -27.90 -8.26
N GLU B 185 -38.04 -27.82 -8.27
CA GLU B 185 -37.20 -28.89 -7.74
C GLU B 185 -37.14 -28.97 -6.21
N LEU B 186 -37.21 -27.83 -5.55
CA LEU B 186 -37.16 -27.79 -4.09
C LEU B 186 -38.51 -28.15 -3.51
N GLY B 187 -39.56 -27.94 -4.30
CA GLY B 187 -40.89 -28.25 -3.82
C GLY B 187 -41.49 -27.11 -3.01
N PHE B 188 -40.88 -25.93 -3.08
CA PHE B 188 -41.42 -24.76 -2.38
C PHE B 188 -41.00 -23.49 -3.11
N LYS B 189 -41.65 -22.37 -2.79
CA LYS B 189 -41.32 -21.11 -3.44
C LYS B 189 -40.70 -20.14 -2.45
N PHE B 190 -39.91 -19.21 -2.97
CA PHE B 190 -39.31 -18.19 -2.13
C PHE B 190 -40.32 -17.06 -2.08
N ASP B 191 -40.43 -16.40 -0.93
CA ASP B 191 -41.37 -15.30 -0.78
C ASP B 191 -40.83 -13.93 -1.18
N TYR B 192 -39.52 -13.76 -1.12
CA TYR B 192 -38.88 -12.50 -1.50
C TYR B 192 -37.46 -12.74 -1.99
N VAL B 193 -36.94 -11.77 -2.73
CA VAL B 193 -35.56 -11.80 -3.19
C VAL B 193 -35.01 -10.43 -2.76
N VAL B 194 -33.78 -10.42 -2.26
CA VAL B 194 -33.13 -9.18 -1.87
C VAL B 194 -32.02 -9.03 -2.89
N VAL B 195 -31.89 -7.85 -3.48
CA VAL B 195 -30.86 -7.65 -4.48
C VAL B 195 -30.29 -6.25 -4.40
N CYS B 196 -28.98 -6.15 -4.57
CA CYS B 196 -28.33 -4.85 -4.52
C CYS B 196 -28.53 -4.15 -5.86
N SER B 197 -28.83 -2.86 -5.84
CA SER B 197 -29.03 -2.12 -7.08
C SER B 197 -28.24 -0.81 -7.22
N VAL B 198 -27.62 -0.65 -8.38
CA VAL B 198 -26.89 0.57 -8.69
C VAL B 198 -27.20 1.03 -10.12
N THR B 199 -26.74 0.33 -11.18
CA THR B 199 -27.07 0.80 -12.52
C THR B 199 -28.46 0.30 -12.97
N GLY B 200 -29.01 -0.66 -12.22
CA GLY B 200 -30.37 -1.10 -12.47
C GLY B 200 -30.88 -2.26 -13.31
N SER B 201 -30.15 -2.73 -14.31
CA SER B 201 -30.69 -3.80 -15.13
C SER B 201 -30.74 -5.17 -14.44
N THR B 202 -30.03 -5.32 -13.33
CA THR B 202 -30.11 -6.58 -12.61
C THR B 202 -31.52 -6.67 -12.03
N GLN B 203 -31.87 -5.69 -11.21
CA GLN B 203 -33.19 -5.69 -10.61
C GLN B 203 -34.27 -5.57 -11.67
N ALA B 204 -33.98 -4.83 -12.73
CA ALA B 204 -34.98 -4.65 -13.81
C ALA B 204 -35.36 -5.98 -14.43
N GLY B 205 -34.34 -6.80 -14.72
CA GLY B 205 -34.57 -8.11 -15.29
C GLY B 205 -35.42 -8.92 -14.34
N MET B 206 -35.06 -8.89 -13.06
CA MET B 206 -35.80 -9.64 -12.04
C MET B 206 -37.25 -9.20 -11.95
N VAL B 207 -37.47 -7.89 -11.99
CA VAL B 207 -38.81 -7.32 -11.92
C VAL B 207 -39.64 -7.86 -13.10
N VAL B 208 -39.07 -7.82 -14.30
CA VAL B 208 -39.79 -8.32 -15.48
C VAL B 208 -40.02 -9.83 -15.39
N GLY B 209 -39.00 -10.57 -14.97
CA GLY B 209 -39.13 -12.01 -14.84
C GLY B 209 -40.13 -12.47 -13.79
N PHE B 210 -40.20 -11.75 -12.67
CA PHE B 210 -41.11 -12.13 -11.61
C PHE B 210 -42.50 -11.52 -11.76
N ALA B 211 -42.59 -10.49 -12.59
CA ALA B 211 -43.89 -9.87 -12.85
C ALA B 211 -44.71 -10.96 -13.54
N ALA B 212 -44.02 -11.83 -14.29
CA ALA B 212 -44.66 -12.92 -15.00
C ALA B 212 -45.43 -13.86 -14.10
N ASP B 213 -44.99 -14.09 -12.85
CA ASP B 213 -45.78 -14.94 -11.98
C ASP B 213 -46.36 -14.18 -10.78
N GLY B 214 -46.48 -12.86 -10.94
CA GLY B 214 -47.06 -12.01 -9.92
C GLY B 214 -46.23 -11.67 -8.69
N ARG B 215 -44.91 -11.67 -8.82
CA ARG B 215 -44.08 -11.39 -7.68
C ARG B 215 -43.09 -10.23 -7.88
N ALA B 216 -43.35 -9.37 -8.86
CA ALA B 216 -42.44 -8.26 -9.11
C ALA B 216 -42.17 -7.48 -7.81
N ASP B 217 -43.21 -7.28 -7.01
CA ASP B 217 -43.04 -6.53 -5.78
C ASP B 217 -42.42 -7.36 -4.64
N ARG B 218 -42.07 -8.62 -4.94
CA ARG B 218 -41.42 -9.45 -3.93
C ARG B 218 -39.90 -9.28 -4.13
N VAL B 219 -39.49 -8.63 -5.22
CA VAL B 219 -38.07 -8.39 -5.46
C VAL B 219 -37.70 -7.15 -4.66
N ILE B 220 -36.96 -7.34 -3.59
CA ILE B 220 -36.58 -6.22 -2.73
C ILE B 220 -35.21 -5.65 -3.05
N GLY B 221 -35.20 -4.58 -3.85
CA GLY B 221 -33.95 -3.95 -4.22
C GLY B 221 -33.38 -3.13 -3.07
N VAL B 222 -32.05 -3.14 -2.92
CA VAL B 222 -31.42 -2.36 -1.88
C VAL B 222 -30.49 -1.43 -2.61
N ASP B 223 -30.78 -0.14 -2.54
CA ASP B 223 -29.94 0.85 -3.20
C ASP B 223 -28.53 0.94 -2.62
N ALA B 224 -27.53 0.98 -3.52
CA ALA B 224 -26.14 1.10 -3.11
C ALA B 224 -25.51 2.28 -3.83
N SER B 225 -26.31 3.00 -4.61
CA SER B 225 -25.77 4.16 -5.35
C SER B 225 -25.74 5.43 -4.48
N ALA B 226 -26.61 5.49 -3.47
CA ALA B 226 -26.75 6.66 -2.62
C ALA B 226 -27.40 7.80 -3.41
N LYS B 227 -28.02 7.45 -4.54
CA LYS B 227 -28.76 8.38 -5.41
C LYS B 227 -30.01 7.57 -5.75
N PRO B 228 -30.84 7.28 -4.73
CA PRO B 228 -32.08 6.50 -4.82
C PRO B 228 -33.00 6.85 -5.99
N ALA B 229 -33.27 8.14 -6.14
CA ALA B 229 -34.17 8.63 -7.18
C ALA B 229 -33.69 8.29 -8.57
N GLN B 230 -32.44 8.59 -8.86
CA GLN B 230 -31.89 8.28 -10.15
C GLN B 230 -31.86 6.75 -10.39
N THR B 231 -31.43 6.00 -9.39
CA THR B 231 -31.37 4.55 -9.54
C THR B 231 -32.76 3.92 -9.71
N ARG B 232 -33.74 4.38 -8.94
CA ARG B 232 -35.10 3.85 -9.03
C ARG B 232 -35.67 4.08 -10.43
N GLU B 233 -35.36 5.24 -11.00
CA GLU B 233 -35.84 5.60 -12.33
C GLU B 233 -35.15 4.72 -13.38
N GLN B 234 -33.87 4.45 -13.19
CA GLN B 234 -33.16 3.62 -14.17
C GLN B 234 -33.76 2.21 -14.16
N ILE B 235 -34.01 1.66 -12.98
CA ILE B 235 -34.60 0.32 -12.87
C ILE B 235 -35.96 0.26 -13.60
N THR B 236 -36.80 1.26 -13.35
CA THR B 236 -38.12 1.34 -13.95
C THR B 236 -38.05 1.44 -15.47
N ARG B 237 -37.26 2.39 -15.94
CA ARG B 237 -37.07 2.59 -17.36
C ARG B 237 -36.64 1.31 -18.06
N ILE B 238 -35.61 0.67 -17.55
CA ILE B 238 -35.10 -0.57 -18.14
C ILE B 238 -36.11 -1.71 -18.02
N ALA B 239 -36.81 -1.78 -16.90
CA ALA B 239 -37.82 -2.84 -16.71
C ALA B 239 -38.92 -2.67 -17.77
N ARG B 240 -39.30 -1.44 -18.03
CA ARG B 240 -40.31 -1.20 -19.05
C ARG B 240 -39.80 -1.61 -20.42
N GLN B 241 -38.57 -1.22 -20.75
CA GLN B 241 -37.99 -1.56 -22.04
C GLN B 241 -37.82 -3.07 -22.21
N THR B 242 -37.38 -3.74 -21.17
CA THR B 242 -37.17 -5.17 -21.22
C THR B 242 -38.49 -5.94 -21.31
N ALA B 243 -39.52 -5.46 -20.61
CA ALA B 243 -40.82 -6.13 -20.62
C ALA B 243 -41.43 -6.12 -22.03
N GLU B 244 -41.16 -5.05 -22.76
CA GLU B 244 -41.64 -4.89 -24.13
C GLU B 244 -40.88 -5.92 -24.98
N LYS B 245 -39.58 -6.04 -24.73
CA LYS B 245 -38.69 -6.96 -25.45
C LYS B 245 -39.09 -8.43 -25.30
N VAL B 246 -39.45 -8.82 -24.08
CA VAL B 246 -39.81 -10.21 -23.83
C VAL B 246 -41.29 -10.53 -23.99
N GLY B 247 -42.08 -9.51 -24.30
CA GLY B 247 -43.50 -9.71 -24.53
C GLY B 247 -44.36 -9.82 -23.29
N LEU B 248 -43.89 -9.26 -22.18
CA LEU B 248 -44.69 -9.30 -20.95
C LEU B 248 -46.04 -8.69 -21.30
N GLU B 249 -47.13 -9.31 -20.83
CA GLU B 249 -48.46 -8.79 -21.12
C GLU B 249 -48.86 -7.76 -20.07
N ARG B 250 -48.02 -6.76 -19.86
CA ARG B 250 -48.36 -5.78 -18.84
C ARG B 250 -47.45 -4.59 -18.79
N ASP B 251 -47.91 -3.54 -18.13
CA ASP B 251 -47.11 -2.35 -17.96
C ASP B 251 -46.43 -2.52 -16.61
N ILE B 252 -45.22 -1.98 -16.49
CA ILE B 252 -44.51 -2.05 -15.22
C ILE B 252 -44.94 -0.80 -14.47
N MET B 253 -45.53 -1.00 -13.30
CA MET B 253 -46.01 0.10 -12.48
C MET B 253 -45.00 0.41 -11.36
N ARG B 254 -45.15 1.59 -10.77
CA ARG B 254 -44.28 2.02 -9.70
C ARG B 254 -44.29 1.00 -8.55
N ALA B 255 -45.42 0.35 -8.34
CA ALA B 255 -45.55 -0.65 -7.28
C ALA B 255 -44.73 -1.89 -7.56
N ASP B 256 -44.24 -2.04 -8.78
CA ASP B 256 -43.44 -3.20 -9.13
C ASP B 256 -41.96 -3.02 -8.80
N VAL B 257 -41.55 -1.77 -8.59
CA VAL B 257 -40.17 -1.46 -8.28
C VAL B 257 -39.97 -1.02 -6.83
N VAL B 258 -39.44 -1.94 -6.02
CA VAL B 258 -39.18 -1.66 -4.61
C VAL B 258 -37.68 -1.45 -4.47
N LEU B 259 -37.31 -0.27 -3.96
CA LEU B 259 -35.90 0.07 -3.76
C LEU B 259 -35.70 0.66 -2.36
N ASP B 260 -35.12 -0.11 -1.45
CA ASP B 260 -34.89 0.37 -0.08
C ASP B 260 -33.72 1.35 -0.14
N GLU B 261 -33.89 2.50 0.52
CA GLU B 261 -32.89 3.55 0.48
C GLU B 261 -32.04 3.67 1.73
N ARG B 262 -32.47 3.00 2.80
CA ARG B 262 -31.80 3.07 4.10
C ARG B 262 -30.39 2.50 4.24
N PHE B 263 -29.84 1.88 3.20
CA PHE B 263 -28.57 1.22 3.38
C PHE B 263 -27.41 1.60 2.47
N ALA B 264 -27.61 2.60 1.63
CA ALA B 264 -26.59 3.02 0.68
C ALA B 264 -25.48 3.86 1.27
N GLY B 265 -25.75 4.43 2.43
CA GLY B 265 -24.81 5.34 3.06
C GLY B 265 -23.37 4.94 3.23
N PRO B 266 -22.46 5.93 3.29
CA PRO B 266 -22.78 7.36 3.18
C PRO B 266 -22.66 7.86 1.74
N GLU B 267 -22.03 7.07 0.88
CA GLU B 267 -21.86 7.41 -0.53
C GLU B 267 -21.64 6.15 -1.35
N TYR B 268 -21.75 6.27 -2.67
CA TYR B 268 -21.48 5.11 -3.52
C TYR B 268 -20.01 4.80 -3.31
N GLY B 269 -19.70 3.52 -3.07
CA GLY B 269 -18.31 3.11 -2.88
C GLY B 269 -17.74 3.20 -1.47
N LEU B 270 -18.51 3.74 -0.53
CA LEU B 270 -18.06 3.87 0.83
C LEU B 270 -18.98 3.13 1.77
N PRO B 271 -18.42 2.26 2.64
CA PRO B 271 -19.27 1.51 3.56
C PRO B 271 -19.57 2.32 4.81
N ASN B 272 -20.65 2.00 5.51
CA ASN B 272 -20.93 2.67 6.77
C ASN B 272 -20.61 1.54 7.77
N GLU B 273 -20.73 1.83 9.06
CA GLU B 273 -20.47 0.86 10.11
C GLU B 273 -21.42 -0.32 10.04
N GLY B 274 -22.62 -0.08 9.54
CA GLY B 274 -23.58 -1.16 9.43
C GLY B 274 -23.15 -2.07 8.30
N THR B 275 -22.58 -1.48 7.26
CA THR B 275 -22.10 -2.26 6.13
C THR B 275 -21.05 -3.24 6.65
N LEU B 276 -20.06 -2.71 7.38
CA LEU B 276 -18.97 -3.51 7.91
C LEU B 276 -19.45 -4.62 8.84
N GLU B 277 -20.35 -4.29 9.76
CA GLU B 277 -20.87 -5.30 10.66
C GLU B 277 -21.63 -6.38 9.90
N ALA B 278 -22.34 -6.00 8.85
CA ALA B 278 -23.05 -6.99 8.04
C ALA B 278 -22.07 -7.92 7.30
N ILE B 279 -20.98 -7.37 6.78
CA ILE B 279 -19.99 -8.18 6.07
C ILE B 279 -19.37 -9.18 7.08
N ARG B 280 -19.03 -8.69 8.28
CA ARG B 280 -18.45 -9.55 9.30
C ARG B 280 -19.42 -10.63 9.77
N LEU B 281 -20.65 -10.25 10.09
CA LEU B 281 -21.63 -11.24 10.58
C LEU B 281 -21.88 -12.42 9.60
N CYS B 282 -22.10 -12.05 8.36
CA CYS B 282 -22.37 -13.03 7.32
C CYS B 282 -21.15 -13.93 7.09
N ALA B 283 -19.96 -13.33 7.03
CA ALA B 283 -18.77 -14.13 6.80
C ALA B 283 -18.54 -15.09 7.96
N ARG B 284 -18.76 -14.61 9.18
CA ARG B 284 -18.50 -15.42 10.37
C ARG B 284 -19.56 -16.45 10.71
N THR B 285 -20.74 -16.36 10.11
CA THR B 285 -21.77 -17.36 10.38
C THR B 285 -21.97 -18.32 9.19
N GLU B 286 -21.57 -17.91 7.99
CA GLU B 286 -21.79 -18.72 6.81
C GLU B 286 -20.56 -18.99 5.98
N GLY B 287 -19.49 -18.22 6.22
CA GLY B 287 -18.27 -18.40 5.43
C GLY B 287 -18.45 -17.78 4.06
N MET B 288 -19.49 -16.98 3.93
CA MET B 288 -19.78 -16.29 2.64
C MET B 288 -19.35 -14.83 2.77
N LEU B 289 -18.37 -14.44 1.96
CA LEU B 289 -17.89 -13.07 1.99
C LEU B 289 -18.72 -12.14 1.08
N THR B 290 -18.83 -10.87 1.48
CA THR B 290 -19.52 -9.83 0.69
C THR B 290 -18.58 -8.61 0.73
N ASP B 291 -18.77 -7.65 -0.18
CA ASP B 291 -17.88 -6.49 -0.26
C ASP B 291 -18.49 -5.18 0.31
N PRO B 292 -17.64 -4.18 0.58
CA PRO B 292 -18.08 -2.90 1.13
C PRO B 292 -18.78 -1.91 0.17
N VAL B 293 -18.80 -2.22 -1.13
CA VAL B 293 -19.46 -1.33 -2.10
C VAL B 293 -20.90 -1.76 -2.42
N TYR B 294 -21.08 -3.04 -2.74
CA TYR B 294 -22.38 -3.55 -3.12
C TYR B 294 -23.03 -4.56 -2.21
N GLU B 295 -22.59 -5.81 -2.31
CA GLU B 295 -23.21 -6.90 -1.56
C GLU B 295 -23.28 -6.70 -0.05
N GLY B 296 -22.25 -6.09 0.52
CA GLY B 296 -22.26 -5.83 1.94
C GLY B 296 -23.43 -4.94 2.29
N LYS B 297 -23.82 -4.06 1.36
CA LYS B 297 -24.95 -3.17 1.62
C LYS B 297 -26.29 -3.88 1.47
N SER B 298 -26.41 -4.78 0.49
CA SER B 298 -27.65 -5.54 0.37
C SER B 298 -27.75 -6.54 1.52
N MET B 299 -26.61 -7.09 1.96
CA MET B 299 -26.57 -8.02 3.09
C MET B 299 -26.98 -7.28 4.37
N HIS B 300 -26.44 -6.08 4.56
CA HIS B 300 -26.81 -5.23 5.71
C HIS B 300 -28.35 -5.04 5.68
N GLY B 301 -28.85 -4.66 4.51
CA GLY B 301 -30.29 -4.45 4.35
C GLY B 301 -31.08 -5.68 4.74
N MET B 302 -30.71 -6.85 4.20
CA MET B 302 -31.43 -8.07 4.54
C MET B 302 -31.40 -8.40 6.02
N ILE B 303 -30.24 -8.26 6.64
CA ILE B 303 -30.12 -8.58 8.08
C ILE B 303 -30.99 -7.66 8.93
N GLU B 304 -31.02 -6.38 8.55
CA GLU B 304 -31.78 -5.37 9.27
C GLU B 304 -33.28 -5.61 9.10
N MET B 305 -33.69 -5.94 7.88
CA MET B 305 -35.10 -6.21 7.61
C MET B 305 -35.56 -7.33 8.54
N VAL B 306 -34.73 -8.37 8.65
CA VAL B 306 -35.03 -9.51 9.50
C VAL B 306 -35.11 -9.07 10.96
N ARG B 307 -34.08 -8.35 11.39
CA ARG B 307 -34.00 -7.88 12.77
C ARG B 307 -35.22 -7.03 13.15
N ASN B 308 -35.67 -6.17 12.24
CA ASN B 308 -36.84 -5.31 12.49
C ASN B 308 -38.19 -6.03 12.35
N GLY B 309 -38.18 -7.30 11.97
CA GLY B 309 -39.41 -8.04 11.81
C GLY B 309 -40.19 -7.62 10.56
N GLU B 310 -39.49 -7.09 9.56
CA GLU B 310 -40.16 -6.65 8.34
C GLU B 310 -40.60 -7.77 7.40
N PHE B 311 -40.04 -8.96 7.58
CA PHE B 311 -40.43 -10.11 6.77
C PHE B 311 -41.41 -10.91 7.62
N PRO B 312 -42.52 -11.35 7.03
CA PRO B 312 -43.47 -12.12 7.83
C PRO B 312 -42.78 -13.37 8.38
N GLU B 313 -43.18 -13.80 9.57
CA GLU B 313 -42.58 -14.99 10.16
C GLU B 313 -42.82 -16.18 9.24
N GLY B 314 -41.78 -16.96 8.96
CA GLY B 314 -41.93 -18.10 8.08
C GLY B 314 -41.51 -17.82 6.64
N SER B 315 -41.26 -16.56 6.31
CA SER B 315 -40.83 -16.20 4.96
C SER B 315 -39.52 -16.88 4.58
N ARG B 316 -39.40 -17.22 3.30
CA ARG B 316 -38.19 -17.81 2.75
C ARG B 316 -37.66 -16.66 1.91
N VAL B 317 -36.47 -16.16 2.24
CA VAL B 317 -35.89 -15.04 1.50
C VAL B 317 -34.66 -15.44 0.70
N LEU B 318 -34.70 -15.19 -0.60
CA LEU B 318 -33.58 -15.51 -1.47
C LEU B 318 -32.70 -14.29 -1.68
N TYR B 319 -31.53 -14.34 -1.07
CA TYR B 319 -30.54 -13.27 -1.20
C TYR B 319 -29.79 -13.56 -2.49
N ALA B 320 -29.66 -12.56 -3.36
CA ALA B 320 -28.93 -12.78 -4.60
C ALA B 320 -27.54 -12.20 -4.44
N HIS B 321 -26.54 -13.07 -4.34
CA HIS B 321 -25.20 -12.58 -4.16
C HIS B 321 -24.61 -12.39 -5.53
N LEU B 322 -24.53 -11.12 -5.91
CA LEU B 322 -24.07 -10.72 -7.23
C LEU B 322 -22.57 -10.70 -7.50
N GLY B 323 -21.74 -10.92 -6.48
CA GLY B 323 -20.29 -10.93 -6.66
C GLY B 323 -19.62 -9.78 -5.94
N GLY B 324 -18.54 -9.26 -6.53
CA GLY B 324 -17.87 -8.10 -5.97
C GLY B 324 -16.79 -8.28 -4.93
N VAL B 325 -16.63 -9.49 -4.40
CA VAL B 325 -15.65 -9.70 -3.35
C VAL B 325 -14.22 -9.20 -3.62
N PRO B 326 -13.69 -9.35 -4.86
CA PRO B 326 -12.32 -8.87 -5.12
C PRO B 326 -12.07 -7.41 -4.71
N ALA B 327 -13.11 -6.59 -4.75
CA ALA B 327 -12.97 -5.18 -4.36
C ALA B 327 -12.50 -5.03 -2.91
N LEU B 328 -12.71 -6.08 -2.09
CA LEU B 328 -12.25 -6.03 -0.68
C LEU B 328 -10.77 -5.57 -0.57
N ASN B 329 -9.95 -5.98 -1.52
CA ASN B 329 -8.53 -5.61 -1.48
C ASN B 329 -8.24 -4.10 -1.54
N GLY B 330 -9.18 -3.31 -2.06
CA GLY B 330 -8.95 -1.88 -2.11
C GLY B 330 -9.34 -1.20 -0.80
N TYR B 331 -9.78 -1.99 0.19
CA TYR B 331 -10.21 -1.47 1.50
C TYR B 331 -9.48 -2.26 2.60
N SER B 332 -8.20 -2.53 2.38
CA SER B 332 -7.42 -3.30 3.34
C SER B 332 -7.35 -2.71 4.76
N PHE B 333 -7.07 -1.42 4.88
CA PHE B 333 -6.97 -0.81 6.20
C PHE B 333 -8.23 -0.97 7.05
N ILE B 334 -9.41 -0.82 6.46
CA ILE B 334 -10.64 -0.96 7.25
C ILE B 334 -10.72 -2.35 7.92
N PHE B 335 -10.18 -3.37 7.27
CA PHE B 335 -10.26 -4.73 7.80
C PHE B 335 -8.98 -5.31 8.39
N ARG B 336 -8.00 -4.46 8.64
CA ARG B 336 -6.70 -4.91 9.14
C ARG B 336 -6.75 -5.75 10.40
N ASP B 337 -7.76 -5.54 11.23
CA ASP B 337 -7.91 -6.32 12.47
C ASP B 337 -9.19 -7.17 12.44
N GLY B 338 -9.80 -7.31 11.27
CA GLY B 338 -11.03 -8.05 11.14
C GLY B 338 -12.13 -7.16 10.55
N MET C 1 8.42 40.85 30.05
CA MET C 1 8.40 39.41 30.44
C MET C 1 9.81 38.86 30.62
N ASN C 2 9.90 37.61 31.05
CA ASN C 2 11.18 36.97 31.28
C ASN C 2 11.11 35.47 31.01
N LEU C 3 11.40 35.09 29.77
CA LEU C 3 11.38 33.69 29.36
C LEU C 3 12.69 33.03 29.74
N GLN C 4 13.75 33.83 29.73
CA GLN C 4 15.09 33.37 30.05
C GLN C 4 15.18 32.72 31.42
N ARG C 5 14.16 32.92 32.26
CA ARG C 5 14.16 32.29 33.58
C ARG C 5 14.03 30.77 33.47
N PHE C 6 13.40 30.30 32.38
CA PHE C 6 13.19 28.86 32.17
C PHE C 6 14.30 28.24 31.33
N PRO C 7 14.88 27.11 31.79
CA PRO C 7 15.95 26.41 31.09
C PRO C 7 15.49 25.88 29.74
N ARG C 8 16.40 25.90 28.75
CA ARG C 8 16.08 25.40 27.42
C ARG C 8 17.12 24.38 27.02
N TYR C 9 16.67 23.15 26.78
CA TYR C 9 17.56 22.08 26.36
C TYR C 9 17.68 22.14 24.84
N PRO C 10 18.92 22.20 24.34
CA PRO C 10 19.18 22.29 22.90
C PRO C 10 18.75 21.02 22.18
N LEU C 11 17.79 21.16 21.27
CA LEU C 11 17.32 20.02 20.49
C LEU C 11 17.29 20.44 19.04
N THR C 12 17.67 21.69 18.81
CA THR C 12 17.67 22.27 17.48
C THR C 12 19.07 22.75 17.08
N PHE C 13 19.17 23.21 15.84
CA PHE C 13 20.45 23.71 15.30
C PHE C 13 20.69 25.18 15.68
N GLY C 14 19.67 25.83 16.25
CA GLY C 14 19.81 27.24 16.60
C GLY C 14 18.65 27.96 15.93
N PRO C 15 18.70 29.30 15.83
CA PRO C 15 17.60 30.05 15.20
C PRO C 15 17.24 29.48 13.83
N THR C 16 15.96 29.51 13.48
CA THR C 16 15.55 29.00 12.19
C THR C 16 15.54 30.12 11.16
N PRO C 17 15.95 29.80 9.91
CA PRO C 17 16.01 30.77 8.82
C PRO C 17 14.70 31.32 8.26
N ILE C 18 14.77 32.55 7.76
CA ILE C 18 13.60 33.15 7.16
C ILE C 18 13.97 33.26 5.70
N GLN C 19 13.05 32.86 4.83
CA GLN C 19 13.32 32.89 3.42
C GLN C 19 12.22 33.60 2.69
N PRO C 20 12.57 34.40 1.66
CA PRO C 20 11.51 35.08 0.94
C PRO C 20 10.84 34.06 0.01
N LEU C 21 9.54 34.23 -0.25
CA LEU C 21 8.83 33.36 -1.15
C LEU C 21 8.51 34.25 -2.34
N ALA C 22 9.60 34.70 -2.97
CA ALA C 22 9.54 35.61 -4.10
C ALA C 22 8.71 35.13 -5.28
N ARG C 23 8.91 33.87 -5.67
CA ARG C 23 8.18 33.36 -6.81
C ARG C 23 6.70 33.26 -6.48
N LEU C 24 6.38 32.74 -5.30
CA LEU C 24 4.97 32.64 -4.93
C LEU C 24 4.39 34.06 -4.83
N SER C 25 5.15 34.97 -4.23
CA SER C 25 4.69 36.36 -4.09
C SER C 25 4.39 36.99 -5.43
N LYS C 26 5.34 36.84 -6.36
CA LYS C 26 5.18 37.41 -7.69
C LYS C 26 4.01 36.73 -8.40
N HIS C 27 3.90 35.41 -8.24
CA HIS C 27 2.81 34.66 -8.86
C HIS C 27 1.44 35.13 -8.37
N LEU C 28 1.36 35.56 -7.11
CA LEU C 28 0.06 35.99 -6.59
C LEU C 28 -0.34 37.43 -6.92
N GLY C 29 0.51 38.14 -7.66
CA GLY C 29 0.18 39.50 -8.04
C GLY C 29 1.22 40.55 -7.67
N GLY C 30 2.20 40.15 -6.88
CA GLY C 30 3.26 41.07 -6.47
C GLY C 30 2.89 42.08 -5.40
N LYS C 31 1.60 42.15 -5.06
CA LYS C 31 1.13 43.13 -4.08
C LYS C 31 1.44 42.85 -2.61
N VAL C 32 1.74 41.58 -2.29
CA VAL C 32 2.06 41.19 -0.92
C VAL C 32 3.35 40.35 -0.93
N HIS C 33 4.25 40.65 -0.01
CA HIS C 33 5.53 39.96 0.05
C HIS C 33 5.53 38.85 1.08
N LEU C 34 5.51 37.62 0.58
CA LEU C 34 5.49 36.40 1.40
C LEU C 34 6.86 35.87 1.80
N TYR C 35 7.01 35.47 3.06
CA TYR C 35 8.26 34.92 3.57
C TYR C 35 7.92 33.63 4.37
N ALA C 36 8.91 32.83 4.70
CA ALA C 36 8.66 31.62 5.46
C ALA C 36 9.80 31.41 6.44
N LYS C 37 9.45 31.10 7.69
CA LYS C 37 10.43 30.84 8.73
C LYS C 37 10.39 29.30 8.88
N ARG C 38 11.51 28.66 8.56
CA ARG C 38 11.57 27.19 8.52
C ARG C 38 11.72 26.37 9.83
N GLU C 39 10.66 26.34 10.65
CA GLU C 39 10.69 25.54 11.88
C GLU C 39 10.81 24.07 11.46
N ASP C 40 10.36 23.79 10.23
CA ASP C 40 10.40 22.45 9.65
C ASP C 40 11.82 21.92 9.41
N CYS C 41 12.82 22.79 9.47
CA CYS C 41 14.21 22.35 9.27
C CYS C 41 15.07 22.73 10.47
N ASN C 42 14.51 22.64 11.68
CA ASN C 42 15.21 23.01 12.90
C ASN C 42 16.00 21.95 13.63
N SER C 43 15.96 20.72 13.17
CA SER C 43 16.66 19.69 13.93
C SER C 43 17.12 18.51 13.11
N GLY C 44 18.08 17.77 13.66
CA GLY C 44 18.58 16.58 12.99
C GLY C 44 17.86 15.38 13.57
N LEU C 45 17.00 15.66 14.56
CA LEU C 45 16.22 14.63 15.24
C LEU C 45 14.97 14.32 14.45
N ALA C 46 15.12 13.37 13.53
CA ALA C 46 14.04 12.91 12.67
C ALA C 46 13.16 13.98 12.02
N PHE C 47 13.81 14.97 11.41
CA PHE C 47 13.18 16.08 10.69
C PHE C 47 12.62 17.21 11.56
N GLY C 48 12.63 17.00 12.88
CA GLY C 48 12.13 18.04 13.77
C GLY C 48 10.81 18.71 13.41
N GLY C 49 10.68 20.02 13.64
CA GLY C 49 9.42 20.69 13.37
C GLY C 49 9.00 21.48 14.62
N ASN C 50 7.85 22.15 14.57
CA ASN C 50 7.43 22.98 15.72
C ASN C 50 7.42 22.31 17.06
N LYS C 51 6.95 21.05 17.13
CA LYS C 51 6.91 20.34 18.41
C LYS C 51 8.28 20.24 19.09
N THR C 52 9.34 20.12 18.28
CA THR C 52 10.70 20.02 18.80
C THR C 52 11.11 21.32 19.48
N ARG C 53 10.62 22.44 18.96
CA ARG C 53 10.90 23.73 19.60
C ARG C 53 10.22 23.75 20.97
N LYS C 54 8.97 23.28 21.04
CA LYS C 54 8.26 23.26 22.33
C LYS C 54 8.97 22.37 23.33
N LEU C 55 9.48 21.25 22.86
CA LEU C 55 10.14 20.28 23.74
C LEU C 55 11.39 20.76 24.45
N GLU C 56 12.06 21.75 23.87
CA GLU C 56 13.27 22.26 24.49
C GLU C 56 12.99 22.73 25.93
N TYR C 57 11.80 23.24 26.19
CA TYR C 57 11.48 23.67 27.57
C TYR C 57 10.91 22.59 28.51
N LEU C 58 10.44 21.46 27.97
CA LEU C 58 9.91 20.43 28.84
C LEU C 58 10.96 19.44 29.34
N ILE C 59 11.98 19.18 28.51
CA ILE C 59 13.03 18.24 28.86
C ILE C 59 13.82 18.60 30.11
N PRO C 60 14.11 19.89 30.34
CA PRO C 60 14.86 20.20 31.56
C PRO C 60 14.06 19.68 32.76
N GLU C 61 12.76 19.92 32.75
CA GLU C 61 11.92 19.45 33.84
C GLU C 61 11.95 17.94 33.89
N ALA C 62 11.78 17.31 32.73
CA ALA C 62 11.82 15.84 32.68
C ALA C 62 13.13 15.34 33.30
N LEU C 63 14.22 16.03 32.99
CA LEU C 63 15.54 15.65 33.51
C LEU C 63 15.70 15.96 35.00
N ALA C 64 15.26 17.14 35.44
CA ALA C 64 15.36 17.51 36.85
C ALA C 64 14.69 16.42 37.71
N GLN C 65 13.50 15.98 37.31
CA GLN C 65 12.83 14.91 38.04
C GLN C 65 13.69 13.76 37.53
N GLY C 66 13.58 12.56 38.06
CA GLY C 66 14.46 11.54 37.50
C GLY C 66 13.78 10.70 36.44
N CYS C 67 13.15 11.34 35.47
CA CYS C 67 12.43 10.58 34.44
C CYS C 67 13.33 9.84 33.47
N ASP C 68 12.97 8.59 33.18
CA ASP C 68 13.76 7.77 32.28
C ASP C 68 12.95 7.33 31.06
N THR C 69 11.69 7.79 30.97
CA THR C 69 10.83 7.42 29.86
C THR C 69 9.96 8.61 29.46
N LEU C 70 9.79 8.83 28.16
CA LEU C 70 8.90 9.89 27.73
C LEU C 70 7.67 9.17 27.22
N VAL C 71 6.50 9.68 27.60
CA VAL C 71 5.21 9.10 27.25
C VAL C 71 4.34 10.16 26.56
N SER C 72 3.90 9.88 25.34
CA SER C 72 3.05 10.84 24.64
C SER C 72 1.91 10.15 23.90
N ILE C 73 1.19 10.90 23.08
CA ILE C 73 0.02 10.37 22.45
C ILE C 73 -0.31 11.18 21.24
N GLY C 74 -0.95 10.54 20.26
CA GLY C 74 -1.36 11.26 19.05
C GLY C 74 -1.96 10.32 18.03
N GLY C 75 -2.53 10.89 16.97
CA GLY C 75 -3.12 10.07 15.92
C GLY C 75 -2.05 9.30 15.18
N ILE C 76 -2.45 8.44 14.25
CA ILE C 76 -1.48 7.62 13.52
C ILE C 76 -0.32 8.36 12.85
N GLN C 77 -0.61 9.46 12.17
CA GLN C 77 0.44 10.23 11.48
C GLN C 77 0.84 11.48 12.26
N SER C 78 0.71 11.38 13.58
CA SER C 78 1.06 12.48 14.47
C SER C 78 2.53 12.87 14.28
N ASN C 79 2.80 14.16 14.16
CA ASN C 79 4.18 14.61 14.05
C ASN C 79 4.80 14.65 15.44
N GLN C 80 3.97 14.99 16.42
CA GLN C 80 4.41 15.09 17.80
C GLN C 80 5.01 13.81 18.38
N THR C 81 4.32 12.70 18.22
CA THR C 81 4.84 11.47 18.76
C THR C 81 6.18 11.06 18.08
N ARG C 82 6.31 11.38 16.79
CA ARG C 82 7.57 11.06 16.08
C ARG C 82 8.71 11.93 16.67
N GLN C 83 8.43 13.18 16.98
CA GLN C 83 9.49 14.03 17.54
C GLN C 83 9.83 13.60 18.96
N VAL C 84 8.83 13.16 19.73
CA VAL C 84 9.07 12.69 21.08
C VAL C 84 9.95 11.45 21.03
N ALA C 85 9.67 10.58 20.05
CA ALA C 85 10.47 9.37 19.93
C ALA C 85 11.95 9.68 19.62
N ALA C 86 12.21 10.63 18.75
CA ALA C 86 13.60 10.98 18.39
C ALA C 86 14.28 11.65 19.58
N VAL C 87 13.58 12.60 20.21
CA VAL C 87 14.14 13.30 21.36
C VAL C 87 14.50 12.31 22.45
N ALA C 88 13.63 11.31 22.67
CA ALA C 88 13.84 10.28 23.69
C ALA C 88 15.10 9.45 23.41
N ALA C 89 15.21 8.90 22.19
CA ALA C 89 16.39 8.12 21.86
C ALA C 89 17.64 8.98 22.04
N HIS C 90 17.59 10.23 21.57
CA HIS C 90 18.70 11.17 21.68
C HIS C 90 19.11 11.41 23.13
N LEU C 91 18.12 11.56 24.01
CA LEU C 91 18.40 11.80 25.41
C LEU C 91 18.75 10.51 26.13
N GLY C 92 18.52 9.39 25.47
CA GLY C 92 18.83 8.13 26.13
C GLY C 92 17.65 7.71 27.01
N MET C 93 16.45 8.17 26.65
CA MET C 93 15.25 7.78 27.39
C MET C 93 14.36 6.86 26.59
N LYS C 94 13.64 5.99 27.30
CA LYS C 94 12.71 5.09 26.67
C LYS C 94 11.54 5.96 26.25
N CYS C 95 10.63 5.41 25.45
CA CYS C 95 9.50 6.17 24.94
C CYS C 95 8.31 5.27 24.69
N VAL C 96 7.16 5.67 25.23
CA VAL C 96 5.92 4.92 25.02
C VAL C 96 4.95 5.87 24.35
N LEU C 97 4.42 5.45 23.21
CA LEU C 97 3.47 6.28 22.48
C LEU C 97 2.10 5.61 22.36
N VAL C 98 1.05 6.33 22.79
CA VAL C 98 -0.32 5.83 22.72
C VAL C 98 -0.93 6.42 21.46
N GLN C 99 -1.37 5.57 20.56
CA GLN C 99 -1.90 6.04 19.30
C GLN C 99 -3.15 5.32 18.83
N GLU C 100 -3.93 6.04 18.03
CA GLU C 100 -5.19 5.55 17.52
C GLU C 100 -5.51 6.36 16.27
N ASN C 101 -6.32 5.80 15.39
CA ASN C 101 -6.69 6.55 14.21
C ASN C 101 -7.62 7.66 14.62
N TRP C 102 -7.11 8.89 14.58
CA TRP C 102 -7.92 10.04 14.94
C TRP C 102 -8.47 10.73 13.73
N VAL C 103 -8.44 10.07 12.58
CA VAL C 103 -8.95 10.70 11.36
C VAL C 103 -9.92 9.78 10.63
N ASN C 104 -10.95 10.32 9.99
CA ASN C 104 -11.86 9.46 9.23
C ASN C 104 -11.13 9.23 7.90
N TYR C 105 -10.15 8.33 7.94
CA TYR C 105 -9.31 8.04 6.78
C TYR C 105 -8.78 6.61 6.91
N SER C 106 -8.50 5.94 5.81
CA SER C 106 -8.04 4.55 5.93
C SER C 106 -7.07 4.04 4.86
N ASP C 107 -6.02 4.79 4.58
CA ASP C 107 -5.06 4.38 3.57
C ASP C 107 -4.42 3.02 3.87
N ALA C 108 -4.17 2.24 2.83
CA ALA C 108 -3.57 0.92 3.00
C ALA C 108 -2.27 0.90 3.81
N VAL C 109 -1.44 1.93 3.72
CA VAL C 109 -0.16 1.93 4.45
C VAL C 109 -0.06 3.03 5.50
N TYR C 110 -1.21 3.56 5.89
CA TYR C 110 -1.30 4.68 6.85
C TYR C 110 -0.53 4.49 8.16
N ASP C 111 -0.58 3.29 8.73
CA ASP C 111 0.12 2.99 9.99
C ASP C 111 1.51 2.39 9.77
N ARG C 112 2.08 2.56 8.59
CA ARG C 112 3.39 1.96 8.36
C ARG C 112 4.38 2.77 7.57
N VAL C 113 4.02 4.02 7.32
CA VAL C 113 4.92 4.93 6.62
C VAL C 113 4.95 6.25 7.37
N GLY C 114 5.73 7.18 6.86
CA GLY C 114 5.78 8.49 7.49
C GLY C 114 6.19 8.54 8.93
N ASN C 115 5.45 9.33 9.69
CA ASN C 115 5.75 9.54 11.09
C ASN C 115 5.80 8.31 11.94
N ILE C 116 4.77 7.47 11.88
CA ILE C 116 4.75 6.29 12.72
C ILE C 116 5.88 5.29 12.39
N GLN C 117 6.18 5.12 11.11
CA GLN C 117 7.29 4.23 10.75
C GLN C 117 8.58 4.72 11.45
N MET C 118 8.82 6.04 11.46
CA MET C 118 10.02 6.55 12.12
C MET C 118 10.05 6.28 13.63
N SER C 119 8.94 6.51 14.32
CA SER C 119 8.88 6.27 15.77
C SER C 119 9.23 4.82 16.10
N ARG C 120 8.78 3.88 15.27
CA ARG C 120 9.13 2.48 15.54
C ARG C 120 10.62 2.23 15.30
N ILE C 121 11.16 2.77 14.22
CA ILE C 121 12.60 2.61 13.96
C ILE C 121 13.38 3.26 15.09
N LEU C 122 12.87 4.39 15.59
CA LEU C 122 13.48 5.13 16.68
C LEU C 122 13.42 4.43 18.03
N GLY C 123 12.86 3.24 18.08
CA GLY C 123 12.85 2.47 19.32
C GLY C 123 11.68 2.70 20.28
N ALA C 124 10.72 3.52 19.88
CA ALA C 124 9.53 3.76 20.72
C ALA C 124 8.59 2.55 20.76
N ASP C 125 7.91 2.39 21.90
CA ASP C 125 6.93 1.32 22.02
C ASP C 125 5.67 1.99 21.52
N VAL C 126 5.33 1.75 20.26
CA VAL C 126 4.15 2.35 19.64
C VAL C 126 2.91 1.49 19.93
N ARG C 127 2.09 1.96 20.85
CA ARG C 127 0.89 1.21 21.24
C ARG C 127 -0.26 1.76 20.43
N LEU C 128 -0.42 1.22 19.23
CA LEU C 128 -1.45 1.63 18.27
C LEU C 128 -2.65 0.73 18.50
N VAL C 129 -3.77 1.30 18.91
CA VAL C 129 -4.98 0.51 19.18
C VAL C 129 -5.87 0.29 17.95
N PRO C 130 -6.71 -0.77 17.96
CA PRO C 130 -7.61 -1.05 16.83
C PRO C 130 -8.75 -0.03 16.79
N ASP C 131 -9.42 0.08 15.65
CA ASP C 131 -10.54 1.01 15.54
C ASP C 131 -11.59 0.63 16.57
N GLY C 132 -12.34 1.64 17.04
CA GLY C 132 -13.35 1.36 18.04
C GLY C 132 -12.80 1.41 19.44
N PHE C 133 -11.49 1.23 19.56
CA PHE C 133 -10.87 1.31 20.86
C PHE C 133 -10.68 2.81 21.07
N ASP C 134 -11.55 3.41 21.89
CA ASP C 134 -11.49 4.85 22.13
C ASP C 134 -10.52 5.15 23.30
N ILE C 135 -9.26 5.42 22.98
CA ILE C 135 -8.25 5.68 24.03
C ILE C 135 -8.59 6.83 24.97
N GLY C 136 -9.12 7.92 24.43
CA GLY C 136 -9.47 9.08 25.24
C GLY C 136 -10.58 8.77 26.22
N PHE C 137 -11.55 7.98 25.78
CA PHE C 137 -12.66 7.60 26.63
C PHE C 137 -12.12 6.66 27.68
N ARG C 138 -11.40 5.65 27.20
CA ARG C 138 -10.81 4.62 28.02
C ARG C 138 -9.70 5.14 28.96
N ARG C 139 -9.19 6.32 28.66
CA ARG C 139 -8.12 6.87 29.48
C ARG C 139 -6.84 6.03 29.39
N SER C 140 -6.56 5.49 28.21
CA SER C 140 -5.36 4.70 27.99
C SER C 140 -4.11 5.52 28.32
N TRP C 141 -4.22 6.83 28.15
CA TRP C 141 -3.15 7.76 28.47
C TRP C 141 -2.56 7.39 29.84
N GLU C 142 -3.42 7.38 30.85
CA GLU C 142 -3.03 7.09 32.23
C GLU C 142 -2.50 5.68 32.47
N ASP C 143 -3.11 4.66 31.86
CA ASP C 143 -2.61 3.30 32.02
C ASP C 143 -1.20 3.18 31.42
N ALA C 144 -0.92 3.95 30.36
CA ALA C 144 0.41 3.93 29.77
C ALA C 144 1.37 4.46 30.86
N LEU C 145 1.02 5.61 31.44
CA LEU C 145 1.86 6.19 32.49
C LEU C 145 2.03 5.22 33.64
N GLU C 146 0.96 4.53 34.03
CA GLU C 146 1.05 3.56 35.13
C GLU C 146 1.90 2.36 34.78
N SER C 147 1.78 1.87 33.54
CA SER C 147 2.57 0.72 33.11
C SER C 147 4.06 0.98 33.19
N VAL C 148 4.49 2.22 32.94
CA VAL C 148 5.91 2.54 33.03
C VAL C 148 6.35 2.43 34.48
N ARG C 149 5.62 3.10 35.37
CA ARG C 149 5.95 3.04 36.79
C ARG C 149 5.97 1.58 37.20
N ALA C 150 4.84 0.91 36.98
CA ALA C 150 4.70 -0.49 37.34
C ALA C 150 5.87 -1.31 36.82
N ALA C 151 6.48 -0.86 35.72
CA ALA C 151 7.61 -1.58 35.15
C ALA C 151 8.92 -1.13 35.77
N GLY C 152 8.88 -0.13 36.65
CA GLY C 152 10.09 0.32 37.30
C GLY C 152 10.74 1.55 36.72
N GLY C 153 10.04 2.27 35.86
CA GLY C 153 10.62 3.47 35.29
C GLY C 153 9.90 4.68 35.83
N LYS C 154 10.34 5.85 35.43
CA LYS C 154 9.69 7.07 35.86
C LYS C 154 9.31 7.85 34.61
N PRO C 155 8.01 7.87 34.30
CA PRO C 155 7.52 8.58 33.12
C PRO C 155 7.41 10.10 33.21
N TYR C 156 7.53 10.76 32.07
CA TYR C 156 7.35 12.20 31.98
C TYR C 156 6.17 12.31 31.01
N ALA C 157 5.07 12.88 31.48
CA ALA C 157 3.87 12.97 30.65
C ALA C 157 3.82 14.12 29.67
N ILE C 158 3.78 13.79 28.39
CA ILE C 158 3.67 14.81 27.36
C ILE C 158 2.32 14.68 26.68
N PRO C 159 1.39 15.62 26.94
CA PRO C 159 0.05 15.57 26.33
C PRO C 159 0.02 15.89 24.85
N ALA C 160 -1.14 15.66 24.22
CA ALA C 160 -1.29 15.92 22.77
C ALA C 160 -0.70 17.25 22.32
N GLY C 161 0.20 17.19 21.33
CA GLY C 161 0.85 18.39 20.82
C GLY C 161 1.70 19.18 21.80
N CYS C 162 1.90 18.64 23.01
CA CYS C 162 2.65 19.37 24.05
C CYS C 162 1.87 20.57 24.56
N SER C 163 0.78 20.91 23.89
CA SER C 163 0.03 22.10 24.21
C SER C 163 -0.54 22.34 25.59
N ASP C 164 -1.50 21.52 26.02
CA ASP C 164 -2.05 21.71 27.35
C ASP C 164 -1.08 21.22 28.42
N HIS C 165 0.07 21.86 28.49
CA HIS C 165 1.09 21.50 29.46
C HIS C 165 1.59 22.83 30.00
N PRO C 166 1.92 22.91 31.30
CA PRO C 166 2.39 24.19 31.85
C PRO C 166 3.53 24.86 31.09
N LEU C 167 4.46 24.06 30.56
CA LEU C 167 5.63 24.59 29.84
C LEU C 167 5.48 24.56 28.31
N GLY C 168 4.34 24.04 27.86
CA GLY C 168 4.09 23.91 26.43
C GLY C 168 4.03 25.15 25.57
N GLY C 169 3.84 26.33 26.17
CA GLY C 169 3.76 27.52 25.35
C GLY C 169 5.04 28.35 25.31
N LEU C 170 6.01 27.99 26.12
CA LEU C 170 7.27 28.73 26.19
C LEU C 170 8.05 28.79 24.89
N GLY C 171 8.21 27.62 24.26
CA GLY C 171 8.96 27.54 23.04
C GLY C 171 8.60 28.60 22.05
N PHE C 172 7.31 28.80 21.78
CA PHE C 172 6.98 29.79 20.81
C PHE C 172 6.97 31.24 21.28
N VAL C 173 7.24 31.43 22.57
CA VAL C 173 7.38 32.79 23.08
C VAL C 173 8.79 33.12 22.51
N GLY C 174 9.70 32.17 22.66
CA GLY C 174 11.05 32.32 22.13
C GLY C 174 10.97 32.59 20.64
N PHE C 175 10.07 31.92 19.95
CA PHE C 175 9.92 32.16 18.53
C PHE C 175 9.71 33.66 18.24
N ALA C 176 8.89 34.35 19.04
CA ALA C 176 8.65 35.78 18.80
C ALA C 176 9.95 36.55 19.05
N GLU C 177 10.69 36.14 20.07
CA GLU C 177 11.97 36.74 20.40
C GLU C 177 12.81 36.69 19.12
N GLU C 178 13.05 35.45 18.64
CA GLU C 178 13.83 35.23 17.42
C GLU C 178 13.39 36.16 16.32
N VAL C 179 12.11 36.16 16.02
CA VAL C 179 11.60 37.02 14.96
C VAL C 179 12.00 38.49 15.13
N ARG C 180 11.99 39.01 16.36
CA ARG C 180 12.36 40.40 16.56
C ARG C 180 13.85 40.56 16.33
N ALA C 181 14.65 39.64 16.88
CA ALA C 181 16.10 39.66 16.71
C ALA C 181 16.49 39.59 15.22
N GLN C 182 15.67 38.95 14.41
CA GLN C 182 15.94 38.82 12.98
C GLN C 182 15.39 40.05 12.20
N GLU C 183 14.28 40.62 12.66
CA GLU C 183 13.72 41.77 11.97
C GLU C 183 14.68 42.95 12.11
N ALA C 184 15.52 42.85 13.13
CA ALA C 184 16.53 43.85 13.46
C ALA C 184 17.48 43.97 12.27
N GLU C 185 17.78 42.83 11.65
CA GLU C 185 18.68 42.78 10.52
C GLU C 185 18.02 43.20 9.21
N LEU C 186 16.73 42.93 9.10
CA LEU C 186 16.00 43.27 7.90
C LEU C 186 15.66 44.73 7.88
N GLY C 187 15.74 45.37 9.05
CA GLY C 187 15.44 46.79 9.12
C GLY C 187 13.95 47.03 8.96
N PHE C 188 13.16 45.96 8.99
CA PHE C 188 11.72 46.10 8.88
C PHE C 188 11.01 45.05 9.73
N LYS C 189 9.72 45.25 9.92
CA LYS C 189 8.91 44.35 10.73
C LYS C 189 7.83 43.72 9.87
N PHE C 190 7.69 42.41 10.01
CA PHE C 190 6.68 41.69 9.27
C PHE C 190 5.35 42.19 9.80
N ASP C 191 4.45 42.53 8.89
CA ASP C 191 3.16 43.03 9.26
C ASP C 191 2.26 41.92 9.83
N TYR C 192 2.41 40.70 9.29
CA TYR C 192 1.62 39.56 9.77
C TYR C 192 2.41 38.25 9.78
N VAL C 193 1.97 37.31 10.63
CA VAL C 193 2.56 35.97 10.71
C VAL C 193 1.41 35.02 10.45
N VAL C 194 1.64 33.97 9.67
CA VAL C 194 0.58 33.00 9.43
C VAL C 194 1.06 31.72 10.09
N VAL C 195 0.19 31.09 10.89
CA VAL C 195 0.56 29.86 11.60
C VAL C 195 -0.63 28.89 11.70
N CYS C 196 -0.36 27.61 11.44
CA CYS C 196 -1.40 26.59 11.53
C CYS C 196 -1.65 26.23 12.99
N SER C 197 -2.92 26.07 13.37
CA SER C 197 -3.20 25.74 14.78
C SER C 197 -4.16 24.58 15.02
N VAL C 198 -3.85 23.71 15.97
CA VAL C 198 -4.75 22.60 16.29
C VAL C 198 -4.82 22.42 17.78
N THR C 199 -3.73 22.01 18.41
CA THR C 199 -3.78 21.85 19.85
C THR C 199 -3.51 23.17 20.56
N GLY C 200 -3.03 24.17 19.80
CA GLY C 200 -2.84 25.51 20.33
C GLY C 200 -1.64 26.16 21.00
N SER C 201 -0.70 25.41 21.56
CA SER C 201 0.41 26.07 22.21
C SER C 201 1.40 26.75 21.28
N THR C 202 1.36 26.44 19.97
CA THR C 202 2.25 27.10 19.00
C THR C 202 1.80 28.55 18.89
N GLN C 203 0.61 28.75 18.35
CA GLN C 203 0.06 30.10 18.21
C GLN C 203 -0.07 30.79 19.56
N ALA C 204 -0.29 30.03 20.63
CA ALA C 204 -0.43 30.64 21.96
C ALA C 204 0.91 31.26 22.36
N GLY C 205 1.98 30.51 22.19
CA GLY C 205 3.30 31.02 22.52
C GLY C 205 3.57 32.25 21.66
N MET C 206 3.20 32.18 20.38
CA MET C 206 3.43 33.34 19.52
C MET C 206 2.66 34.54 20.06
N VAL C 207 1.37 34.34 20.35
CA VAL C 207 0.55 35.42 20.90
C VAL C 207 1.21 36.07 22.15
N VAL C 208 1.70 35.27 23.08
CA VAL C 208 2.32 35.86 24.27
C VAL C 208 3.61 36.60 23.89
N GLY C 209 4.38 35.99 23.00
CA GLY C 209 5.64 36.58 22.58
C GLY C 209 5.50 37.87 21.81
N PHE C 210 4.50 37.95 20.94
CA PHE C 210 4.25 39.15 20.15
C PHE C 210 3.37 40.20 20.85
N ALA C 211 2.66 39.77 21.90
CA ALA C 211 1.83 40.70 22.67
C ALA C 211 2.85 41.67 23.27
N ALA C 212 3.95 41.10 23.78
CA ALA C 212 5.02 41.87 24.38
C ALA C 212 5.41 43.10 23.59
N ASP C 213 5.07 43.17 22.30
CA ASP C 213 5.37 44.36 21.52
C ASP C 213 4.18 44.82 20.67
N GLY C 214 2.99 44.53 21.16
CA GLY C 214 1.76 44.96 20.49
C GLY C 214 1.40 44.33 19.15
N ARG C 215 1.90 43.14 18.86
CA ARG C 215 1.59 42.54 17.59
C ARG C 215 0.79 41.23 17.70
N ALA C 216 0.31 40.93 18.92
CA ALA C 216 -0.45 39.73 19.14
C ALA C 216 -1.53 39.48 18.09
N ASP C 217 -2.27 40.53 17.74
CA ASP C 217 -3.31 40.36 16.74
C ASP C 217 -2.79 40.31 15.30
N ARG C 218 -1.46 40.28 15.15
CA ARG C 218 -0.80 40.18 13.84
C ARG C 218 -0.54 38.69 13.53
N VAL C 219 -0.80 37.84 14.52
CA VAL C 219 -0.62 36.41 14.37
C VAL C 219 -1.93 35.87 13.81
N ILE C 220 -1.93 35.56 12.52
CA ILE C 220 -3.12 35.03 11.92
C ILE C 220 -3.07 33.50 12.01
N GLY C 221 -3.82 32.97 12.96
CA GLY C 221 -3.88 31.54 13.14
C GLY C 221 -4.83 31.02 12.09
N VAL C 222 -4.52 29.84 11.54
CA VAL C 222 -5.38 29.23 10.54
C VAL C 222 -5.75 27.87 11.14
N ASP C 223 -7.01 27.71 11.52
CA ASP C 223 -7.44 26.47 12.11
C ASP C 223 -7.31 25.27 11.14
N ALA C 224 -6.84 24.13 11.64
CA ALA C 224 -6.75 22.92 10.85
C ALA C 224 -7.48 21.83 11.64
N SER C 225 -8.18 22.25 12.69
CA SER C 225 -8.90 21.30 13.53
C SER C 225 -10.32 21.04 13.05
N ALA C 226 -10.90 21.98 12.33
CA ALA C 226 -12.28 21.85 11.89
C ALA C 226 -13.19 21.91 13.11
N LYS C 227 -12.63 22.32 14.26
CA LYS C 227 -13.40 22.51 15.50
C LYS C 227 -12.88 23.83 16.04
N PRO C 228 -13.04 24.90 15.24
CA PRO C 228 -12.59 26.28 15.53
C PRO C 228 -12.88 26.79 16.94
N ALA C 229 -14.12 26.62 17.37
CA ALA C 229 -14.50 27.10 18.70
C ALA C 229 -13.60 26.54 19.81
N GLN C 230 -13.40 25.22 19.83
CA GLN C 230 -12.57 24.62 20.86
C GLN C 230 -11.12 25.02 20.71
N THR C 231 -10.69 25.07 19.46
CA THR C 231 -9.33 25.45 19.16
C THR C 231 -9.07 26.91 19.58
N ARG C 232 -9.95 27.81 19.18
CA ARG C 232 -9.81 29.23 19.55
C ARG C 232 -9.68 29.35 21.07
N GLU C 233 -10.58 28.67 21.77
CA GLU C 233 -10.56 28.71 23.23
C GLU C 233 -9.29 28.15 23.84
N GLN C 234 -8.79 27.08 23.25
CA GLN C 234 -7.58 26.45 23.77
C GLN C 234 -6.36 27.35 23.64
N ILE C 235 -6.28 28.05 22.50
CA ILE C 235 -5.14 28.95 22.25
C ILE C 235 -5.16 30.10 23.25
N THR C 236 -6.36 30.61 23.46
CA THR C 236 -6.55 31.75 24.36
C THR C 236 -6.14 31.35 25.76
N ARG C 237 -6.72 30.25 26.22
CA ARG C 237 -6.43 29.75 27.55
C ARG C 237 -4.94 29.53 27.74
N ILE C 238 -4.32 28.78 26.82
CA ILE C 238 -2.89 28.50 26.92
C ILE C 238 -2.08 29.79 26.89
N ALA C 239 -2.52 30.74 26.09
CA ALA C 239 -1.80 32.03 26.00
C ALA C 239 -1.88 32.83 27.31
N ARG C 240 -3.02 32.75 28.01
CA ARG C 240 -3.14 33.49 29.27
C ARG C 240 -2.28 32.83 30.34
N GLN C 241 -2.26 31.50 30.38
CA GLN C 241 -1.43 30.81 31.36
C GLN C 241 0.04 31.08 31.07
N THR C 242 0.44 30.99 29.81
CA THR C 242 1.83 31.24 29.46
C THR C 242 2.23 32.67 29.75
N ALA C 243 1.35 33.62 29.44
CA ALA C 243 1.61 35.05 29.68
C ALA C 243 2.01 35.26 31.13
N GLU C 244 1.29 34.56 32.00
CA GLU C 244 1.47 34.59 33.44
C GLU C 244 2.78 33.93 33.82
N LYS C 245 3.10 32.82 33.16
CA LYS C 245 4.33 32.06 33.39
C LYS C 245 5.58 32.91 33.12
N VAL C 246 5.54 33.71 32.07
CA VAL C 246 6.71 34.49 31.73
C VAL C 246 6.67 35.92 32.21
N GLY C 247 5.62 36.26 32.97
CA GLY C 247 5.54 37.61 33.50
C GLY C 247 5.25 38.70 32.49
N LEU C 248 4.41 38.39 31.52
CA LEU C 248 4.01 39.39 30.55
C LEU C 248 3.20 40.35 31.41
N GLU C 249 3.19 41.63 31.11
CA GLU C 249 2.39 42.51 31.95
C GLU C 249 1.22 43.08 31.16
N ARG C 250 0.49 42.18 30.50
CA ARG C 250 -0.68 42.55 29.74
C ARG C 250 -1.67 41.39 29.86
N ASP C 251 -2.96 41.69 29.92
CA ASP C 251 -3.96 40.64 29.96
C ASP C 251 -4.27 40.35 28.50
N ILE C 252 -4.18 39.09 28.10
CA ILE C 252 -4.46 38.71 26.72
C ILE C 252 -5.96 38.90 26.45
N MET C 253 -6.31 39.71 25.46
CA MET C 253 -7.69 39.97 25.12
C MET C 253 -8.24 38.95 24.13
N ARG C 254 -9.55 38.83 24.08
CA ARG C 254 -10.17 37.93 23.15
C ARG C 254 -9.74 38.39 21.77
N ALA C 255 -9.47 39.69 21.65
CA ALA C 255 -9.07 40.27 20.36
C ALA C 255 -7.63 39.97 19.97
N ASP C 256 -6.81 39.51 20.91
CA ASP C 256 -5.42 39.22 20.60
C ASP C 256 -5.23 37.88 19.88
N VAL C 257 -6.24 37.03 19.96
CA VAL C 257 -6.19 35.70 19.35
C VAL C 257 -7.01 35.62 18.07
N VAL C 258 -6.33 35.60 16.92
CA VAL C 258 -6.96 35.54 15.61
C VAL C 258 -6.85 34.11 15.04
N LEU C 259 -7.99 33.50 14.73
CA LEU C 259 -8.03 32.14 14.19
C LEU C 259 -9.02 32.10 13.03
N ASP C 260 -8.49 32.06 11.81
CA ASP C 260 -9.33 32.02 10.63
C ASP C 260 -9.92 30.61 10.56
N GLU C 261 -11.19 30.47 10.21
CA GLU C 261 -11.79 29.13 10.16
C GLU C 261 -12.13 28.64 8.76
N ARG C 262 -11.74 29.40 7.75
CA ARG C 262 -12.09 29.06 6.39
C ARG C 262 -11.35 27.94 5.69
N PHE C 263 -10.21 27.51 6.20
CA PHE C 263 -9.42 26.53 5.47
C PHE C 263 -9.21 25.16 6.11
N ALA C 264 -10.00 24.87 7.14
CA ALA C 264 -9.88 23.62 7.89
C ALA C 264 -10.61 22.41 7.30
N GLY C 265 -11.61 22.65 6.47
CA GLY C 265 -12.42 21.58 5.93
C GLY C 265 -11.78 20.51 5.06
N PRO C 266 -12.45 19.35 4.95
CA PRO C 266 -13.73 19.01 5.60
C PRO C 266 -13.63 18.56 7.07
N GLU C 267 -12.49 17.98 7.46
CA GLU C 267 -12.28 17.51 8.82
C GLU C 267 -10.81 17.55 9.17
N TYR C 268 -10.49 17.34 10.44
CA TYR C 268 -9.10 17.27 10.83
C TYR C 268 -8.54 16.09 10.03
N GLY C 269 -7.30 16.23 9.55
CA GLY C 269 -6.65 15.15 8.80
C GLY C 269 -7.05 14.95 7.36
N LEU C 270 -8.06 15.66 6.90
CA LEU C 270 -8.50 15.50 5.52
C LEU C 270 -8.31 16.80 4.75
N PRO C 271 -7.65 16.74 3.58
CA PRO C 271 -7.44 17.96 2.80
C PRO C 271 -8.65 18.26 1.90
N ASN C 272 -8.81 19.52 1.48
CA ASN C 272 -9.89 19.84 0.52
C ASN C 272 -9.15 20.13 -0.78
N GLU C 273 -9.88 20.29 -1.89
CA GLU C 273 -9.23 20.55 -3.17
C GLU C 273 -8.39 21.81 -3.09
N GLY C 274 -8.76 22.70 -2.18
CA GLY C 274 -7.99 23.93 -2.02
C GLY C 274 -6.65 23.64 -1.37
N THR C 275 -6.68 22.80 -0.33
CA THR C 275 -5.44 22.44 0.38
C THR C 275 -4.45 21.90 -0.67
N LEU C 276 -4.96 21.02 -1.52
CA LEU C 276 -4.15 20.37 -2.54
C LEU C 276 -3.56 21.32 -3.57
N GLU C 277 -4.36 22.28 -4.02
CA GLU C 277 -3.88 23.23 -5.00
C GLU C 277 -2.83 24.10 -4.35
N ALA C 278 -3.01 24.36 -3.06
CA ALA C 278 -2.07 25.19 -2.30
C ALA C 278 -0.73 24.50 -2.17
N ILE C 279 -0.76 23.21 -1.81
CA ILE C 279 0.47 22.42 -1.67
C ILE C 279 1.22 22.39 -2.98
N ARG C 280 0.50 22.17 -4.06
CA ARG C 280 1.13 22.09 -5.38
C ARG C 280 1.69 23.43 -5.86
N LEU C 281 0.97 24.50 -5.55
CA LEU C 281 1.40 25.83 -5.97
C LEU C 281 2.67 26.22 -5.24
N CYS C 282 2.64 26.08 -3.92
CA CYS C 282 3.80 26.44 -3.13
C CYS C 282 5.01 25.58 -3.48
N ALA C 283 4.77 24.28 -3.64
CA ALA C 283 5.89 23.41 -3.97
C ALA C 283 6.43 23.70 -5.38
N ARG C 284 5.54 23.99 -6.31
CA ARG C 284 5.96 24.24 -7.67
C ARG C 284 6.54 25.62 -7.93
N THR C 285 6.34 26.56 -7.01
CA THR C 285 6.92 27.90 -7.18
C THR C 285 8.17 28.08 -6.30
N GLU C 286 8.26 27.36 -5.18
CA GLU C 286 9.39 27.54 -4.26
C GLU C 286 10.24 26.33 -3.90
N GLY C 287 9.79 25.13 -4.27
CA GLY C 287 10.54 23.94 -3.91
C GLY C 287 10.33 23.62 -2.45
N MET C 288 9.31 24.23 -1.85
CA MET C 288 8.98 24.03 -0.44
C MET C 288 7.71 23.20 -0.28
N LEU C 289 7.87 22.01 0.31
CA LEU C 289 6.73 21.11 0.50
C LEU C 289 5.93 21.38 1.77
N THR C 290 4.61 21.15 1.72
CA THR C 290 3.71 21.29 2.87
C THR C 290 2.81 20.03 2.85
N ASP C 291 2.13 19.75 3.96
CA ASP C 291 1.33 18.52 4.06
C ASP C 291 -0.16 18.69 3.95
N PRO C 292 -0.88 17.58 3.70
CA PRO C 292 -2.33 17.75 3.60
C PRO C 292 -3.08 17.89 4.91
N VAL C 293 -2.40 17.74 6.04
CA VAL C 293 -3.11 17.84 7.31
C VAL C 293 -2.98 19.24 7.96
N TYR C 294 -1.75 19.73 8.05
CA TYR C 294 -1.48 20.99 8.73
C TYR C 294 -1.03 22.18 7.86
N GLU C 295 0.25 22.15 7.50
CA GLU C 295 0.84 23.25 6.74
C GLU C 295 0.18 23.56 5.41
N GLY C 296 -0.39 22.55 4.77
CA GLY C 296 -1.04 22.79 3.49
C GLY C 296 -2.29 23.63 3.67
N LYS C 297 -2.95 23.51 4.83
CA LYS C 297 -4.16 24.27 5.05
C LYS C 297 -3.80 25.74 5.37
N SER C 298 -2.73 25.97 6.12
CA SER C 298 -2.32 27.34 6.42
C SER C 298 -1.67 28.03 5.20
N MET C 299 -1.22 27.25 4.21
CA MET C 299 -0.62 27.79 2.98
C MET C 299 -1.81 28.18 2.12
N HIS C 300 -2.86 27.36 2.18
CA HIS C 300 -4.08 27.62 1.41
C HIS C 300 -4.70 28.93 1.95
N GLY C 301 -4.64 29.09 3.27
CA GLY C 301 -5.18 30.27 3.91
C GLY C 301 -4.47 31.53 3.45
N MET C 302 -3.16 31.56 3.64
CA MET C 302 -2.34 32.68 3.23
C MET C 302 -2.57 33.07 1.76
N ILE C 303 -2.31 32.14 0.85
CA ILE C 303 -2.50 32.39 -0.58
C ILE C 303 -3.89 32.96 -0.88
N GLU C 304 -4.90 32.43 -0.19
CA GLU C 304 -6.28 32.88 -0.39
C GLU C 304 -6.48 34.29 0.19
N MET C 305 -5.85 34.57 1.33
CA MET C 305 -5.95 35.87 1.96
C MET C 305 -5.36 36.91 1.01
N VAL C 306 -4.17 36.59 0.47
CA VAL C 306 -3.48 37.47 -0.47
C VAL C 306 -4.33 37.70 -1.71
N ARG C 307 -4.81 36.61 -2.29
CA ARG C 307 -5.62 36.68 -3.50
C ARG C 307 -6.89 37.47 -3.29
N ASN C 308 -7.40 37.47 -2.05
CA ASN C 308 -8.61 38.20 -1.71
C ASN C 308 -8.30 39.62 -1.25
N GLY C 309 -7.05 40.04 -1.43
CA GLY C 309 -6.66 41.38 -1.03
C GLY C 309 -6.92 41.67 0.43
N GLU C 310 -7.00 40.63 1.25
CA GLU C 310 -7.23 40.82 2.68
C GLU C 310 -5.98 41.34 3.35
N PHE C 311 -4.90 41.37 2.58
CA PHE C 311 -3.64 41.91 3.08
C PHE C 311 -3.41 43.29 2.47
N PRO C 312 -3.19 44.30 3.30
CA PRO C 312 -2.98 45.67 2.78
C PRO C 312 -1.74 45.70 1.87
N GLU C 313 -1.90 46.11 0.61
CA GLU C 313 -0.76 46.13 -0.31
C GLU C 313 0.54 46.54 0.38
N GLY C 314 1.65 45.92 -0.01
CA GLY C 314 2.93 46.26 0.58
C GLY C 314 3.25 45.51 1.87
N SER C 315 2.29 44.78 2.41
CA SER C 315 2.53 44.05 3.66
C SER C 315 3.59 42.97 3.48
N ARG C 316 4.26 42.62 4.58
CA ARG C 316 5.24 41.54 4.57
C ARG C 316 4.65 40.46 5.51
N VAL C 317 4.29 39.32 4.95
CA VAL C 317 3.72 38.24 5.76
C VAL C 317 4.73 37.10 6.02
N LEU C 318 4.96 36.76 7.28
CA LEU C 318 5.89 35.69 7.63
C LEU C 318 5.17 34.35 7.90
N TYR C 319 5.26 33.42 6.95
CA TYR C 319 4.64 32.08 7.08
C TYR C 319 5.52 31.21 7.95
N ALA C 320 4.97 30.69 9.04
CA ALA C 320 5.73 29.81 9.92
C ALA C 320 5.54 28.34 9.49
N HIS C 321 6.57 27.77 8.89
CA HIS C 321 6.44 26.38 8.44
C HIS C 321 6.75 25.49 9.61
N LEU C 322 5.71 24.89 10.17
CA LEU C 322 5.85 24.06 11.37
C LEU C 322 6.32 22.63 11.15
N GLY C 323 6.33 22.18 9.90
CA GLY C 323 6.81 20.84 9.59
C GLY C 323 5.75 19.92 9.00
N GLY C 324 5.75 18.67 9.43
CA GLY C 324 4.73 17.71 8.99
C GLY C 324 4.78 17.07 7.63
N VAL C 325 5.80 17.40 6.85
CA VAL C 325 5.90 16.83 5.51
C VAL C 325 5.88 15.28 5.44
N PRO C 326 6.53 14.58 6.39
CA PRO C 326 6.48 13.10 6.31
C PRO C 326 5.08 12.49 6.18
N ALA C 327 4.06 13.19 6.64
CA ALA C 327 2.69 12.67 6.58
C ALA C 327 2.19 12.49 5.15
N LEU C 328 2.84 13.17 4.20
CA LEU C 328 2.46 13.04 2.78
C LEU C 328 2.47 11.55 2.34
N ASN C 329 3.30 10.76 2.98
CA ASN C 329 3.42 9.35 2.60
C ASN C 329 2.15 8.56 2.84
N GLY C 330 1.30 9.05 3.75
CA GLY C 330 0.05 8.38 4.03
C GLY C 330 -1.08 8.80 3.10
N TYR C 331 -0.78 9.70 2.16
CA TYR C 331 -1.78 10.19 1.21
C TYR C 331 -1.21 10.01 -0.20
N SER C 332 -0.55 8.89 -0.44
CA SER C 332 0.05 8.65 -1.75
C SER C 332 -0.90 8.64 -2.95
N PHE C 333 -2.11 8.08 -2.79
CA PHE C 333 -3.04 8.00 -3.91
C PHE C 333 -3.45 9.37 -4.43
N ILE C 334 -3.65 10.31 -3.53
CA ILE C 334 -4.04 11.67 -3.89
C ILE C 334 -3.00 12.35 -4.78
N PHE C 335 -1.73 12.06 -4.56
CA PHE C 335 -0.69 12.69 -5.35
C PHE C 335 -0.05 11.77 -6.38
N ARG C 336 -0.73 10.68 -6.70
CA ARG C 336 -0.14 9.71 -7.64
C ARG C 336 0.32 10.30 -8.97
N ASP C 337 -0.31 11.39 -9.41
CA ASP C 337 0.09 12.04 -10.65
C ASP C 337 0.53 13.47 -10.31
N GLY C 338 0.92 13.69 -9.06
CA GLY C 338 1.35 15.00 -8.62
C GLY C 338 0.27 15.74 -7.85
N MET D 1 45.31 24.51 -4.45
CA MET D 1 44.21 24.41 -5.46
C MET D 1 43.33 25.65 -5.42
N ASN D 2 42.49 25.82 -6.44
CA ASN D 2 41.62 26.98 -6.50
C ASN D 2 40.16 26.65 -6.84
N LEU D 3 39.38 26.34 -5.81
CA LEU D 3 37.97 26.01 -5.98
C LEU D 3 37.17 27.32 -6.16
N GLN D 4 37.58 28.35 -5.44
CA GLN D 4 36.95 29.67 -5.45
C GLN D 4 36.73 30.23 -6.85
N ARG D 5 37.32 29.58 -7.86
CA ARG D 5 37.19 30.00 -9.25
C ARG D 5 35.83 29.69 -9.84
N PHE D 6 35.19 28.63 -9.35
CA PHE D 6 33.90 28.24 -9.90
C PHE D 6 32.74 28.81 -9.09
N PRO D 7 31.75 29.38 -9.79
CA PRO D 7 30.55 29.99 -9.18
C PRO D 7 29.69 28.94 -8.46
N ARG D 8 29.33 29.25 -7.22
CA ARG D 8 28.51 28.37 -6.39
C ARG D 8 27.16 29.01 -6.16
N TYR D 9 26.10 28.41 -6.71
CA TYR D 9 24.75 28.95 -6.52
C TYR D 9 24.27 28.49 -5.13
N PRO D 10 23.72 29.42 -4.32
CA PRO D 10 23.25 29.03 -2.98
C PRO D 10 21.94 28.23 -3.02
N LEU D 11 22.00 26.97 -2.59
CA LEU D 11 20.78 26.14 -2.57
C LEU D 11 20.65 25.48 -1.20
N THR D 12 21.61 25.78 -0.33
CA THR D 12 21.68 25.23 1.01
C THR D 12 21.59 26.35 2.04
N PHE D 13 21.39 26.00 3.31
CA PHE D 13 21.30 27.02 4.36
C PHE D 13 22.66 27.63 4.69
N GLY D 14 23.72 26.89 4.39
CA GLY D 14 25.08 27.34 4.67
C GLY D 14 25.88 26.12 5.13
N PRO D 15 27.07 26.32 5.71
CA PRO D 15 27.87 25.18 6.18
C PRO D 15 27.00 24.24 7.03
N THR D 16 27.14 22.94 6.83
CA THR D 16 26.35 21.94 7.56
C THR D 16 26.94 21.63 8.93
N PRO D 17 26.06 21.48 9.94
CA PRO D 17 26.53 21.18 11.30
C PRO D 17 27.21 19.85 11.52
N ILE D 18 28.08 19.83 12.52
CA ILE D 18 28.78 18.63 12.90
C ILE D 18 28.35 18.37 14.35
N GLN D 19 27.78 17.20 14.59
CA GLN D 19 27.30 16.84 15.92
C GLN D 19 28.05 15.62 16.47
N PRO D 20 28.23 15.57 17.78
CA PRO D 20 28.92 14.41 18.36
C PRO D 20 27.88 13.29 18.47
N LEU D 21 28.32 12.03 18.36
CA LEU D 21 27.44 10.88 18.51
C LEU D 21 27.95 10.21 19.77
N ALA D 22 27.85 10.95 20.86
CA ALA D 22 28.30 10.51 22.18
C ALA D 22 27.74 9.18 22.63
N ARG D 23 26.43 9.00 22.52
CA ARG D 23 25.83 7.74 22.97
C ARG D 23 26.28 6.57 22.13
N LEU D 24 26.22 6.70 20.81
CA LEU D 24 26.66 5.60 19.95
C LEU D 24 28.14 5.22 20.26
N SER D 25 28.99 6.23 20.40
CA SER D 25 30.40 5.96 20.68
C SER D 25 30.51 5.20 21.99
N LYS D 26 29.74 5.63 22.98
CA LYS D 26 29.77 4.99 24.28
C LYS D 26 29.25 3.56 24.15
N HIS D 27 28.18 3.39 23.38
CA HIS D 27 27.61 2.06 23.19
C HIS D 27 28.64 1.07 22.63
N LEU D 28 29.47 1.52 21.70
CA LEU D 28 30.47 0.65 21.09
C LEU D 28 31.81 0.54 21.81
N GLY D 29 31.87 0.97 23.07
CA GLY D 29 33.11 0.87 23.83
C GLY D 29 33.79 2.18 24.19
N GLY D 30 33.38 3.27 23.55
CA GLY D 30 33.98 4.56 23.83
C GLY D 30 35.44 4.74 23.44
N LYS D 31 36.04 3.74 22.80
CA LYS D 31 37.45 3.81 22.38
C LYS D 31 37.61 4.65 21.12
N VAL D 32 36.51 5.04 20.51
CA VAL D 32 36.55 5.85 19.30
C VAL D 32 35.49 6.94 19.39
N HIS D 33 35.86 8.17 19.04
CA HIS D 33 34.94 9.29 19.09
C HIS D 33 34.28 9.53 17.74
N LEU D 34 32.98 9.24 17.68
CA LEU D 34 32.19 9.39 16.47
C LEU D 34 31.43 10.70 16.45
N TYR D 35 31.34 11.26 15.25
CA TYR D 35 30.63 12.51 15.03
C TYR D 35 29.89 12.35 13.70
N ALA D 36 28.94 13.25 13.45
CA ALA D 36 28.23 13.21 12.20
C ALA D 36 28.14 14.60 11.59
N LYS D 37 28.43 14.69 10.29
CA LYS D 37 28.29 15.96 9.63
C LYS D 37 26.99 15.76 8.84
N ARG D 38 26.01 16.60 9.17
CA ARG D 38 24.67 16.53 8.60
C ARG D 38 24.34 17.11 7.23
N GLU D 39 24.82 16.50 6.15
CA GLU D 39 24.49 17.00 4.82
C GLU D 39 22.98 16.81 4.58
N ASP D 40 22.39 15.84 5.28
CA ASP D 40 20.95 15.56 5.13
C ASP D 40 20.05 16.72 5.61
N CYS D 41 20.64 17.69 6.30
CA CYS D 41 19.89 18.85 6.82
C CYS D 41 20.42 20.15 6.23
N ASN D 42 20.91 20.11 4.99
CA ASN D 42 21.53 21.30 4.39
C ASN D 42 20.60 22.21 3.64
N SER D 43 19.37 21.79 3.39
CA SER D 43 18.49 22.64 2.60
C SER D 43 17.00 22.55 2.90
N GLY D 44 16.30 23.63 2.56
CA GLY D 44 14.87 23.70 2.76
C GLY D 44 14.13 23.20 1.54
N LEU D 45 14.90 22.81 0.53
CA LEU D 45 14.34 22.29 -0.73
C LEU D 45 14.13 20.79 -0.62
N ALA D 46 12.89 20.38 -0.32
CA ALA D 46 12.53 18.97 -0.20
C ALA D 46 13.56 18.11 0.50
N PHE D 47 14.00 18.54 1.67
CA PHE D 47 14.98 17.80 2.48
C PHE D 47 16.46 17.79 2.01
N GLY D 48 16.72 18.26 0.80
CA GLY D 48 18.11 18.30 0.34
C GLY D 48 18.92 17.02 0.52
N GLY D 49 20.21 17.19 0.82
CA GLY D 49 21.12 16.08 0.99
C GLY D 49 22.40 16.34 0.17
N ASN D 50 23.33 15.39 0.13
CA ASN D 50 24.60 15.57 -0.60
C ASN D 50 24.45 16.04 -2.02
N LYS D 51 23.46 15.51 -2.73
CA LYS D 51 23.27 15.89 -4.12
C LYS D 51 23.09 17.38 -4.24
N THR D 52 22.37 17.96 -3.28
CA THR D 52 22.14 19.40 -3.30
C THR D 52 23.44 20.17 -3.23
N ARG D 53 24.40 19.70 -2.42
CA ARG D 53 25.70 20.39 -2.35
C ARG D 53 26.38 20.28 -3.72
N LYS D 54 26.29 19.10 -4.33
CA LYS D 54 26.88 18.91 -5.66
C LYS D 54 26.27 19.91 -6.64
N LEU D 55 24.94 19.99 -6.67
CA LEU D 55 24.25 20.88 -7.61
C LEU D 55 24.57 22.39 -7.53
N GLU D 56 25.04 22.89 -6.39
CA GLU D 56 25.34 24.32 -6.29
C GLU D 56 26.35 24.75 -7.37
N TYR D 57 27.26 23.84 -7.76
CA TYR D 57 28.25 24.17 -8.79
C TYR D 57 27.81 23.90 -10.23
N LEU D 58 26.72 23.14 -10.40
CA LEU D 58 26.26 22.86 -11.76
C LEU D 58 25.26 23.90 -12.22
N ILE D 59 24.50 24.46 -11.29
CA ILE D 59 23.48 25.45 -11.59
C ILE D 59 23.98 26.74 -12.29
N PRO D 60 25.10 27.30 -11.84
CA PRO D 60 25.54 28.52 -12.55
C PRO D 60 25.72 28.24 -14.07
N GLU D 61 26.29 27.08 -14.39
CA GLU D 61 26.48 26.73 -15.79
C GLU D 61 25.14 26.61 -16.49
N ALA D 62 24.17 25.95 -15.85
CA ALA D 62 22.87 25.77 -16.47
C ALA D 62 22.29 27.15 -16.75
N LEU D 63 22.54 28.07 -15.83
CA LEU D 63 22.03 29.43 -15.98
C LEU D 63 22.82 30.22 -17.02
N ALA D 64 24.15 30.16 -16.97
CA ALA D 64 24.99 30.86 -17.93
C ALA D 64 24.48 30.53 -19.34
N GLN D 65 24.18 29.26 -19.56
CA GLN D 65 23.64 28.81 -20.84
C GLN D 65 22.17 29.17 -20.71
N GLY D 66 21.42 29.27 -21.80
CA GLY D 66 20.03 29.67 -21.63
C GLY D 66 19.08 28.54 -21.24
N CYS D 67 19.57 27.56 -20.49
CA CYS D 67 18.74 26.41 -20.09
C CYS D 67 17.50 26.74 -19.29
N ASP D 68 16.37 26.19 -19.71
CA ASP D 68 15.10 26.44 -19.04
C ASP D 68 14.55 25.18 -18.37
N THR D 69 15.18 24.03 -18.61
CA THR D 69 14.73 22.75 -18.05
C THR D 69 15.86 21.91 -17.46
N LEU D 70 15.65 21.35 -16.27
CA LEU D 70 16.66 20.49 -15.68
C LEU D 70 16.22 19.05 -15.94
N VAL D 71 17.14 18.27 -16.52
CA VAL D 71 16.85 16.87 -16.86
C VAL D 71 17.79 15.92 -16.13
N SER D 72 17.23 14.97 -15.40
CA SER D 72 18.10 14.02 -14.70
C SER D 72 17.56 12.61 -14.74
N ILE D 73 18.19 11.74 -13.98
CA ILE D 73 17.83 10.33 -14.03
C ILE D 73 18.27 9.56 -12.76
N GLY D 74 17.50 8.53 -12.41
CA GLY D 74 17.82 7.74 -11.24
C GLY D 74 16.81 6.62 -11.05
N GLY D 75 17.04 5.77 -10.06
CA GLY D 75 16.10 4.69 -9.82
C GLY D 75 14.79 5.25 -9.26
N ILE D 76 13.78 4.41 -9.12
CA ILE D 76 12.48 4.88 -8.64
C ILE D 76 12.56 5.71 -7.37
N GLN D 77 13.33 5.27 -6.37
CA GLN D 77 13.46 6.04 -5.14
C GLN D 77 14.72 6.91 -5.08
N SER D 78 15.21 7.28 -6.26
CA SER D 78 16.37 8.15 -6.33
C SER D 78 16.20 9.43 -5.50
N ASN D 79 17.23 9.77 -4.75
CA ASN D 79 17.25 11.00 -3.95
C ASN D 79 17.65 12.17 -4.85
N GLN D 80 18.50 11.87 -5.82
CA GLN D 80 19.00 12.84 -6.78
C GLN D 80 17.90 13.49 -7.63
N THR D 81 17.05 12.68 -8.23
CA THR D 81 16.02 13.24 -9.07
C THR D 81 15.05 14.07 -8.21
N ARG D 82 14.94 13.73 -6.93
CA ARG D 82 14.01 14.48 -6.07
C ARG D 82 14.61 15.84 -5.73
N GLN D 83 15.91 15.88 -5.52
CA GLN D 83 16.56 17.16 -5.24
C GLN D 83 16.61 18.02 -6.52
N VAL D 84 16.73 17.39 -7.68
CA VAL D 84 16.75 18.17 -8.90
C VAL D 84 15.37 18.77 -9.15
N ALA D 85 14.32 18.01 -8.81
CA ALA D 85 12.96 18.49 -9.02
C ALA D 85 12.65 19.73 -8.16
N ALA D 86 13.21 19.75 -6.95
CA ALA D 86 13.03 20.84 -5.98
C ALA D 86 13.89 22.06 -6.33
N VAL D 87 15.08 21.82 -6.88
CA VAL D 87 15.93 22.92 -7.28
C VAL D 87 15.29 23.59 -8.52
N ALA D 88 14.82 22.78 -9.45
CA ALA D 88 14.16 23.28 -10.65
C ALA D 88 13.03 24.22 -10.25
N ALA D 89 12.10 23.70 -9.44
CA ALA D 89 10.97 24.47 -8.95
C ALA D 89 11.46 25.79 -8.34
N HIS D 90 12.42 25.69 -7.44
CA HIS D 90 12.95 26.87 -6.78
C HIS D 90 13.58 27.89 -7.74
N LEU D 91 14.22 27.38 -8.81
CA LEU D 91 14.85 28.22 -9.82
C LEU D 91 13.90 28.71 -10.91
N GLY D 92 12.69 28.16 -10.95
CA GLY D 92 11.73 28.56 -11.97
C GLY D 92 11.91 27.80 -13.29
N MET D 93 12.62 26.68 -13.23
CA MET D 93 12.86 25.87 -14.41
C MET D 93 11.94 24.65 -14.46
N LYS D 94 11.70 24.12 -15.66
CA LYS D 94 10.88 22.92 -15.83
C LYS D 94 11.77 21.76 -15.41
N CYS D 95 11.18 20.58 -15.22
CA CYS D 95 11.99 19.45 -14.81
C CYS D 95 11.51 18.12 -15.40
N VAL D 96 12.40 17.43 -16.12
CA VAL D 96 12.08 16.13 -16.71
C VAL D 96 12.96 15.11 -16.00
N LEU D 97 12.37 14.03 -15.52
CA LEU D 97 13.14 13.02 -14.80
C LEU D 97 12.93 11.63 -15.40
N VAL D 98 14.03 10.96 -15.73
CA VAL D 98 13.97 9.62 -16.27
C VAL D 98 14.17 8.64 -15.12
N GLN D 99 13.10 7.97 -14.72
CA GLN D 99 13.16 7.03 -13.61
C GLN D 99 12.96 5.61 -14.09
N GLU D 100 13.79 4.71 -13.61
CA GLU D 100 13.65 3.32 -14.00
C GLU D 100 13.92 2.47 -12.78
N ASN D 101 13.41 1.25 -12.76
CA ASN D 101 13.67 0.43 -11.57
C ASN D 101 15.06 -0.15 -11.68
N TRP D 102 15.97 0.44 -10.92
CA TRP D 102 17.35 0.01 -10.89
C TRP D 102 17.57 -0.92 -9.73
N VAL D 103 16.50 -1.44 -9.17
CA VAL D 103 16.61 -2.33 -8.02
C VAL D 103 15.70 -3.52 -8.18
N ASN D 104 16.19 -4.70 -7.77
CA ASN D 104 15.40 -5.92 -7.83
C ASN D 104 14.52 -5.91 -6.60
N TYR D 105 13.51 -5.07 -6.66
CA TYR D 105 12.58 -4.85 -5.55
C TYR D 105 11.23 -4.51 -6.19
N SER D 106 10.14 -4.75 -5.47
CA SER D 106 8.83 -4.51 -6.05
C SER D 106 7.68 -4.22 -5.07
N ASP D 107 7.96 -3.36 -4.10
CA ASP D 107 6.97 -3.00 -3.10
C ASP D 107 5.73 -2.33 -3.71
N ALA D 108 4.56 -2.65 -3.17
CA ALA D 108 3.30 -2.10 -3.64
C ALA D 108 3.26 -0.57 -3.82
N VAL D 109 3.92 0.20 -2.94
CA VAL D 109 3.92 1.66 -3.02
C VAL D 109 5.25 2.28 -3.44
N TYR D 110 6.17 1.45 -3.92
CA TYR D 110 7.51 1.86 -4.33
C TYR D 110 7.58 3.13 -5.17
N ASP D 111 6.66 3.27 -6.11
CA ASP D 111 6.66 4.42 -6.99
C ASP D 111 5.60 5.47 -6.64
N ARG D 112 5.13 5.45 -5.40
CA ARG D 112 4.07 6.38 -4.93
C ARG D 112 4.38 7.10 -3.63
N VAL D 113 5.50 6.76 -3.00
CA VAL D 113 5.83 7.40 -1.72
C VAL D 113 7.25 7.93 -1.73
N GLY D 114 7.69 8.49 -0.62
CA GLY D 114 9.04 8.99 -0.52
C GLY D 114 9.53 9.96 -1.60
N ASN D 115 10.72 9.69 -2.15
CA ASN D 115 11.30 10.59 -3.13
C ASN D 115 10.49 10.87 -4.38
N ILE D 116 10.04 9.82 -5.06
CA ILE D 116 9.28 10.01 -6.29
C ILE D 116 7.97 10.75 -6.06
N GLN D 117 7.34 10.50 -4.91
CA GLN D 117 6.11 11.22 -4.63
C GLN D 117 6.39 12.74 -4.56
N MET D 118 7.48 13.10 -3.90
CA MET D 118 7.84 14.51 -3.79
C MET D 118 8.15 15.10 -5.16
N SER D 119 8.88 14.35 -5.99
CA SER D 119 9.16 14.87 -7.32
C SER D 119 7.88 15.24 -8.09
N ARG D 120 6.82 14.45 -7.98
CA ARG D 120 5.60 14.75 -8.72
C ARG D 120 4.86 15.99 -8.15
N ILE D 121 4.88 16.13 -6.84
CA ILE D 121 4.24 17.27 -6.20
C ILE D 121 5.04 18.52 -6.59
N LEU D 122 6.35 18.39 -6.57
CA LEU D 122 7.24 19.49 -6.96
C LEU D 122 7.14 19.85 -8.42
N GLY D 123 6.21 19.21 -9.13
CA GLY D 123 5.99 19.51 -10.54
C GLY D 123 6.85 18.88 -11.63
N ALA D 124 7.81 18.01 -11.31
CA ALA D 124 8.64 17.40 -12.36
C ALA D 124 7.81 16.49 -13.25
N ASP D 125 8.26 16.30 -14.49
CA ASP D 125 7.56 15.40 -15.39
C ASP D 125 8.30 14.10 -15.14
N VAL D 126 7.69 13.19 -14.40
CA VAL D 126 8.32 11.93 -14.03
C VAL D 126 8.01 10.85 -15.04
N ARG D 127 9.01 10.49 -15.84
CA ARG D 127 8.82 9.48 -16.85
C ARG D 127 9.35 8.11 -16.42
N LEU D 128 8.42 7.18 -16.20
CA LEU D 128 8.78 5.82 -15.79
C LEU D 128 8.88 4.95 -17.06
N VAL D 129 9.98 4.22 -17.19
CA VAL D 129 10.19 3.36 -18.37
C VAL D 129 9.66 1.94 -18.20
N ARG D 139 17.72 4.22 -25.58
CA ARG D 139 18.24 5.04 -24.50
C ARG D 139 17.24 6.10 -24.05
N SER D 140 16.57 5.83 -22.94
CA SER D 140 15.59 6.78 -22.39
C SER D 140 16.22 8.15 -22.16
N TRP D 141 17.48 8.14 -21.74
CA TRP D 141 18.21 9.36 -21.46
C TRP D 141 18.21 10.30 -22.68
N GLU D 142 18.81 9.86 -23.77
CA GLU D 142 18.86 10.68 -24.98
C GLU D 142 17.46 11.11 -25.43
N ASP D 143 16.51 10.20 -25.37
CA ASP D 143 15.15 10.53 -25.79
C ASP D 143 14.57 11.69 -24.98
N ALA D 144 14.81 11.70 -23.67
CA ALA D 144 14.30 12.77 -22.82
C ALA D 144 14.88 14.11 -23.25
N LEU D 145 16.20 14.18 -23.31
CA LEU D 145 16.87 15.41 -23.71
C LEU D 145 16.33 15.93 -25.03
N GLU D 146 16.17 15.03 -26.00
CA GLU D 146 15.65 15.38 -27.30
C GLU D 146 14.24 15.97 -27.27
N SER D 147 13.36 15.35 -26.49
CA SER D 147 11.98 15.82 -26.37
C SER D 147 11.92 17.25 -25.85
N VAL D 148 12.84 17.59 -24.94
CA VAL D 148 12.86 18.92 -24.38
C VAL D 148 13.14 19.94 -25.49
N ARG D 149 14.12 19.65 -26.33
CA ARG D 149 14.46 20.53 -27.44
C ARG D 149 13.32 20.58 -28.44
N ALA D 150 12.84 19.41 -28.83
CA ALA D 150 11.73 19.32 -29.78
C ALA D 150 10.50 20.06 -29.28
N ALA D 151 10.43 20.30 -27.99
CA ALA D 151 9.29 21.02 -27.40
C ALA D 151 9.64 22.50 -27.31
N GLY D 152 10.77 22.88 -27.89
CA GLY D 152 11.18 24.27 -27.87
C GLY D 152 11.76 24.72 -26.56
N GLY D 153 12.55 23.87 -25.92
CA GLY D 153 13.17 24.23 -24.65
C GLY D 153 14.65 23.94 -24.69
N LYS D 154 15.40 24.46 -23.71
CA LYS D 154 16.82 24.18 -23.65
C LYS D 154 17.12 23.41 -22.36
N PRO D 155 17.46 22.13 -22.48
CA PRO D 155 17.74 21.27 -21.33
C PRO D 155 19.18 21.24 -20.81
N TYR D 156 19.31 21.08 -19.49
CA TYR D 156 20.61 20.96 -18.87
C TYR D 156 20.70 19.50 -18.39
N ALA D 157 21.56 18.71 -19.01
CA ALA D 157 21.70 17.30 -18.67
C ALA D 157 22.46 17.05 -17.38
N ILE D 158 21.79 16.44 -16.42
CA ILE D 158 22.42 16.11 -15.15
C ILE D 158 22.47 14.58 -14.99
N PRO D 159 23.65 13.99 -15.25
CA PRO D 159 23.82 12.53 -15.13
C PRO D 159 23.52 11.95 -13.75
N ALA D 160 23.46 10.63 -13.68
CA ALA D 160 23.16 9.93 -12.44
C ALA D 160 23.99 10.49 -11.31
N GLY D 161 23.33 10.80 -10.20
CA GLY D 161 24.01 11.35 -9.03
C GLY D 161 24.90 12.56 -9.24
N CYS D 162 24.80 13.20 -10.40
CA CYS D 162 25.66 14.36 -10.70
C CYS D 162 27.11 13.93 -10.84
N SER D 163 27.39 12.64 -10.75
CA SER D 163 28.79 12.21 -10.76
C SER D 163 29.63 12.23 -12.03
N ASP D 164 29.07 11.84 -13.17
CA ASP D 164 29.87 11.87 -14.39
C ASP D 164 29.81 13.21 -15.09
N HIS D 165 29.69 14.27 -14.32
CA HIS D 165 29.62 15.61 -14.86
C HIS D 165 30.92 16.30 -14.51
N PRO D 166 31.46 17.10 -15.45
CA PRO D 166 32.72 17.80 -15.18
C PRO D 166 32.65 18.59 -13.88
N LEU D 167 31.55 19.28 -13.66
CA LEU D 167 31.38 20.07 -12.42
C LEU D 167 30.91 19.23 -11.23
N GLY D 168 30.61 17.95 -11.48
CA GLY D 168 30.12 17.08 -10.44
C GLY D 168 30.93 16.83 -9.17
N GLY D 169 32.25 17.03 -9.22
CA GLY D 169 33.04 16.77 -8.03
C GLY D 169 33.36 18.00 -7.21
N LEU D 170 33.00 19.18 -7.70
CA LEU D 170 33.35 20.40 -6.97
C LEU D 170 32.67 20.50 -5.62
N GLY D 171 31.37 20.23 -5.60
CA GLY D 171 30.64 20.31 -4.35
C GLY D 171 31.39 19.74 -3.17
N PHE D 172 31.92 18.53 -3.31
CA PHE D 172 32.59 17.96 -2.13
C PHE D 172 34.05 18.28 -1.92
N VAL D 173 34.61 19.09 -2.81
CA VAL D 173 35.98 19.55 -2.59
C VAL D 173 35.68 20.63 -1.54
N GLY D 174 34.59 21.36 -1.77
CA GLY D 174 34.16 22.39 -0.85
C GLY D 174 33.89 21.84 0.55
N PHE D 175 33.30 20.65 0.62
CA PHE D 175 32.99 19.98 1.88
C PHE D 175 34.24 19.87 2.72
N ALA D 176 35.33 19.43 2.09
CA ALA D 176 36.62 19.28 2.75
C ALA D 176 37.11 20.63 3.29
N GLU D 177 36.92 21.66 2.49
CA GLU D 177 37.30 23.04 2.83
C GLU D 177 36.54 23.43 4.10
N GLU D 178 35.23 23.23 4.06
CA GLU D 178 34.34 23.53 5.17
C GLU D 178 34.80 22.81 6.45
N VAL D 179 35.23 21.57 6.30
CA VAL D 179 35.66 20.80 7.44
C VAL D 179 36.93 21.33 8.13
N ARG D 180 37.89 21.81 7.36
CA ARG D 180 39.11 22.37 7.95
C ARG D 180 38.71 23.63 8.71
N ALA D 181 37.81 24.42 8.14
CA ALA D 181 37.35 25.63 8.78
C ALA D 181 36.56 25.36 10.08
N GLN D 182 35.91 24.20 10.18
CA GLN D 182 35.17 23.90 11.40
C GLN D 182 36.14 23.26 12.37
N GLU D 183 37.18 22.64 11.83
CA GLU D 183 38.17 22.01 12.68
C GLU D 183 38.95 23.08 13.40
N ALA D 184 39.14 24.22 12.74
CA ALA D 184 39.86 25.34 13.34
C ALA D 184 39.05 25.77 14.56
N GLU D 185 37.77 26.05 14.31
CA GLU D 185 36.86 26.45 15.36
C GLU D 185 36.82 25.45 16.51
N LEU D 186 36.73 24.17 16.18
CA LEU D 186 36.69 23.13 17.20
C LEU D 186 38.00 23.00 17.94
N GLY D 187 39.07 23.47 17.31
CA GLY D 187 40.38 23.37 17.93
C GLY D 187 40.96 21.98 17.77
N PHE D 188 40.43 21.23 16.80
CA PHE D 188 40.93 19.90 16.53
C PHE D 188 40.57 19.39 15.15
N LYS D 189 41.14 18.24 14.79
CA LYS D 189 40.90 17.68 13.48
C LYS D 189 40.42 16.25 13.58
N PHE D 190 39.56 15.87 12.64
CA PHE D 190 39.04 14.53 12.60
C PHE D 190 40.08 13.66 11.92
N ASP D 191 40.21 12.43 12.41
CA ASP D 191 41.18 11.49 11.86
C ASP D 191 40.66 10.74 10.64
N TYR D 192 39.35 10.53 10.55
CA TYR D 192 38.77 9.83 9.42
C TYR D 192 37.39 10.37 9.04
N VAL D 193 36.96 10.05 7.82
CA VAL D 193 35.64 10.46 7.33
C VAL D 193 34.93 9.27 6.71
N VAL D 194 33.77 8.89 7.23
CA VAL D 194 33.06 7.78 6.61
C VAL D 194 32.01 8.35 5.68
N VAL D 195 31.97 7.83 4.46
CA VAL D 195 31.03 8.35 3.47
C VAL D 195 30.53 7.22 2.59
N CYS D 196 29.23 7.25 2.29
CA CYS D 196 28.67 6.22 1.41
C CYS D 196 28.98 6.57 -0.05
N SER D 197 29.31 5.57 -0.85
CA SER D 197 29.66 5.80 -2.23
C SER D 197 28.95 4.88 -3.23
N VAL D 198 28.34 5.48 -4.24
CA VAL D 198 27.66 4.70 -5.27
C VAL D 198 28.02 5.23 -6.66
N THR D 199 27.59 6.44 -7.01
CA THR D 199 27.97 6.97 -8.32
C THR D 199 29.38 7.58 -8.23
N GLY D 200 29.80 8.01 -7.05
CA GLY D 200 31.17 8.46 -6.94
C GLY D 200 31.69 9.86 -6.74
N SER D 201 30.98 10.89 -7.16
CA SER D 201 31.52 12.24 -7.02
C SER D 201 31.49 12.86 -5.64
N THR D 202 30.79 12.24 -4.68
CA THR D 202 30.77 12.74 -3.31
C THR D 202 32.14 12.39 -2.72
N GLN D 203 32.52 11.11 -2.76
CA GLN D 203 33.81 10.71 -2.22
C GLN D 203 34.99 11.26 -3.04
N ALA D 204 34.81 11.39 -4.36
CA ALA D 204 35.89 11.92 -5.20
C ALA D 204 36.18 13.34 -4.78
N GLY D 205 35.11 14.10 -4.53
CA GLY D 205 35.24 15.49 -4.12
C GLY D 205 36.00 15.59 -2.81
N MET D 206 35.67 14.69 -1.89
CA MET D 206 36.33 14.65 -0.60
C MET D 206 37.78 14.24 -0.77
N VAL D 207 38.01 13.21 -1.57
CA VAL D 207 39.37 12.73 -1.83
C VAL D 207 40.29 13.89 -2.26
N VAL D 208 39.84 14.67 -3.23
CA VAL D 208 40.64 15.79 -3.68
C VAL D 208 40.80 16.83 -2.57
N GLY D 209 39.67 17.23 -1.99
CA GLY D 209 39.66 18.22 -0.92
C GLY D 209 40.57 17.92 0.25
N PHE D 210 40.70 16.66 0.61
CA PHE D 210 41.56 16.30 1.74
C PHE D 210 42.98 15.91 1.30
N ALA D 211 43.17 15.71 0.00
CA ALA D 211 44.50 15.40 -0.50
C ALA D 211 45.27 16.68 -0.25
N ALA D 212 44.54 17.80 -0.29
CA ALA D 212 45.12 19.11 -0.09
C ALA D 212 45.82 19.27 1.25
N ASP D 213 45.49 18.43 2.23
CA ASP D 213 46.17 18.53 3.51
C ASP D 213 46.71 17.19 3.94
N GLY D 214 46.86 16.30 2.97
CA GLY D 214 47.41 14.99 3.25
C GLY D 214 46.49 13.98 3.90
N ARG D 215 45.18 14.14 3.72
CA ARG D 215 44.24 13.21 4.34
C ARG D 215 43.27 12.56 3.36
N ALA D 216 43.71 12.32 2.12
CA ALA D 216 42.81 11.70 1.15
C ALA D 216 42.55 10.25 1.55
N ASP D 217 43.60 9.58 1.99
CA ASP D 217 43.48 8.19 2.38
C ASP D 217 42.78 7.98 3.72
N ARG D 218 42.38 9.08 4.37
CA ARG D 218 41.65 8.96 5.64
C ARG D 218 40.16 8.94 5.34
N VAL D 219 39.79 9.31 4.11
CA VAL D 219 38.41 9.30 3.65
C VAL D 219 38.03 7.85 3.39
N ILE D 220 37.25 7.26 4.29
CA ILE D 220 36.87 5.86 4.14
C ILE D 220 35.55 5.67 3.43
N GLY D 221 35.63 5.26 2.17
CA GLY D 221 34.44 5.03 1.39
C GLY D 221 33.80 3.70 1.73
N VAL D 222 32.48 3.69 1.74
CA VAL D 222 31.74 2.47 2.04
C VAL D 222 30.82 2.23 0.86
N ASP D 223 31.16 1.21 0.08
CA ASP D 223 30.42 0.86 -1.10
C ASP D 223 29.00 0.41 -0.80
N ALA D 224 28.06 0.92 -1.60
CA ALA D 224 26.65 0.60 -1.47
C ALA D 224 26.12 0.21 -2.86
N SER D 225 27.02 0.15 -3.84
CA SER D 225 26.59 -0.23 -5.19
C SER D 225 26.57 -1.75 -5.33
N ALA D 226 27.40 -2.42 -4.55
CA ALA D 226 27.53 -3.86 -4.62
C ALA D 226 28.24 -4.26 -5.93
N LYS D 227 28.93 -3.30 -6.54
CA LYS D 227 29.73 -3.47 -7.78
C LYS D 227 30.95 -2.60 -7.51
N PRO D 228 31.71 -2.94 -6.46
CA PRO D 228 32.91 -2.28 -5.96
C PRO D 228 33.95 -1.87 -6.99
N ALA D 229 34.29 -2.81 -7.87
CA ALA D 229 35.29 -2.58 -8.90
C ALA D 229 34.98 -1.34 -9.72
N GLN D 230 33.76 -1.28 -10.25
CA GLN D 230 33.34 -0.15 -11.05
C GLN D 230 33.24 1.14 -10.23
N THR D 231 32.69 1.03 -9.03
CA THR D 231 32.53 2.21 -8.21
C THR D 231 33.88 2.80 -7.86
N ARG D 232 34.81 1.93 -7.49
CA ARG D 232 36.17 2.35 -7.13
C ARG D 232 36.85 3.07 -8.32
N GLU D 233 36.60 2.56 -9.53
CA GLU D 233 37.20 3.15 -10.71
C GLU D 233 36.55 4.50 -10.97
N GLN D 234 35.24 4.56 -10.76
CA GLN D 234 34.54 5.80 -11.00
C GLN D 234 34.97 6.91 -10.04
N ILE D 235 35.17 6.55 -8.77
CA ILE D 235 35.60 7.54 -7.78
C ILE D 235 37.02 8.00 -8.18
N THR D 236 37.81 7.04 -8.63
CA THR D 236 39.20 7.31 -9.03
C THR D 236 39.25 8.31 -10.17
N ARG D 237 38.53 7.99 -11.24
CA ARG D 237 38.45 8.82 -12.43
C ARG D 237 37.97 10.24 -12.14
N ILE D 238 36.83 10.36 -11.46
CA ILE D 238 36.25 11.66 -11.14
C ILE D 238 37.19 12.49 -10.29
N ALA D 239 37.84 11.85 -9.33
CA ALA D 239 38.76 12.50 -8.42
C ALA D 239 39.95 13.10 -9.20
N ARG D 240 40.56 12.30 -10.07
CA ARG D 240 41.69 12.76 -10.88
C ARG D 240 41.25 13.96 -11.73
N GLN D 241 40.10 13.82 -12.39
CA GLN D 241 39.54 14.88 -13.22
C GLN D 241 39.21 16.16 -12.43
N THR D 242 38.66 15.99 -11.22
CA THR D 242 38.29 17.13 -10.39
C THR D 242 39.55 17.83 -9.90
N ALA D 243 40.54 17.05 -9.51
CA ALA D 243 41.82 17.57 -9.05
C ALA D 243 42.40 18.50 -10.13
N GLU D 244 42.32 18.05 -11.37
CA GLU D 244 42.80 18.82 -12.51
C GLU D 244 41.99 20.11 -12.58
N LYS D 245 40.67 19.99 -12.43
CA LYS D 245 39.76 21.15 -12.47
C LYS D 245 40.06 22.22 -11.42
N VAL D 246 40.49 21.80 -10.23
CA VAL D 246 40.76 22.75 -9.15
C VAL D 246 42.23 23.14 -8.99
N GLY D 247 43.09 22.59 -9.84
CA GLY D 247 44.50 22.92 -9.75
C GLY D 247 45.21 22.32 -8.56
N LEU D 248 44.92 21.05 -8.27
CA LEU D 248 45.58 20.36 -7.17
C LEU D 248 47.04 20.18 -7.57
N GLU D 249 47.95 20.28 -6.60
CA GLU D 249 49.38 20.18 -6.88
C GLU D 249 49.86 18.75 -7.13
N ARG D 250 49.05 17.79 -6.75
CA ARG D 250 49.39 16.38 -6.88
C ARG D 250 48.47 15.68 -7.89
N ASP D 251 48.90 14.51 -8.36
CA ASP D 251 48.11 13.69 -9.29
C ASP D 251 47.42 12.67 -8.38
N ILE D 252 46.10 12.58 -8.44
CA ILE D 252 45.43 11.62 -7.57
C ILE D 252 45.82 10.19 -7.92
N MET D 253 46.28 9.45 -6.92
CA MET D 253 46.68 8.06 -7.07
C MET D 253 45.57 7.10 -6.63
N ARG D 254 45.72 5.83 -6.97
CA ARG D 254 44.72 4.83 -6.60
C ARG D 254 44.73 4.56 -5.10
N ALA D 255 45.88 4.80 -4.48
CA ALA D 255 46.02 4.59 -3.05
C ALA D 255 45.37 5.72 -2.25
N ASP D 256 44.94 6.78 -2.93
CA ASP D 256 44.27 7.91 -2.29
C ASP D 256 42.79 7.53 -2.10
N VAL D 257 42.35 6.53 -2.86
CA VAL D 257 40.98 6.10 -2.83
C VAL D 257 40.79 4.82 -2.03
N VAL D 258 40.02 4.93 -0.96
CA VAL D 258 39.73 3.81 -0.09
C VAL D 258 38.24 3.47 -0.17
N LEU D 259 37.94 2.23 -0.54
CA LEU D 259 36.56 1.79 -0.66
C LEU D 259 36.35 0.43 -0.02
N ASP D 260 35.61 0.39 1.09
CA ASP D 260 35.32 -0.86 1.77
C ASP D 260 34.15 -1.52 1.03
N GLU D 261 34.27 -2.81 0.74
CA GLU D 261 33.24 -3.51 -0.01
C GLU D 261 32.40 -4.45 0.83
N ARG D 262 32.72 -4.55 2.12
CA ARG D 262 32.05 -5.48 3.03
C ARG D 262 30.60 -5.22 3.44
N PHE D 263 30.09 -4.02 3.19
CA PHE D 263 28.73 -3.69 3.64
C PHE D 263 27.68 -3.39 2.59
N ALA D 264 27.97 -3.69 1.33
CA ALA D 264 27.04 -3.40 0.24
C ALA D 264 26.00 -4.48 -0.02
N GLY D 265 26.18 -5.68 0.54
CA GLY D 265 25.27 -6.79 0.30
C GLY D 265 23.78 -6.52 0.50
N PRO D 266 22.89 -7.21 -0.23
CA PRO D 266 23.17 -8.24 -1.23
C PRO D 266 23.23 -7.66 -2.63
N GLU D 267 22.62 -6.48 -2.78
CA GLU D 267 22.57 -5.78 -4.05
C GLU D 267 22.31 -4.33 -3.74
N TYR D 268 22.48 -3.50 -4.77
CA TYR D 268 22.20 -2.09 -4.68
C TYR D 268 20.70 -1.98 -4.43
N GLY D 269 20.30 -1.12 -3.50
CA GLY D 269 18.89 -0.94 -3.21
C GLY D 269 18.30 -1.94 -2.23
N LEU D 270 19.07 -2.94 -1.82
CA LEU D 270 18.58 -3.94 -0.88
C LEU D 270 19.41 -3.98 0.37
N PRO D 271 18.74 -3.89 1.52
CA PRO D 271 19.52 -3.93 2.76
C PRO D 271 19.78 -5.37 3.17
N ASN D 272 20.82 -5.56 3.98
CA ASN D 272 21.08 -6.88 4.55
C ASN D 272 20.68 -6.73 6.02
N GLU D 273 20.66 -7.83 6.77
CA GLU D 273 20.27 -7.78 8.18
C GLU D 273 21.14 -6.86 9.00
N GLY D 274 22.40 -6.70 8.58
CA GLY D 274 23.31 -5.83 9.29
C GLY D 274 22.91 -4.39 9.04
N THR D 275 22.49 -4.11 7.82
CA THR D 275 22.06 -2.77 7.48
C THR D 275 20.91 -2.34 8.41
N LEU D 276 19.91 -3.21 8.55
CA LEU D 276 18.75 -2.91 9.40
C LEU D 276 19.15 -2.76 10.86
N GLU D 277 20.08 -3.59 11.33
CA GLU D 277 20.50 -3.47 12.71
C GLU D 277 21.20 -2.15 12.91
N ALA D 278 22.03 -1.75 11.96
CA ALA D 278 22.74 -0.46 12.04
C ALA D 278 21.75 0.70 12.07
N ILE D 279 20.76 0.65 11.19
CA ILE D 279 19.77 1.72 11.14
C ILE D 279 19.08 1.81 12.53
N ARG D 280 18.65 0.67 13.04
CA ARG D 280 18.00 0.67 14.34
C ARG D 280 18.91 1.15 15.48
N LEU D 281 20.16 0.70 15.54
CA LEU D 281 21.05 1.10 16.63
C LEU D 281 21.33 2.60 16.62
N CYS D 282 21.64 3.13 15.44
CA CYS D 282 21.91 4.56 15.29
C CYS D 282 20.69 5.42 15.64
N ALA D 283 19.53 4.99 15.20
CA ALA D 283 18.30 5.74 15.47
C ALA D 283 17.98 5.74 16.96
N ARG D 284 18.18 4.59 17.59
CA ARG D 284 17.84 4.39 19.00
C ARG D 284 18.82 4.92 20.03
N THR D 285 20.05 5.22 19.59
CA THR D 285 21.06 5.75 20.48
C THR D 285 21.20 7.25 20.27
N GLU D 286 20.99 7.69 19.02
CA GLU D 286 21.16 9.09 18.67
C GLU D 286 19.94 9.85 18.18
N GLY D 287 18.90 9.13 17.74
CA GLY D 287 17.72 9.80 17.21
C GLY D 287 17.96 10.25 15.78
N MET D 288 19.04 9.73 15.19
CA MET D 288 19.44 10.05 13.81
C MET D 288 19.07 8.89 12.88
N LEU D 289 18.20 9.17 11.92
CA LEU D 289 17.75 8.15 10.99
C LEU D 289 18.66 7.98 9.77
N THR D 290 18.75 6.74 9.27
CA THR D 290 19.52 6.43 8.06
C THR D 290 18.62 5.48 7.25
N ASP D 291 18.90 5.36 5.95
CA ASP D 291 18.07 4.55 5.05
C ASP D 291 18.65 3.20 4.68
N PRO D 292 17.79 2.28 4.20
CA PRO D 292 18.30 0.96 3.85
C PRO D 292 19.11 0.84 2.54
N VAL D 293 19.12 1.90 1.74
CA VAL D 293 19.86 1.87 0.47
C VAL D 293 21.31 2.40 0.58
N TYR D 294 21.46 3.58 1.17
CA TYR D 294 22.77 4.23 1.29
C TYR D 294 23.40 4.36 2.67
N GLU D 295 22.90 5.33 3.43
CA GLU D 295 23.43 5.66 4.74
C GLU D 295 23.40 4.55 5.76
N GLY D 296 22.39 3.69 5.69
CA GLY D 296 22.34 2.57 6.61
C GLY D 296 23.54 1.65 6.39
N LYS D 297 23.99 1.56 5.13
CA LYS D 297 25.11 0.69 4.83
C LYS D 297 26.42 1.33 5.30
N SER D 298 26.58 2.64 5.11
CA SER D 298 27.80 3.27 5.58
C SER D 298 27.80 3.30 7.11
N MET D 299 26.62 3.48 7.71
CA MET D 299 26.51 3.49 9.17
C MET D 299 26.88 2.08 9.66
N HIS D 300 26.37 1.07 8.97
CA HIS D 300 26.69 -0.32 9.31
C HIS D 300 28.22 -0.49 9.29
N GLY D 301 28.83 0.00 8.21
CA GLY D 301 30.27 -0.10 8.09
C GLY D 301 31.02 0.61 9.23
N MET D 302 30.67 1.85 9.51
CA MET D 302 31.39 2.55 10.57
C MET D 302 31.29 1.78 11.88
N ILE D 303 30.07 1.37 12.23
CA ILE D 303 29.86 0.62 13.46
C ILE D 303 30.74 -0.63 13.51
N GLU D 304 30.76 -1.38 12.41
CA GLU D 304 31.53 -2.61 12.33
C GLU D 304 33.03 -2.34 12.48
N MET D 305 33.47 -1.22 11.91
CA MET D 305 34.87 -0.83 11.97
C MET D 305 35.29 -0.52 13.41
N VAL D 306 34.46 0.25 14.11
CA VAL D 306 34.75 0.59 15.49
C VAL D 306 34.74 -0.68 16.34
N ARG D 307 33.78 -1.56 16.07
CA ARG D 307 33.61 -2.80 16.81
C ARG D 307 34.73 -3.83 16.62
N ASN D 308 35.24 -3.93 15.39
CA ASN D 308 36.31 -4.87 15.13
C ASN D 308 37.62 -4.23 15.57
N GLY D 309 37.52 -3.00 16.07
CA GLY D 309 38.67 -2.25 16.54
C GLY D 309 39.61 -1.95 15.39
N GLU D 310 39.04 -1.52 14.27
CA GLU D 310 39.82 -1.20 13.09
C GLU D 310 40.30 0.24 13.11
N PHE D 311 39.71 1.05 13.99
CA PHE D 311 40.11 2.45 14.14
C PHE D 311 41.05 2.46 15.34
N PRO D 312 42.14 3.22 15.29
CA PRO D 312 43.02 3.21 16.45
C PRO D 312 42.27 3.82 17.64
N GLU D 313 42.55 3.34 18.84
CA GLU D 313 41.90 3.88 20.02
C GLU D 313 42.14 5.39 20.05
N GLY D 314 41.12 6.16 20.43
CA GLY D 314 41.28 7.60 20.48
C GLY D 314 40.99 8.38 19.20
N SER D 315 40.75 7.68 18.10
CA SER D 315 40.46 8.36 16.82
C SER D 315 39.18 9.20 16.82
N ARG D 316 39.11 10.16 15.92
CA ARG D 316 37.92 11.00 15.75
C ARG D 316 37.38 10.78 14.34
N VAL D 317 36.26 10.05 14.26
CA VAL D 317 35.62 9.71 12.98
C VAL D 317 34.41 10.59 12.67
N LEU D 318 34.46 11.22 11.50
CA LEU D 318 33.40 12.10 11.03
C LEU D 318 32.55 11.43 9.97
N TYR D 319 31.35 11.03 10.39
CA TYR D 319 30.42 10.36 9.51
C TYR D 319 29.71 11.38 8.66
N ALA D 320 29.80 11.21 7.35
CA ALA D 320 29.09 12.15 6.49
C ALA D 320 27.73 11.54 6.22
N HIS D 321 26.70 12.15 6.78
CA HIS D 321 25.33 11.68 6.58
C HIS D 321 24.82 12.37 5.33
N LEU D 322 24.72 11.62 4.23
CA LEU D 322 24.32 12.18 2.96
C LEU D 322 22.84 12.38 2.65
N GLY D 323 21.96 11.90 3.53
CA GLY D 323 20.52 12.09 3.33
C GLY D 323 19.87 10.74 3.09
N GLY D 324 18.90 10.72 2.18
CA GLY D 324 18.26 9.49 1.79
C GLY D 324 17.10 8.98 2.64
N VAL D 325 16.84 9.63 3.78
CA VAL D 325 15.78 9.15 4.66
C VAL D 325 14.41 8.94 4.07
N PRO D 326 13.94 9.81 3.16
CA PRO D 326 12.61 9.59 2.59
C PRO D 326 12.37 8.21 1.92
N ALA D 327 13.42 7.56 1.42
CA ALA D 327 13.26 6.25 0.78
C ALA D 327 12.80 5.15 1.78
N LEU D 328 12.95 5.41 3.06
CA LEU D 328 12.50 4.49 4.11
C LEU D 328 11.03 4.09 3.83
N ASN D 329 10.25 5.02 3.24
CA ASN D 329 8.85 4.80 2.92
C ASN D 329 8.55 3.67 1.91
N GLY D 330 9.53 3.35 1.08
CA GLY D 330 9.31 2.28 0.12
C GLY D 330 9.74 0.94 0.70
N TYR D 331 10.09 0.91 1.99
CA TYR D 331 10.49 -0.33 2.65
C TYR D 331 9.67 -0.47 3.94
N SER D 332 8.37 -0.21 3.85
CA SER D 332 7.52 -0.25 5.03
C SER D 332 7.32 -1.60 5.69
N PHE D 333 7.26 -2.68 4.91
CA PHE D 333 7.03 -4.00 5.51
C PHE D 333 8.16 -4.44 6.43
N ILE D 334 9.40 -4.15 6.02
CA ILE D 334 10.61 -4.47 6.75
C ILE D 334 10.62 -3.90 8.16
N PHE D 335 10.08 -2.70 8.29
CA PHE D 335 10.10 -2.02 9.56
C PHE D 335 8.74 -1.98 10.24
N ARG D 336 7.82 -2.84 9.82
CA ARG D 336 6.48 -2.83 10.41
C ARG D 336 6.43 -2.91 11.92
N ASP D 337 7.43 -3.53 12.54
CA ASP D 337 7.48 -3.64 13.98
C ASP D 337 8.76 -2.97 14.47
N GLY D 338 9.25 -2.00 13.72
CA GLY D 338 10.51 -1.38 14.12
C GLY D 338 11.69 -1.91 13.29
#